data_7R8X
# 
_entry.id   7R8X 
# 
_audit_conform.dict_name       mmcif_pdbx.dic 
_audit_conform.dict_version    5.399 
_audit_conform.dict_location   http://mmcif.pdb.org/dictionaries/ascii/mmcif_pdbx.dic 
# 
loop_
_database_2.database_id 
_database_2.database_code 
_database_2.pdbx_database_accession 
_database_2.pdbx_DOI 
PDB   7R8X         pdb_00007r8x 10.2210/pdb7r8x/pdb 
WWPDB D_1000257739 ?            ?                   
# 
loop_
_pdbx_audit_revision_history.ordinal 
_pdbx_audit_revision_history.data_content_type 
_pdbx_audit_revision_history.major_revision 
_pdbx_audit_revision_history.minor_revision 
_pdbx_audit_revision_history.revision_date 
1 'Structure model' 1 0 2021-10-06 
2 'Structure model' 1 1 2021-11-03 
3 'Structure model' 1 2 2023-10-18 
4 'Structure model' 1 3 2023-11-15 
5 'Structure model' 1 4 2024-11-20 
# 
_pdbx_audit_revision_details.ordinal             1 
_pdbx_audit_revision_details.revision_ordinal    1 
_pdbx_audit_revision_details.data_content_type   'Structure model' 
_pdbx_audit_revision_details.provider            repository 
_pdbx_audit_revision_details.type                'Initial release' 
_pdbx_audit_revision_details.description         ? 
_pdbx_audit_revision_details.details             ? 
# 
loop_
_pdbx_audit_revision_group.ordinal 
_pdbx_audit_revision_group.revision_ordinal 
_pdbx_audit_revision_group.data_content_type 
_pdbx_audit_revision_group.group 
1 2 'Structure model' 'Database references'    
2 3 'Structure model' 'Data collection'        
3 3 'Structure model' 'Refinement description' 
4 4 'Structure model' 'Data collection'        
5 5 'Structure model' 'Structure summary'      
# 
loop_
_pdbx_audit_revision_category.ordinal 
_pdbx_audit_revision_category.revision_ordinal 
_pdbx_audit_revision_category.data_content_type 
_pdbx_audit_revision_category.category 
1 2 'Structure model' citation                      
2 2 'Structure model' citation_author               
3 3 'Structure model' chem_comp_atom                
4 3 'Structure model' chem_comp_bond                
5 3 'Structure model' pdbx_initial_refinement_model 
6 4 'Structure model' chem_comp_atom                
7 4 'Structure model' chem_comp_bond                
8 5 'Structure model' pdbx_entry_details            
9 5 'Structure model' pdbx_modification_feature     
# 
loop_
_pdbx_audit_revision_item.ordinal 
_pdbx_audit_revision_item.revision_ordinal 
_pdbx_audit_revision_item.data_content_type 
_pdbx_audit_revision_item.item 
1  2 'Structure model' '_citation.country'                            
2  2 'Structure model' '_citation.journal_abbrev'                     
3  2 'Structure model' '_citation.journal_id_CSD'                     
4  2 'Structure model' '_citation.journal_id_ISSN'                    
5  2 'Structure model' '_citation.journal_volume'                     
6  2 'Structure model' '_citation.page_first'                         
7  2 'Structure model' '_citation.page_last'                          
8  2 'Structure model' '_citation.pdbx_database_id_DOI'               
9  2 'Structure model' '_citation.pdbx_database_id_PubMed'            
10 2 'Structure model' '_citation.title'                              
11 2 'Structure model' '_citation.year'                               
12 2 'Structure model' '_citation_author.identifier_ORCID'            
13 2 'Structure model' '_citation_author.name'                        
14 4 'Structure model' '_chem_comp_atom.atom_id'                      
15 4 'Structure model' '_chem_comp_bond.atom_id_2'                    
16 5 'Structure model' '_pdbx_entry_details.has_protein_modification' 
# 
_pdbx_database_status.status_code                     REL 
_pdbx_database_status.status_code_sf                  REL 
_pdbx_database_status.status_code_mr                  ? 
_pdbx_database_status.entry_id                        7R8X 
_pdbx_database_status.recvd_initial_deposition_date   2021-06-27 
_pdbx_database_status.SG_entry                        N 
_pdbx_database_status.deposit_site                    RCSB 
_pdbx_database_status.process_site                    RCSB 
_pdbx_database_status.status_code_cs                  ? 
_pdbx_database_status.status_code_nmr_data            ? 
_pdbx_database_status.methods_development_category    ? 
_pdbx_database_status.pdb_format_compatible           Y 
# 
_pdbx_database_related.db_name        PDB 
_pdbx_database_related.details        . 
_pdbx_database_related.db_id          7R8W 
_pdbx_database_related.content_type   unspecified 
# 
loop_
_audit_author.name 
_audit_author.pdbx_ordinal 
_audit_author.identifier_ORCID 
'Morris, R.'    1 ? 
'Kershaw, N.J.' 2 ? 
'Babon, J.J.'   3 ? 
# 
_citation.abstract                  ? 
_citation.abstract_id_CAS           ? 
_citation.book_id_ISBN              ? 
_citation.book_publisher            ? 
_citation.book_publisher_city       ? 
_citation.book_title                ? 
_citation.coordinate_linkage        ? 
_citation.country                   UK 
_citation.database_id_Medline       ? 
_citation.details                   ? 
_citation.id                        primary 
_citation.journal_abbrev            'Nat Commun' 
_citation.journal_id_ASTM           ? 
_citation.journal_id_CSD            ? 
_citation.journal_id_ISSN           2041-1723 
_citation.journal_full              ? 
_citation.journal_issue             ? 
_citation.journal_volume            12 
_citation.language                  ? 
_citation.page_first                6110 
_citation.page_last                 6110 
_citation.title                     
'Structural and functional analysis of target recognition by the lymphocyte adaptor protein LNK.' 
_citation.year                      2021 
_citation.database_id_CSD           ? 
_citation.pdbx_database_id_DOI      10.1038/s41467-021-26394-6 
_citation.pdbx_database_id_PubMed   34671038 
_citation.pdbx_database_id_patent   ? 
_citation.unpublished_flag          ? 
# 
loop_
_citation_author.citation_id 
_citation_author.name 
_citation_author.ordinal 
_citation_author.identifier_ORCID 
primary 'Morris, R.'     1 0000-0001-6817-6609 
primary 'Zhang, Y.'      2 ?                   
primary 'Ellyard, J.I.'  3 0000-0001-6301-2533 
primary 'Vinuesa, C.G.'  4 0000-0001-9799-0298 
primary 'Murphy, J.M.'   5 0000-0003-0195-3949 
primary 'Laktyushin, A.' 6 ?                   
primary 'Kershaw, N.J.'  7 0000-0002-3554-2622 
primary 'Babon, J.J.'    8 0000-0002-5408-6239 
# 
loop_
_entity.id 
_entity.type 
_entity.src_method 
_entity.pdbx_description 
_entity.formula_weight 
_entity.pdbx_number_of_molecules 
_entity.pdbx_ec 
_entity.pdbx_mutation 
_entity.pdbx_fragment 
_entity.details 
1 polymer man 'SH2B adapter protein 3'    12682.654 1  ? ? 'UNP residues 328-438' ? 
2 polymer syn 'EPOR pY454 phosphopeptide' 1065.177  1  ? ? ?                      ? 
3 water   nat water                       18.015    13 ? ? ?                      ? 
# 
_entity_name_com.entity_id   1 
_entity_name_com.name        'Lymphocyte adapter protein,Lymphocyte-specific adapter protein Lnk,Signal transduction protein Lnk' 
# 
loop_
_entity_poly.entity_id 
_entity_poly.type 
_entity_poly.nstd_linkage 
_entity_poly.nstd_monomer 
_entity_poly.pdbx_seq_one_letter_code 
_entity_poly.pdbx_seq_one_letter_code_can 
_entity_poly.pdbx_strand_id 
_entity_poly.pdbx_target_identifier 
1 'polypeptide(L)' no no  
;DHFLSCYPWFHGPISRVRAAQLVQLQGPDAHGVFLVRQSESRRGEYVLTFNLQGRAKHLRLVLTERGQCRVQHLHFPSVV
DMLRHFQRSPIPLECGAACDVRLSGYVVVLS
;
;DHFLSCYPWFHGPISRVRAAQLVQLQGPDAHGVFLVRQSESRRGEYVLTFNLQGRAKHLRLVLTERGQCRVQHLHFPSVV
DMLRHFQRSPIPLECGAACDVRLSGYVVVLS
;
A ? 
2 'polypeptide(L)' no yes 'K(PTR)LYLVVS' KYLYLVVS C ? 
# 
_pdbx_entity_nonpoly.entity_id   3 
_pdbx_entity_nonpoly.name        water 
_pdbx_entity_nonpoly.comp_id     HOH 
# 
loop_
_entity_poly_seq.entity_id 
_entity_poly_seq.num 
_entity_poly_seq.mon_id 
_entity_poly_seq.hetero 
1 1   ASP n 
1 2   HIS n 
1 3   PHE n 
1 4   LEU n 
1 5   SER n 
1 6   CYS n 
1 7   TYR n 
1 8   PRO n 
1 9   TRP n 
1 10  PHE n 
1 11  HIS n 
1 12  GLY n 
1 13  PRO n 
1 14  ILE n 
1 15  SER n 
1 16  ARG n 
1 17  VAL n 
1 18  ARG n 
1 19  ALA n 
1 20  ALA n 
1 21  GLN n 
1 22  LEU n 
1 23  VAL n 
1 24  GLN n 
1 25  LEU n 
1 26  GLN n 
1 27  GLY n 
1 28  PRO n 
1 29  ASP n 
1 30  ALA n 
1 31  HIS n 
1 32  GLY n 
1 33  VAL n 
1 34  PHE n 
1 35  LEU n 
1 36  VAL n 
1 37  ARG n 
1 38  GLN n 
1 39  SER n 
1 40  GLU n 
1 41  SER n 
1 42  ARG n 
1 43  ARG n 
1 44  GLY n 
1 45  GLU n 
1 46  TYR n 
1 47  VAL n 
1 48  LEU n 
1 49  THR n 
1 50  PHE n 
1 51  ASN n 
1 52  LEU n 
1 53  GLN n 
1 54  GLY n 
1 55  ARG n 
1 56  ALA n 
1 57  LYS n 
1 58  HIS n 
1 59  LEU n 
1 60  ARG n 
1 61  LEU n 
1 62  VAL n 
1 63  LEU n 
1 64  THR n 
1 65  GLU n 
1 66  ARG n 
1 67  GLY n 
1 68  GLN n 
1 69  CYS n 
1 70  ARG n 
1 71  VAL n 
1 72  GLN n 
1 73  HIS n 
1 74  LEU n 
1 75  HIS n 
1 76  PHE n 
1 77  PRO n 
1 78  SER n 
1 79  VAL n 
1 80  VAL n 
1 81  ASP n 
1 82  MET n 
1 83  LEU n 
1 84  ARG n 
1 85  HIS n 
1 86  PHE n 
1 87  GLN n 
1 88  ARG n 
1 89  SER n 
1 90  PRO n 
1 91  ILE n 
1 92  PRO n 
1 93  LEU n 
1 94  GLU n 
1 95  CYS n 
1 96  GLY n 
1 97  ALA n 
1 98  ALA n 
1 99  CYS n 
1 100 ASP n 
1 101 VAL n 
1 102 ARG n 
1 103 LEU n 
1 104 SER n 
1 105 GLY n 
1 106 TYR n 
1 107 VAL n 
1 108 VAL n 
1 109 VAL n 
1 110 LEU n 
1 111 SER n 
2 1   LYS n 
2 2   PTR n 
2 3   LEU n 
2 4   TYR n 
2 5   LEU n 
2 6   VAL n 
2 7   VAL n 
2 8   SER n 
# 
_entity_src_gen.entity_id                          1 
_entity_src_gen.pdbx_src_id                        1 
_entity_src_gen.pdbx_alt_source_flag               sample 
_entity_src_gen.pdbx_seq_type                      'Biological sequence' 
_entity_src_gen.pdbx_beg_seq_num                   1 
_entity_src_gen.pdbx_end_seq_num                   111 
_entity_src_gen.gene_src_common_name               Mouse 
_entity_src_gen.gene_src_genus                     ? 
_entity_src_gen.pdbx_gene_src_gene                 'Sh2b3, Lnk' 
_entity_src_gen.gene_src_species                   ? 
_entity_src_gen.gene_src_strain                    ? 
_entity_src_gen.gene_src_tissue                    ? 
_entity_src_gen.gene_src_tissue_fraction           ? 
_entity_src_gen.gene_src_details                   ? 
_entity_src_gen.pdbx_gene_src_fragment             ? 
_entity_src_gen.pdbx_gene_src_scientific_name      'Mus musculus' 
_entity_src_gen.pdbx_gene_src_ncbi_taxonomy_id     10090 
_entity_src_gen.pdbx_gene_src_variant              ? 
_entity_src_gen.pdbx_gene_src_cell_line            ? 
_entity_src_gen.pdbx_gene_src_atcc                 ? 
_entity_src_gen.pdbx_gene_src_organ                ? 
_entity_src_gen.pdbx_gene_src_organelle            ? 
_entity_src_gen.pdbx_gene_src_cell                 ? 
_entity_src_gen.pdbx_gene_src_cellular_location    ? 
_entity_src_gen.host_org_common_name               ? 
_entity_src_gen.pdbx_host_org_scientific_name      'Escherichia coli' 
_entity_src_gen.pdbx_host_org_ncbi_taxonomy_id     562 
_entity_src_gen.host_org_genus                     ? 
_entity_src_gen.pdbx_host_org_gene                 ? 
_entity_src_gen.pdbx_host_org_organ                ? 
_entity_src_gen.host_org_species                   ? 
_entity_src_gen.pdbx_host_org_tissue               ? 
_entity_src_gen.pdbx_host_org_tissue_fraction      ? 
_entity_src_gen.pdbx_host_org_strain               ? 
_entity_src_gen.pdbx_host_org_variant              ? 
_entity_src_gen.pdbx_host_org_cell_line            ? 
_entity_src_gen.pdbx_host_org_atcc                 ? 
_entity_src_gen.pdbx_host_org_culture_collection   ? 
_entity_src_gen.pdbx_host_org_cell                 ? 
_entity_src_gen.pdbx_host_org_organelle            ? 
_entity_src_gen.pdbx_host_org_cellular_location    ? 
_entity_src_gen.pdbx_host_org_vector_type          ? 
_entity_src_gen.pdbx_host_org_vector               ? 
_entity_src_gen.host_org_details                   ? 
_entity_src_gen.expression_system_id               ? 
_entity_src_gen.plasmid_name                       ? 
_entity_src_gen.plasmid_details                    ? 
_entity_src_gen.pdbx_description                   ? 
# 
_pdbx_entity_src_syn.entity_id              2 
_pdbx_entity_src_syn.pdbx_src_id            1 
_pdbx_entity_src_syn.pdbx_alt_source_flag   sample 
_pdbx_entity_src_syn.pdbx_beg_seq_num       1 
_pdbx_entity_src_syn.pdbx_end_seq_num       8 
_pdbx_entity_src_syn.organism_scientific    'Homo sapiens' 
_pdbx_entity_src_syn.organism_common_name   ? 
_pdbx_entity_src_syn.ncbi_taxonomy_id       9606 
_pdbx_entity_src_syn.details                ? 
# 
loop_
_chem_comp.id 
_chem_comp.type 
_chem_comp.mon_nstd_flag 
_chem_comp.name 
_chem_comp.pdbx_synonyms 
_chem_comp.formula 
_chem_comp.formula_weight 
ALA 'L-peptide linking' y ALANINE           ?                 'C3 H7 N O2'     89.093  
ARG 'L-peptide linking' y ARGININE          ?                 'C6 H15 N4 O2 1' 175.209 
ASN 'L-peptide linking' y ASPARAGINE        ?                 'C4 H8 N2 O3'    132.118 
ASP 'L-peptide linking' y 'ASPARTIC ACID'   ?                 'C4 H7 N O4'     133.103 
CYS 'L-peptide linking' y CYSTEINE          ?                 'C3 H7 N O2 S'   121.158 
GLN 'L-peptide linking' y GLUTAMINE         ?                 'C5 H10 N2 O3'   146.144 
GLU 'L-peptide linking' y 'GLUTAMIC ACID'   ?                 'C5 H9 N O4'     147.129 
GLY 'peptide linking'   y GLYCINE           ?                 'C2 H5 N O2'     75.067  
HIS 'L-peptide linking' y HISTIDINE         ?                 'C6 H10 N3 O2 1' 156.162 
HOH non-polymer         . WATER             ?                 'H2 O'           18.015  
ILE 'L-peptide linking' y ISOLEUCINE        ?                 'C6 H13 N O2'    131.173 
LEU 'L-peptide linking' y LEUCINE           ?                 'C6 H13 N O2'    131.173 
LYS 'L-peptide linking' y LYSINE            ?                 'C6 H15 N2 O2 1' 147.195 
MET 'L-peptide linking' y METHIONINE        ?                 'C5 H11 N O2 S'  149.211 
PHE 'L-peptide linking' y PHENYLALANINE     ?                 'C9 H11 N O2'    165.189 
PRO 'L-peptide linking' y PROLINE           ?                 'C5 H9 N O2'     115.130 
PTR 'L-peptide linking' n O-PHOSPHOTYROSINE PHOSPHONOTYROSINE 'C9 H12 N O6 P'  261.168 
SER 'L-peptide linking' y SERINE            ?                 'C3 H7 N O3'     105.093 
THR 'L-peptide linking' y THREONINE         ?                 'C4 H9 N O3'     119.119 
TRP 'L-peptide linking' y TRYPTOPHAN        ?                 'C11 H12 N2 O2'  204.225 
TYR 'L-peptide linking' y TYROSINE          ?                 'C9 H11 N O3'    181.189 
VAL 'L-peptide linking' y VALINE            ?                 'C5 H11 N O2'    117.146 
# 
loop_
_pdbx_poly_seq_scheme.asym_id 
_pdbx_poly_seq_scheme.entity_id 
_pdbx_poly_seq_scheme.seq_id 
_pdbx_poly_seq_scheme.mon_id 
_pdbx_poly_seq_scheme.ndb_seq_num 
_pdbx_poly_seq_scheme.pdb_seq_num 
_pdbx_poly_seq_scheme.auth_seq_num 
_pdbx_poly_seq_scheme.pdb_mon_id 
_pdbx_poly_seq_scheme.auth_mon_id 
_pdbx_poly_seq_scheme.pdb_strand_id 
_pdbx_poly_seq_scheme.pdb_ins_code 
_pdbx_poly_seq_scheme.hetero 
A 1 1   ASP 1   328 328 ASP ASP A . n 
A 1 2   HIS 2   329 329 HIS HIS A . n 
A 1 3   PHE 3   330 330 PHE PHE A . n 
A 1 4   LEU 4   331 331 LEU LEU A . n 
A 1 5   SER 5   332 332 SER SER A . n 
A 1 6   CYS 6   333 333 CYS CYS A . n 
A 1 7   TYR 7   334 334 TYR TYR A . n 
A 1 8   PRO 8   335 335 PRO PRO A . n 
A 1 9   TRP 9   336 336 TRP TRP A . n 
A 1 10  PHE 10  337 337 PHE PHE A . n 
A 1 11  HIS 11  338 338 HIS HIS A . n 
A 1 12  GLY 12  339 339 GLY GLY A . n 
A 1 13  PRO 13  340 340 PRO PRO A . n 
A 1 14  ILE 14  341 341 ILE ILE A . n 
A 1 15  SER 15  342 342 SER SER A . n 
A 1 16  ARG 16  343 343 ARG ARG A . n 
A 1 17  VAL 17  344 344 VAL VAL A . n 
A 1 18  ARG 18  345 345 ARG ARG A . n 
A 1 19  ALA 19  346 346 ALA ALA A . n 
A 1 20  ALA 20  347 347 ALA ALA A . n 
A 1 21  GLN 21  348 348 GLN GLN A . n 
A 1 22  LEU 22  349 349 LEU LEU A . n 
A 1 23  VAL 23  350 350 VAL VAL A . n 
A 1 24  GLN 24  351 351 GLN GLN A . n 
A 1 25  LEU 25  352 352 LEU LEU A . n 
A 1 26  GLN 26  353 353 GLN GLN A . n 
A 1 27  GLY 27  354 354 GLY GLY A . n 
A 1 28  PRO 28  355 355 PRO PRO A . n 
A 1 29  ASP 29  356 356 ASP ASP A . n 
A 1 30  ALA 30  357 357 ALA ALA A . n 
A 1 31  HIS 31  358 358 HIS HIS A . n 
A 1 32  GLY 32  359 359 GLY GLY A . n 
A 1 33  VAL 33  360 360 VAL VAL A . n 
A 1 34  PHE 34  361 361 PHE PHE A . n 
A 1 35  LEU 35  362 362 LEU LEU A . n 
A 1 36  VAL 36  363 363 VAL VAL A . n 
A 1 37  ARG 37  364 364 ARG ARG A . n 
A 1 38  GLN 38  365 365 GLN GLN A . n 
A 1 39  SER 39  366 366 SER SER A . n 
A 1 40  GLU 40  367 367 GLU GLU A . n 
A 1 41  SER 41  368 368 SER SER A . n 
A 1 42  ARG 42  369 369 ARG ARG A . n 
A 1 43  ARG 43  370 370 ARG ARG A . n 
A 1 44  GLY 44  371 371 GLY GLY A . n 
A 1 45  GLU 45  372 372 GLU GLU A . n 
A 1 46  TYR 46  373 373 TYR TYR A . n 
A 1 47  VAL 47  374 374 VAL VAL A . n 
A 1 48  LEU 48  375 375 LEU LEU A . n 
A 1 49  THR 49  376 376 THR THR A . n 
A 1 50  PHE 50  377 377 PHE PHE A . n 
A 1 51  ASN 51  378 378 ASN ASN A . n 
A 1 52  LEU 52  379 379 LEU LEU A . n 
A 1 53  GLN 53  380 380 GLN GLN A . n 
A 1 54  GLY 54  381 381 GLY GLY A . n 
A 1 55  ARG 55  382 382 ARG ARG A . n 
A 1 56  ALA 56  383 383 ALA ALA A . n 
A 1 57  LYS 57  384 384 LYS LYS A . n 
A 1 58  HIS 58  385 385 HIS HIS A . n 
A 1 59  LEU 59  386 386 LEU LEU A . n 
A 1 60  ARG 60  387 387 ARG ARG A . n 
A 1 61  LEU 61  388 388 LEU LEU A . n 
A 1 62  VAL 62  389 389 VAL VAL A . n 
A 1 63  LEU 63  390 390 LEU LEU A . n 
A 1 64  THR 64  391 391 THR THR A . n 
A 1 65  GLU 65  392 392 GLU GLU A . n 
A 1 66  ARG 66  393 393 ARG ARG A . n 
A 1 67  GLY 67  394 394 GLY GLY A . n 
A 1 68  GLN 68  395 395 GLN GLN A . n 
A 1 69  CYS 69  396 396 CYS CYS A . n 
A 1 70  ARG 70  397 397 ARG ARG A . n 
A 1 71  VAL 71  398 398 VAL VAL A . n 
A 1 72  GLN 72  399 399 GLN GLN A . n 
A 1 73  HIS 73  400 400 HIS HIS A . n 
A 1 74  LEU 74  401 401 LEU LEU A . n 
A 1 75  HIS 75  402 402 HIS HIS A . n 
A 1 76  PHE 76  403 403 PHE PHE A . n 
A 1 77  PRO 77  404 404 PRO PRO A . n 
A 1 78  SER 78  405 405 SER SER A . n 
A 1 79  VAL 79  406 406 VAL VAL A . n 
A 1 80  VAL 80  407 407 VAL VAL A . n 
A 1 81  ASP 81  408 408 ASP ASP A . n 
A 1 82  MET 82  409 409 MET MET A . n 
A 1 83  LEU 83  410 410 LEU LEU A . n 
A 1 84  ARG 84  411 411 ARG ARG A . n 
A 1 85  HIS 85  412 412 HIS HIS A . n 
A 1 86  PHE 86  413 413 PHE PHE A . n 
A 1 87  GLN 87  414 414 GLN GLN A . n 
A 1 88  ARG 88  415 415 ARG ARG A . n 
A 1 89  SER 89  416 416 SER SER A . n 
A 1 90  PRO 90  417 417 PRO PRO A . n 
A 1 91  ILE 91  418 418 ILE ILE A . n 
A 1 92  PRO 92  419 419 PRO PRO A . n 
A 1 93  LEU 93  420 420 LEU LEU A . n 
A 1 94  GLU 94  421 421 GLU GLU A . n 
A 1 95  CYS 95  422 422 CYS CYS A . n 
A 1 96  GLY 96  423 423 GLY GLY A . n 
A 1 97  ALA 97  424 424 ALA ALA A . n 
A 1 98  ALA 98  425 425 ALA ALA A . n 
A 1 99  CYS 99  426 426 CYS CYS A . n 
A 1 100 ASP 100 427 427 ASP ASP A . n 
A 1 101 VAL 101 428 428 VAL VAL A . n 
A 1 102 ARG 102 429 429 ARG ARG A . n 
A 1 103 LEU 103 430 430 LEU LEU A . n 
A 1 104 SER 104 431 431 SER SER A . n 
A 1 105 GLY 105 432 432 GLY GLY A . n 
A 1 106 TYR 106 433 433 TYR TYR A . n 
A 1 107 VAL 107 434 434 VAL VAL A . n 
A 1 108 VAL 108 435 435 VAL VAL A . n 
A 1 109 VAL 109 436 436 VAL VAL A . n 
A 1 110 LEU 110 437 437 LEU LEU A . n 
A 1 111 SER 111 438 438 SER ALA A . n 
B 2 1   LYS 1   453 453 LYS LYS C . n 
B 2 2   PTR 2   454 454 PTR PTR C . n 
B 2 3   LEU 3   455 455 LEU LEU C . n 
B 2 4   TYR 4   456 456 TYR TYR C . n 
B 2 5   LEU 5   457 457 LEU LEU C . n 
B 2 6   VAL 6   458 458 VAL VAL C . n 
B 2 7   VAL 7   459 459 VAL VAL C . n 
B 2 8   SER 8   460 460 SER SER C . n 
# 
_pdbx_entity_instance_feature.ordinal        1 
_pdbx_entity_instance_feature.comp_id        PTR 
_pdbx_entity_instance_feature.asym_id        ? 
_pdbx_entity_instance_feature.seq_num        ? 
_pdbx_entity_instance_feature.auth_comp_id   PTR 
_pdbx_entity_instance_feature.auth_asym_id   ? 
_pdbx_entity_instance_feature.auth_seq_num   ? 
_pdbx_entity_instance_feature.feature_type   'SUBJECT OF INVESTIGATION' 
_pdbx_entity_instance_feature.details        ? 
# 
loop_
_pdbx_nonpoly_scheme.asym_id 
_pdbx_nonpoly_scheme.entity_id 
_pdbx_nonpoly_scheme.mon_id 
_pdbx_nonpoly_scheme.ndb_seq_num 
_pdbx_nonpoly_scheme.pdb_seq_num 
_pdbx_nonpoly_scheme.auth_seq_num 
_pdbx_nonpoly_scheme.pdb_mon_id 
_pdbx_nonpoly_scheme.auth_mon_id 
_pdbx_nonpoly_scheme.pdb_strand_id 
_pdbx_nonpoly_scheme.pdb_ins_code 
C 3 HOH 1  501 13 HOH HOH A . 
C 3 HOH 2  502 31 HOH HOH A . 
C 3 HOH 3  503 9  HOH HOH A . 
C 3 HOH 4  504 1  HOH HOH A . 
C 3 HOH 5  505 3  HOH HOH A . 
C 3 HOH 6  506 20 HOH HOH A . 
C 3 HOH 7  507 12 HOH HOH A . 
C 3 HOH 8  508 4  HOH HOH A . 
C 3 HOH 9  509 7  HOH HOH A . 
C 3 HOH 10 510 21 HOH HOH A . 
C 3 HOH 11 511 15 HOH HOH A . 
D 3 HOH 1  501 16 HOH HOH C . 
D 3 HOH 2  502 28 HOH HOH C . 
# 
loop_
_pdbx_unobs_or_zero_occ_atoms.id 
_pdbx_unobs_or_zero_occ_atoms.PDB_model_num 
_pdbx_unobs_or_zero_occ_atoms.polymer_flag 
_pdbx_unobs_or_zero_occ_atoms.occupancy_flag 
_pdbx_unobs_or_zero_occ_atoms.auth_asym_id 
_pdbx_unobs_or_zero_occ_atoms.auth_comp_id 
_pdbx_unobs_or_zero_occ_atoms.auth_seq_id 
_pdbx_unobs_or_zero_occ_atoms.PDB_ins_code 
_pdbx_unobs_or_zero_occ_atoms.auth_atom_id 
_pdbx_unobs_or_zero_occ_atoms.label_alt_id 
_pdbx_unobs_or_zero_occ_atoms.label_asym_id 
_pdbx_unobs_or_zero_occ_atoms.label_comp_id 
_pdbx_unobs_or_zero_occ_atoms.label_seq_id 
_pdbx_unobs_or_zero_occ_atoms.label_atom_id 
1  1 Y 1 A ASP 328 ? CG  ? A ASP 1   CG  
2  1 Y 1 A ASP 328 ? OD1 ? A ASP 1   OD1 
3  1 Y 1 A ASP 328 ? OD2 ? A ASP 1   OD2 
4  1 Y 1 A ARG 369 ? CZ  ? A ARG 42  CZ  
5  1 Y 1 A ARG 369 ? NH1 ? A ARG 42  NH1 
6  1 Y 1 A ARG 369 ? NH2 ? A ARG 42  NH2 
7  1 Y 1 A ARG 370 ? CD  ? A ARG 43  CD  
8  1 Y 1 A ARG 370 ? NE  ? A ARG 43  NE  
9  1 Y 1 A ARG 370 ? CZ  ? A ARG 43  CZ  
10 1 Y 1 A ARG 370 ? NH1 ? A ARG 43  NH1 
11 1 Y 1 A ARG 370 ? NH2 ? A ARG 43  NH2 
12 1 Y 1 A ARG 382 ? CD  ? A ARG 55  CD  
13 1 Y 1 A ARG 382 ? NE  ? A ARG 55  NE  
14 1 Y 1 A ARG 382 ? CZ  ? A ARG 55  CZ  
15 1 Y 1 A ARG 382 ? NH1 ? A ARG 55  NH1 
16 1 Y 1 A ARG 382 ? NH2 ? A ARG 55  NH2 
17 1 Y 1 A ARG 387 ? CZ  ? A ARG 60  CZ  
18 1 Y 1 A ARG 387 ? NH1 ? A ARG 60  NH1 
19 1 Y 1 A ARG 387 ? NH2 ? A ARG 60  NH2 
20 1 Y 1 A GLU 392 ? CG  ? A GLU 65  CG  
21 1 Y 1 A GLU 392 ? CD  ? A GLU 65  CD  
22 1 Y 1 A GLU 392 ? OE1 ? A GLU 65  OE1 
23 1 Y 1 A GLU 392 ? OE2 ? A GLU 65  OE2 
24 1 Y 1 A ARG 393 ? CG  ? A ARG 66  CG  
25 1 Y 1 A ARG 393 ? CD  ? A ARG 66  CD  
26 1 Y 1 A ARG 393 ? NE  ? A ARG 66  NE  
27 1 Y 1 A ARG 393 ? CZ  ? A ARG 66  CZ  
28 1 Y 1 A ARG 393 ? NH1 ? A ARG 66  NH1 
29 1 Y 1 A ARG 393 ? NH2 ? A ARG 66  NH2 
30 1 Y 1 A GLN 395 ? CG  ? A GLN 68  CG  
31 1 Y 1 A GLN 395 ? CD  ? A GLN 68  CD  
32 1 Y 1 A GLN 395 ? OE1 ? A GLN 68  OE1 
33 1 Y 1 A GLN 395 ? NE2 ? A GLN 68  NE2 
34 1 Y 1 A ARG 397 ? CD  ? A ARG 70  CD  
35 1 Y 1 A ARG 397 ? NE  ? A ARG 70  NE  
36 1 Y 1 A ARG 397 ? CZ  ? A ARG 70  CZ  
37 1 Y 1 A ARG 397 ? NH1 ? A ARG 70  NH1 
38 1 Y 1 A ARG 397 ? NH2 ? A ARG 70  NH2 
39 1 Y 1 A ARG 411 ? CZ  ? A ARG 84  CZ  
40 1 Y 1 A ARG 411 ? NH1 ? A ARG 84  NH1 
41 1 Y 1 A ARG 411 ? NH2 ? A ARG 84  NH2 
42 1 Y 1 A ARG 429 ? CZ  ? A ARG 102 CZ  
43 1 Y 1 A ARG 429 ? NH1 ? A ARG 102 NH1 
44 1 Y 1 A ARG 429 ? NH2 ? A ARG 102 NH2 
45 1 Y 1 A SER 438 ? OG  ? A SER 111 OG  
46 1 Y 1 C LYS 453 ? CE  ? B LYS 1   CE  
47 1 Y 1 C LYS 453 ? NZ  ? B LYS 1   NZ  
48 1 Y 1 C SER 460 ? OG  ? B SER 8   OG  
# 
loop_
_software.citation_id 
_software.classification 
_software.compiler_name 
_software.compiler_version 
_software.contact_author 
_software.contact_author_email 
_software.date 
_software.description 
_software.dependencies 
_software.hardware 
_software.language 
_software.location 
_software.mods 
_software.name 
_software.os 
_software.os_version 
_software.type 
_software.version 
_software.pdbx_ordinal 
? refinement       ? ? ? ? ? ? ? ? ? ? ? PHENIX ? ? ? 1.19.2_4158 1 
? 'data reduction' ? ? ? ? ? ? ? ? ? ? ? XDS    ? ? ? .           2 
? 'data scaling'   ? ? ? ? ? ? ? ? ? ? ? XDS    ? ? ? .           3 
? phasing          ? ? ? ? ? ? ? ? ? ? ? PHENIX ? ? ? .           4 
# 
_cell.angle_alpha                  90.000 
_cell.angle_alpha_esd              ? 
_cell.angle_beta                   90.000 
_cell.angle_beta_esd               ? 
_cell.angle_gamma                  120.000 
_cell.angle_gamma_esd              ? 
_cell.entry_id                     7R8X 
_cell.details                      ? 
_cell.formula_units_Z              ? 
_cell.length_a                     86.157 
_cell.length_a_esd                 ? 
_cell.length_b                     86.157 
_cell.length_b_esd                 ? 
_cell.length_c                     38.052 
_cell.length_c_esd                 ? 
_cell.volume                       ? 
_cell.volume_esd                   ? 
_cell.Z_PDB                        6 
_cell.reciprocal_angle_alpha       ? 
_cell.reciprocal_angle_beta        ? 
_cell.reciprocal_angle_gamma       ? 
_cell.reciprocal_angle_alpha_esd   ? 
_cell.reciprocal_angle_beta_esd    ? 
_cell.reciprocal_angle_gamma_esd   ? 
_cell.reciprocal_length_a          ? 
_cell.reciprocal_length_b          ? 
_cell.reciprocal_length_c          ? 
_cell.reciprocal_length_a_esd      ? 
_cell.reciprocal_length_b_esd      ? 
_cell.reciprocal_length_c_esd      ? 
_cell.pdbx_unique_axis             ? 
# 
_symmetry.entry_id                         7R8X 
_symmetry.cell_setting                     ? 
_symmetry.Int_Tables_number                169 
_symmetry.space_group_name_Hall            ? 
_symmetry.space_group_name_H-M             'P 61' 
_symmetry.pdbx_full_space_group_name_H-M   ? 
# 
_exptl.absorpt_coefficient_mu     ? 
_exptl.absorpt_correction_T_max   ? 
_exptl.absorpt_correction_T_min   ? 
_exptl.absorpt_correction_type    ? 
_exptl.absorpt_process_details    ? 
_exptl.entry_id                   7R8X 
_exptl.crystals_number            1 
_exptl.details                    ? 
_exptl.method                     'X-RAY DIFFRACTION' 
_exptl.method_details             ? 
# 
_exptl_crystal.colour                      ? 
_exptl_crystal.density_diffrn              ? 
_exptl_crystal.density_Matthews            2.97 
_exptl_crystal.density_method              ? 
_exptl_crystal.density_percent_sol         58.57 
_exptl_crystal.description                 ? 
_exptl_crystal.F_000                       ? 
_exptl_crystal.id                          1 
_exptl_crystal.preparation                 ? 
_exptl_crystal.size_max                    ? 
_exptl_crystal.size_mid                    ? 
_exptl_crystal.size_min                    ? 
_exptl_crystal.size_rad                    ? 
_exptl_crystal.colour_lustre               ? 
_exptl_crystal.colour_modifier             ? 
_exptl_crystal.colour_primary              ? 
_exptl_crystal.density_meas                ? 
_exptl_crystal.density_meas_esd            ? 
_exptl_crystal.density_meas_gt             ? 
_exptl_crystal.density_meas_lt             ? 
_exptl_crystal.density_meas_temp           ? 
_exptl_crystal.density_meas_temp_esd       ? 
_exptl_crystal.density_meas_temp_gt        ? 
_exptl_crystal.density_meas_temp_lt        ? 
_exptl_crystal.pdbx_crystal_image_url      ? 
_exptl_crystal.pdbx_crystal_image_format   ? 
_exptl_crystal.pdbx_mosaicity              ? 
_exptl_crystal.pdbx_mosaicity_esd          ? 
# 
_exptl_crystal_grow.apparatus       ? 
_exptl_crystal_grow.atmosphere      ? 
_exptl_crystal_grow.crystal_id      1 
_exptl_crystal_grow.details         ? 
_exptl_crystal_grow.method          'VAPOR DIFFUSION, HANGING DROP' 
_exptl_crystal_grow.method_ref      ? 
_exptl_crystal_grow.pH              9.5 
_exptl_crystal_grow.pressure        ? 
_exptl_crystal_grow.pressure_esd    ? 
_exptl_crystal_grow.seeding         ? 
_exptl_crystal_grow.seeding_ref     ? 
_exptl_crystal_grow.temp            277.15 
_exptl_crystal_grow.temp_details    ? 
_exptl_crystal_grow.temp_esd        ? 
_exptl_crystal_grow.time            ? 
_exptl_crystal_grow.pdbx_details    '20% PEG8000, 0.05 M magnesium acetate, 0.1 M Tris, ph 8.5' 
_exptl_crystal_grow.pdbx_pH_range   ? 
# 
_diffrn.ambient_environment              ? 
_diffrn.ambient_temp                     100 
_diffrn.ambient_temp_details             ? 
_diffrn.ambient_temp_esd                 ? 
_diffrn.crystal_id                       1 
_diffrn.crystal_support                  ? 
_diffrn.crystal_treatment                ? 
_diffrn.details                          ? 
_diffrn.id                               1 
_diffrn.ambient_pressure                 ? 
_diffrn.ambient_pressure_esd             ? 
_diffrn.ambient_pressure_gt              ? 
_diffrn.ambient_pressure_lt              ? 
_diffrn.ambient_temp_gt                  ? 
_diffrn.ambient_temp_lt                  ? 
_diffrn.pdbx_serial_crystal_experiment   N 
# 
_diffrn_detector.details                      ? 
_diffrn_detector.detector                     PIXEL 
_diffrn_detector.diffrn_id                    1 
_diffrn_detector.type                         'DECTRIS EIGER X 16M' 
_diffrn_detector.area_resol_mean              ? 
_diffrn_detector.dtime                        ? 
_diffrn_detector.pdbx_frames_total            ? 
_diffrn_detector.pdbx_collection_time_total   ? 
_diffrn_detector.pdbx_collection_date         2018-06-21 
_diffrn_detector.pdbx_frequency               ? 
# 
_diffrn_radiation.collimation                      ? 
_diffrn_radiation.diffrn_id                        1 
_diffrn_radiation.filter_edge                      ? 
_diffrn_radiation.inhomogeneity                    ? 
_diffrn_radiation.monochromator                    ? 
_diffrn_radiation.polarisn_norm                    ? 
_diffrn_radiation.polarisn_ratio                   ? 
_diffrn_radiation.probe                            ? 
_diffrn_radiation.type                             ? 
_diffrn_radiation.xray_symbol                      ? 
_diffrn_radiation.wavelength_id                    1 
_diffrn_radiation.pdbx_monochromatic_or_laue_m_l   M 
_diffrn_radiation.pdbx_wavelength_list             ? 
_diffrn_radiation.pdbx_wavelength                  ? 
_diffrn_radiation.pdbx_diffrn_protocol             'SINGLE WAVELENGTH' 
_diffrn_radiation.pdbx_analyzer                    ? 
_diffrn_radiation.pdbx_scattering_type             x-ray 
# 
_diffrn_radiation_wavelength.id           1 
_diffrn_radiation_wavelength.wavelength   0.953740 
_diffrn_radiation_wavelength.wt           1.0 
# 
_diffrn_source.current                     ? 
_diffrn_source.details                     ? 
_diffrn_source.diffrn_id                   1 
_diffrn_source.power                       ? 
_diffrn_source.size                        ? 
_diffrn_source.source                      SYNCHROTRON 
_diffrn_source.target                      ? 
_diffrn_source.type                        'AUSTRALIAN SYNCHROTRON BEAMLINE MX2' 
_diffrn_source.voltage                     ? 
_diffrn_source.take-off_angle              ? 
_diffrn_source.pdbx_wavelength_list        0.953740 
_diffrn_source.pdbx_wavelength             ? 
_diffrn_source.pdbx_synchrotron_beamline   MX2 
_diffrn_source.pdbx_synchrotron_site       'Australian Synchrotron' 
# 
_reflns.B_iso_Wilson_estimate                          53.50 
_reflns.entry_id                                       7R8X 
_reflns.data_reduction_details                         ? 
_reflns.data_reduction_method                          ? 
_reflns.d_resolution_high                              2.30 
_reflns.d_resolution_low                               33.90 
_reflns.details                                        ? 
_reflns.limit_h_max                                    ? 
_reflns.limit_h_min                                    ? 
_reflns.limit_k_max                                    ? 
_reflns.limit_k_min                                    ? 
_reflns.limit_l_max                                    ? 
_reflns.limit_l_min                                    ? 
_reflns.number_all                                     ? 
_reflns.number_obs                                     7318 
_reflns.observed_criterion                             ? 
_reflns.observed_criterion_F_max                       ? 
_reflns.observed_criterion_F_min                       ? 
_reflns.observed_criterion_I_max                       ? 
_reflns.observed_criterion_I_min                       ? 
_reflns.observed_criterion_sigma_F                     ? 
_reflns.observed_criterion_sigma_I                     ? 
_reflns.percent_possible_obs                           99.78 
_reflns.R_free_details                                 ? 
_reflns.Rmerge_F_all                                   ? 
_reflns.Rmerge_F_obs                                   ? 
_reflns.Friedel_coverage                               ? 
_reflns.number_gt                                      ? 
_reflns.threshold_expression                           ? 
_reflns.pdbx_redundancy                                9.6 
_reflns.pdbx_Rmerge_I_obs                              0.04408 
_reflns.pdbx_Rmerge_I_all                              ? 
_reflns.pdbx_Rsym_value                                ? 
_reflns.pdbx_netI_over_av_sigmaI                       ? 
_reflns.pdbx_netI_over_sigmaI                          31.0 
_reflns.pdbx_res_netI_over_av_sigmaI_2                 ? 
_reflns.pdbx_res_netI_over_sigmaI_2                    ? 
_reflns.pdbx_chi_squared                               ? 
_reflns.pdbx_scaling_rejects                           ? 
_reflns.pdbx_d_res_high_opt                            ? 
_reflns.pdbx_d_res_low_opt                             ? 
_reflns.pdbx_d_res_opt_method                          ? 
_reflns.phase_calculation_details                      ? 
_reflns.pdbx_Rrim_I_all                                0.04655 
_reflns.pdbx_Rpim_I_all                                0.01481 
_reflns.pdbx_d_opt                                     ? 
_reflns.pdbx_number_measured_all                       ? 
_reflns.pdbx_diffrn_id                                 1 
_reflns.pdbx_ordinal                                   1 
_reflns.pdbx_CC_half                                   1 
_reflns.pdbx_CC_star                                   1 
_reflns.pdbx_R_split                                   ? 
_reflns.pdbx_aniso_diffraction_limit_axis_1_ortho[1]   ? 
_reflns.pdbx_aniso_diffraction_limit_axis_1_ortho[2]   ? 
_reflns.pdbx_aniso_diffraction_limit_axis_1_ortho[3]   ? 
_reflns.pdbx_aniso_diffraction_limit_axis_2_ortho[1]   ? 
_reflns.pdbx_aniso_diffraction_limit_axis_2_ortho[2]   ? 
_reflns.pdbx_aniso_diffraction_limit_axis_2_ortho[3]   ? 
_reflns.pdbx_aniso_diffraction_limit_axis_3_ortho[1]   ? 
_reflns.pdbx_aniso_diffraction_limit_axis_3_ortho[2]   ? 
_reflns.pdbx_aniso_diffraction_limit_axis_3_ortho[3]   ? 
_reflns.pdbx_aniso_diffraction_limit_1                 ? 
_reflns.pdbx_aniso_diffraction_limit_2                 ? 
_reflns.pdbx_aniso_diffraction_limit_3                 ? 
_reflns.pdbx_aniso_B_tensor_eigenvector_1_ortho[1]     ? 
_reflns.pdbx_aniso_B_tensor_eigenvector_1_ortho[2]     ? 
_reflns.pdbx_aniso_B_tensor_eigenvector_1_ortho[3]     ? 
_reflns.pdbx_aniso_B_tensor_eigenvector_2_ortho[1]     ? 
_reflns.pdbx_aniso_B_tensor_eigenvector_2_ortho[2]     ? 
_reflns.pdbx_aniso_B_tensor_eigenvector_2_ortho[3]     ? 
_reflns.pdbx_aniso_B_tensor_eigenvector_3_ortho[1]     ? 
_reflns.pdbx_aniso_B_tensor_eigenvector_3_ortho[2]     ? 
_reflns.pdbx_aniso_B_tensor_eigenvector_3_ortho[3]     ? 
_reflns.pdbx_aniso_B_tensor_eigenvalue_1               ? 
_reflns.pdbx_aniso_B_tensor_eigenvalue_2               ? 
_reflns.pdbx_aniso_B_tensor_eigenvalue_3               ? 
_reflns.pdbx_orthogonalization_convention              ? 
_reflns.pdbx_percent_possible_ellipsoidal              ? 
_reflns.pdbx_percent_possible_spherical                ? 
_reflns.pdbx_percent_possible_ellipsoidal_anomalous    ? 
_reflns.pdbx_percent_possible_spherical_anomalous      ? 
_reflns.pdbx_redundancy_anomalous                      ? 
_reflns.pdbx_CC_half_anomalous                         ? 
_reflns.pdbx_absDiff_over_sigma_anomalous              ? 
_reflns.pdbx_percent_possible_anomalous                ? 
_reflns.pdbx_observed_signal_threshold                 ? 
_reflns.pdbx_signal_type                               ? 
_reflns.pdbx_signal_details                            ? 
_reflns.pdbx_signal_software_id                        ? 
# 
_reflns_shell.d_res_high                                    2.301 
_reflns_shell.d_res_low                                     2.383 
_reflns_shell.meanI_over_sigI_all                           ? 
_reflns_shell.meanI_over_sigI_obs                           2.81 
_reflns_shell.number_measured_all                           ? 
_reflns_shell.number_measured_obs                           ? 
_reflns_shell.number_possible                               ? 
_reflns_shell.number_unique_all                             ? 
_reflns_shell.number_unique_obs                             724 
_reflns_shell.percent_possible_all                          99.45 
_reflns_shell.percent_possible_obs                          ? 
_reflns_shell.Rmerge_F_all                                  ? 
_reflns_shell.Rmerge_F_obs                                  ? 
_reflns_shell.Rmerge_I_all                                  ? 
_reflns_shell.Rmerge_I_obs                                  0.4924 
_reflns_shell.meanI_over_sigI_gt                            ? 
_reflns_shell.meanI_over_uI_all                             ? 
_reflns_shell.meanI_over_uI_gt                              ? 
_reflns_shell.number_measured_gt                            ? 
_reflns_shell.number_unique_gt                              ? 
_reflns_shell.percent_possible_gt                           ? 
_reflns_shell.Rmerge_F_gt                                   ? 
_reflns_shell.Rmerge_I_gt                                   ? 
_reflns_shell.pdbx_redundancy                               ? 
_reflns_shell.pdbx_Rsym_value                               ? 
_reflns_shell.pdbx_chi_squared                              ? 
_reflns_shell.pdbx_netI_over_sigmaI_all                     ? 
_reflns_shell.pdbx_netI_over_sigmaI_obs                     ? 
_reflns_shell.pdbx_Rrim_I_all                               0.539 
_reflns_shell.pdbx_Rpim_I_all                               ? 
_reflns_shell.pdbx_rejects                                  ? 
_reflns_shell.pdbx_ordinal                                  1 
_reflns_shell.pdbx_diffrn_id                                1 
_reflns_shell.pdbx_CC_half                                  0.904 
_reflns_shell.pdbx_CC_star                                  0.974 
_reflns_shell.pdbx_R_split                                  ? 
_reflns_shell.pdbx_percent_possible_ellipsoidal             ? 
_reflns_shell.pdbx_percent_possible_spherical               ? 
_reflns_shell.pdbx_percent_possible_ellipsoidal_anomalous   ? 
_reflns_shell.pdbx_percent_possible_spherical_anomalous     ? 
_reflns_shell.pdbx_redundancy_anomalous                     ? 
_reflns_shell.pdbx_CC_half_anomalous                        ? 
_reflns_shell.pdbx_absDiff_over_sigma_anomalous             ? 
_reflns_shell.pdbx_percent_possible_anomalous               ? 
# 
_refine.aniso_B[1][1]                            ? 
_refine.aniso_B[1][2]                            ? 
_refine.aniso_B[1][3]                            ? 
_refine.aniso_B[2][2]                            ? 
_refine.aniso_B[2][3]                            ? 
_refine.aniso_B[3][3]                            ? 
_refine.B_iso_max                                93.720 
_refine.B_iso_mean                               53.8189 
_refine.B_iso_min                                30.340 
_refine.correlation_coeff_Fo_to_Fc               ? 
_refine.correlation_coeff_Fo_to_Fc_free          ? 
_refine.details                                  ? 
_refine.diff_density_max                         ? 
_refine.diff_density_max_esd                     ? 
_refine.diff_density_min                         ? 
_refine.diff_density_min_esd                     ? 
_refine.diff_density_rms                         ? 
_refine.diff_density_rms_esd                     ? 
_refine.entry_id                                 7R8X 
_refine.pdbx_refine_id                           'X-RAY DIFFRACTION' 
_refine.ls_abs_structure_details                 ? 
_refine.ls_abs_structure_Flack                   ? 
_refine.ls_abs_structure_Flack_esd               ? 
_refine.ls_abs_structure_Rogers                  ? 
_refine.ls_abs_structure_Rogers_esd              ? 
_refine.ls_d_res_high                            2.3000 
_refine.ls_d_res_low                             33.9000 
_refine.ls_extinction_coef                       ? 
_refine.ls_extinction_coef_esd                   ? 
_refine.ls_extinction_expression                 ? 
_refine.ls_extinction_method                     ? 
_refine.ls_goodness_of_fit_all                   ? 
_refine.ls_goodness_of_fit_all_esd               ? 
_refine.ls_goodness_of_fit_obs                   ? 
_refine.ls_goodness_of_fit_obs_esd               ? 
_refine.ls_hydrogen_treatment                    ? 
_refine.ls_matrix_type                           ? 
_refine.ls_number_constraints                    ? 
_refine.ls_number_parameters                     ? 
_refine.ls_number_reflns_all                     ? 
_refine.ls_number_reflns_obs                     7314 
_refine.ls_number_reflns_R_free                  710 
_refine.ls_number_reflns_R_work                  6604 
_refine.ls_number_restraints                     ? 
_refine.ls_percent_reflns_obs                    99.7700 
_refine.ls_percent_reflns_R_free                 9.7100 
_refine.ls_R_factor_all                          ? 
_refine.ls_R_factor_obs                          0.1998 
_refine.ls_R_factor_R_free                       0.2305 
_refine.ls_R_factor_R_free_error                 ? 
_refine.ls_R_factor_R_free_error_details         ? 
_refine.ls_R_factor_R_work                       0.1965 
_refine.ls_R_Fsqd_factor_obs                     ? 
_refine.ls_R_I_factor_obs                        ? 
_refine.ls_redundancy_reflns_all                 ? 
_refine.ls_redundancy_reflns_obs                 ? 
_refine.ls_restrained_S_all                      ? 
_refine.ls_restrained_S_obs                      ? 
_refine.ls_shift_over_esd_max                    ? 
_refine.ls_shift_over_esd_mean                   ? 
_refine.ls_structure_factor_coef                 ? 
_refine.ls_weighting_details                     ? 
_refine.ls_weighting_scheme                      ? 
_refine.ls_wR_factor_all                         ? 
_refine.ls_wR_factor_obs                         ? 
_refine.ls_wR_factor_R_free                      ? 
_refine.ls_wR_factor_R_work                      ? 
_refine.occupancy_max                            ? 
_refine.occupancy_min                            ? 
_refine.solvent_model_details                    'FLAT BULK SOLVENT MODEL' 
_refine.solvent_model_param_bsol                 ? 
_refine.solvent_model_param_ksol                 ? 
_refine.pdbx_R_complete                          ? 
_refine.ls_R_factor_gt                           ? 
_refine.ls_goodness_of_fit_gt                    ? 
_refine.ls_goodness_of_fit_ref                   ? 
_refine.ls_shift_over_su_max                     ? 
_refine.ls_shift_over_su_max_lt                  ? 
_refine.ls_shift_over_su_mean                    ? 
_refine.ls_shift_over_su_mean_lt                 ? 
_refine.pdbx_ls_sigma_I                          ? 
_refine.pdbx_ls_sigma_F                          1.360 
_refine.pdbx_ls_sigma_Fsqd                       ? 
_refine.pdbx_data_cutoff_high_absF               ? 
_refine.pdbx_data_cutoff_high_rms_absF           ? 
_refine.pdbx_data_cutoff_low_absF                ? 
_refine.pdbx_isotropic_thermal_model             ? 
_refine.pdbx_ls_cross_valid_method               THROUGHOUT 
_refine.pdbx_method_to_determine_struct          'MOLECULAR REPLACEMENT' 
_refine.pdbx_starting_model                      'PDB entry 2HDV' 
_refine.pdbx_stereochemistry_target_values       ML 
_refine.pdbx_R_Free_selection_details            ? 
_refine.pdbx_stereochem_target_val_spec_case     ? 
_refine.pdbx_overall_ESU_R                       ? 
_refine.pdbx_overall_ESU_R_Free                  ? 
_refine.pdbx_solvent_vdw_probe_radii             1.1100 
_refine.pdbx_solvent_ion_probe_radii             ? 
_refine.pdbx_solvent_shrinkage_radii             0.9000 
_refine.pdbx_real_space_R                        ? 
_refine.pdbx_density_correlation                 ? 
_refine.pdbx_pd_number_of_powder_patterns        ? 
_refine.pdbx_pd_number_of_points                 ? 
_refine.pdbx_pd_meas_number_of_points            ? 
_refine.pdbx_pd_proc_ls_prof_R_factor            ? 
_refine.pdbx_pd_proc_ls_prof_wR_factor           ? 
_refine.pdbx_pd_Marquardt_correlation_coeff      ? 
_refine.pdbx_pd_Fsqrd_R_factor                   ? 
_refine.pdbx_pd_ls_matrix_band_width             ? 
_refine.pdbx_overall_phase_error                 29.2900 
_refine.pdbx_overall_SU_R_free_Cruickshank_DPI   ? 
_refine.pdbx_overall_SU_R_free_Blow_DPI          ? 
_refine.pdbx_overall_SU_R_Blow_DPI               ? 
_refine.pdbx_TLS_residual_ADP_flag               ? 
_refine.pdbx_diffrn_id                           1 
_refine.overall_SU_B                             ? 
_refine.overall_SU_ML                            0.3400 
_refine.overall_SU_R_Cruickshank_DPI             ? 
_refine.overall_SU_R_free                        ? 
_refine.overall_FOM_free_R_set                   ? 
_refine.overall_FOM_work_R_set                   ? 
_refine.pdbx_average_fsc_overall                 ? 
_refine.pdbx_average_fsc_work                    ? 
_refine.pdbx_average_fsc_free                    ? 
# 
_refine_hist.pdbx_refine_id                   'X-RAY DIFFRACTION' 
_refine_hist.cycle_id                         final 
_refine_hist.details                          ? 
_refine_hist.d_res_high                       2.3000 
_refine_hist.d_res_low                        33.9000 
_refine_hist.number_atoms_solvent             13 
_refine_hist.number_atoms_total               930 
_refine_hist.number_reflns_all                ? 
_refine_hist.number_reflns_obs                ? 
_refine_hist.number_reflns_R_free             ? 
_refine_hist.number_reflns_R_work             ? 
_refine_hist.R_factor_all                     ? 
_refine_hist.R_factor_obs                     ? 
_refine_hist.R_factor_R_free                  ? 
_refine_hist.R_factor_R_work                  ? 
_refine_hist.pdbx_number_residues_total       119 
_refine_hist.pdbx_B_iso_mean_ligand           ? 
_refine_hist.pdbx_B_iso_mean_solvent          52.83 
_refine_hist.pdbx_number_atoms_protein        917 
_refine_hist.pdbx_number_atoms_nucleic_acid   0 
_refine_hist.pdbx_number_atoms_ligand         0 
_refine_hist.pdbx_number_atoms_lipid          ? 
_refine_hist.pdbx_number_atoms_carb           ? 
_refine_hist.pdbx_pseudo_atom_details         ? 
# 
loop_
_refine_ls_shell.pdbx_refine_id 
_refine_ls_shell.d_res_high 
_refine_ls_shell.d_res_low 
_refine_ls_shell.number_reflns_all 
_refine_ls_shell.number_reflns_obs 
_refine_ls_shell.number_reflns_R_free 
_refine_ls_shell.number_reflns_R_work 
_refine_ls_shell.percent_reflns_obs 
_refine_ls_shell.percent_reflns_R_free 
_refine_ls_shell.R_factor_all 
_refine_ls_shell.R_factor_obs 
_refine_ls_shell.R_factor_R_free 
_refine_ls_shell.R_factor_R_free_error 
_refine_ls_shell.R_factor_R_work 
_refine_ls_shell.redundancy_reflns_all 
_refine_ls_shell.redundancy_reflns_obs 
_refine_ls_shell.wR_factor_all 
_refine_ls_shell.wR_factor_obs 
_refine_ls_shell.wR_factor_R_free 
_refine_ls_shell.wR_factor_R_work 
_refine_ls_shell.pdbx_R_complete 
_refine_ls_shell.pdbx_total_number_of_bins_used 
_refine_ls_shell.pdbx_phase_error 
_refine_ls_shell.pdbx_fsc_work 
_refine_ls_shell.pdbx_fsc_free 
'X-RAY DIFFRACTION' 2.3000 2.4800  1434 . 145 1289 99.0000  . . . 0.3241 0.0000 0.2855 . . . . . . . 5 . . . 
'X-RAY DIFFRACTION' 2.4800 2.7300  1438 . 133 1305 100.0000 . . . 0.3099 0.0000 0.2499 . . . . . . . 5 . . . 
'X-RAY DIFFRACTION' 2.7300 3.1200  1462 . 140 1322 100.0000 . . . 0.2956 0.0000 0.2624 . . . . . . . 5 . . . 
'X-RAY DIFFRACTION' 3.1200 3.9300  1475 . 145 1330 100.0000 . . . 0.2650 0.0000 0.2019 . . . . . . . 5 . . . 
'X-RAY DIFFRACTION' 3.9300 33.9000 1505 . 147 1358 100.0000 . . . 0.1730 0.0000 0.1558 . . . . . . . 5 . . . 
# 
_struct.entry_id                     7R8X 
_struct.title                        'Crystal Structure of the LNK SH2 Domain in Complex with an EPOR pY454 Phosphopeptide' 
_struct.pdbx_model_details           ? 
_struct.pdbx_formula_weight          ? 
_struct.pdbx_formula_weight_method   ? 
_struct.pdbx_model_type_details      ? 
_struct.pdbx_CASP_flag               N 
# 
_struct_keywords.entry_id        7R8X 
_struct_keywords.text            'LNK, SH2B3, JAK/STAT, MPNs, SIGNALING PROTEIN' 
_struct_keywords.pdbx_keywords   'SIGNALING PROTEIN' 
# 
loop_
_struct_asym.id 
_struct_asym.pdbx_blank_PDB_chainid_flag 
_struct_asym.pdbx_modified 
_struct_asym.entity_id 
_struct_asym.details 
A N N 1 ? 
B N N 2 ? 
C N N 3 ? 
D N N 3 ? 
# 
loop_
_struct_ref.id 
_struct_ref.db_name 
_struct_ref.db_code 
_struct_ref.pdbx_db_accession 
_struct_ref.pdbx_db_isoform 
_struct_ref.entity_id 
_struct_ref.pdbx_seq_one_letter_code 
_struct_ref.pdbx_align_begin 
1 UNP SH2B3_MOUSE O09039 ? 1 
;DHFLSCYPWFHGPISRVRAAQLVQLQGPDAHGVFLVRQSESRRGEYVLTFNLQGRAKHLRLVLTERGQCRVQHLHFPSVV
DMLRHFQRSPIPLECGAACDVRLSGYVVVLS
;
328 
2 PDB 7R8X        7R8X   ? 2 ? 1   
# 
loop_
_struct_ref_seq.align_id 
_struct_ref_seq.ref_id 
_struct_ref_seq.pdbx_PDB_id_code 
_struct_ref_seq.pdbx_strand_id 
_struct_ref_seq.seq_align_beg 
_struct_ref_seq.pdbx_seq_align_beg_ins_code 
_struct_ref_seq.seq_align_end 
_struct_ref_seq.pdbx_seq_align_end_ins_code 
_struct_ref_seq.pdbx_db_accession 
_struct_ref_seq.db_align_beg 
_struct_ref_seq.pdbx_db_align_beg_ins_code 
_struct_ref_seq.db_align_end 
_struct_ref_seq.pdbx_db_align_end_ins_code 
_struct_ref_seq.pdbx_auth_seq_align_beg 
_struct_ref_seq.pdbx_auth_seq_align_end 
1 1 7R8X A 1 ? 111 ? O09039 328 ? 438 ? 328 438 
2 2 7R8X C 1 ? 8   ? 7R8X   453 ? 460 ? 453 460 
# 
_pdbx_struct_assembly.id                   1 
_pdbx_struct_assembly.details              author_and_software_defined_assembly 
_pdbx_struct_assembly.method_details       PISA 
_pdbx_struct_assembly.oligomeric_details   dimeric 
_pdbx_struct_assembly.oligomeric_count     2 
# 
loop_
_pdbx_struct_assembly_prop.biol_id 
_pdbx_struct_assembly_prop.type 
_pdbx_struct_assembly_prop.value 
_pdbx_struct_assembly_prop.details 
1 'ABSA (A^2)' 1150 ? 
1 MORE         -11  ? 
1 'SSA (A^2)'  6420 ? 
# 
_pdbx_struct_assembly_gen.assembly_id       1 
_pdbx_struct_assembly_gen.oper_expression   1 
_pdbx_struct_assembly_gen.asym_id_list      A,B,C,D 
# 
_pdbx_struct_assembly_auth_evidence.id                     1 
_pdbx_struct_assembly_auth_evidence.assembly_id            1 
_pdbx_struct_assembly_auth_evidence.experimental_support   'gel filtration' 
_pdbx_struct_assembly_auth_evidence.details                ? 
# 
_pdbx_struct_oper_list.id                   1 
_pdbx_struct_oper_list.type                 'identity operation' 
_pdbx_struct_oper_list.name                 1_555 
_pdbx_struct_oper_list.symmetry_operation   x,y,z 
_pdbx_struct_oper_list.matrix[1][1]         1.0000000000 
_pdbx_struct_oper_list.matrix[1][2]         0.0000000000 
_pdbx_struct_oper_list.matrix[1][3]         0.0000000000 
_pdbx_struct_oper_list.vector[1]            0.0000000000 
_pdbx_struct_oper_list.matrix[2][1]         0.0000000000 
_pdbx_struct_oper_list.matrix[2][2]         1.0000000000 
_pdbx_struct_oper_list.matrix[2][3]         0.0000000000 
_pdbx_struct_oper_list.vector[2]            0.0000000000 
_pdbx_struct_oper_list.matrix[3][1]         0.0000000000 
_pdbx_struct_oper_list.matrix[3][2]         0.0000000000 
_pdbx_struct_oper_list.matrix[3][3]         1.0000000000 
_pdbx_struct_oper_list.vector[3]            0.0000000000 
# 
loop_
_struct_conf.conf_type_id 
_struct_conf.id 
_struct_conf.pdbx_PDB_helix_id 
_struct_conf.beg_label_comp_id 
_struct_conf.beg_label_asym_id 
_struct_conf.beg_label_seq_id 
_struct_conf.pdbx_beg_PDB_ins_code 
_struct_conf.end_label_comp_id 
_struct_conf.end_label_asym_id 
_struct_conf.end_label_seq_id 
_struct_conf.pdbx_end_PDB_ins_code 
_struct_conf.beg_auth_comp_id 
_struct_conf.beg_auth_asym_id 
_struct_conf.beg_auth_seq_id 
_struct_conf.end_auth_comp_id 
_struct_conf.end_auth_asym_id 
_struct_conf.end_auth_seq_id 
_struct_conf.pdbx_PDB_helix_class 
_struct_conf.details 
_struct_conf.pdbx_PDB_helix_length 
HELX_P HELX_P1 AA1 HIS A 2  ? TYR A 7   ? HIS A 329 TYR A 334 5 ? 6  
HELX_P HELX_P2 AA2 SER A 15 ? LEU A 25  ? SER A 342 LEU A 352 1 ? 11 
HELX_P HELX_P3 AA3 GLN A 26 ? HIS A 31  ? GLN A 353 HIS A 358 5 ? 6  
HELX_P HELX_P4 AA4 SER A 78 ? SER A 89  ? SER A 405 SER A 416 1 ? 12 
HELX_P HELX_P5 AA5 CYS A 95 ? ASP A 100 ? CYS A 422 ASP A 427 5 ? 6  
# 
_struct_conf_type.id          HELX_P 
_struct_conf_type.criteria    ? 
_struct_conf_type.reference   ? 
# 
loop_
_struct_conn.id 
_struct_conn.conn_type_id 
_struct_conn.pdbx_leaving_atom_flag 
_struct_conn.pdbx_PDB_id 
_struct_conn.ptnr1_label_asym_id 
_struct_conn.ptnr1_label_comp_id 
_struct_conn.ptnr1_label_seq_id 
_struct_conn.ptnr1_label_atom_id 
_struct_conn.pdbx_ptnr1_label_alt_id 
_struct_conn.pdbx_ptnr1_PDB_ins_code 
_struct_conn.pdbx_ptnr1_standard_comp_id 
_struct_conn.ptnr1_symmetry 
_struct_conn.ptnr2_label_asym_id 
_struct_conn.ptnr2_label_comp_id 
_struct_conn.ptnr2_label_seq_id 
_struct_conn.ptnr2_label_atom_id 
_struct_conn.pdbx_ptnr2_label_alt_id 
_struct_conn.pdbx_ptnr2_PDB_ins_code 
_struct_conn.ptnr1_auth_asym_id 
_struct_conn.ptnr1_auth_comp_id 
_struct_conn.ptnr1_auth_seq_id 
_struct_conn.ptnr2_auth_asym_id 
_struct_conn.ptnr2_auth_comp_id 
_struct_conn.ptnr2_auth_seq_id 
_struct_conn.ptnr2_symmetry 
_struct_conn.pdbx_ptnr3_label_atom_id 
_struct_conn.pdbx_ptnr3_label_seq_id 
_struct_conn.pdbx_ptnr3_label_comp_id 
_struct_conn.pdbx_ptnr3_label_asym_id 
_struct_conn.pdbx_ptnr3_label_alt_id 
_struct_conn.pdbx_ptnr3_PDB_ins_code 
_struct_conn.details 
_struct_conn.pdbx_dist_value 
_struct_conn.pdbx_value_order 
_struct_conn.pdbx_role 
disulf1 disulf ?    ? A CYS 95 SG ? ? ? 1_555 A CYS 99 SG ? ? A CYS 422 A CYS 426 1_555 ? ? ? ? ? ? ? 2.033 ? ? 
covale1 covale both ? B LYS 1  C  ? ? ? 1_555 B PTR 2  N  ? ? C LYS 453 C PTR 454 1_555 ? ? ? ? ? ? ? 1.330 ? ? 
covale2 covale both ? B PTR 2  C  ? ? ? 1_555 B LEU 3  N  ? ? C PTR 454 C LEU 455 1_555 ? ? ? ? ? ? ? 1.331 ? ? 
# 
loop_
_struct_conn_type.id 
_struct_conn_type.criteria 
_struct_conn_type.reference 
disulf ? ? 
covale ? ? 
# 
loop_
_pdbx_modification_feature.ordinal 
_pdbx_modification_feature.label_comp_id 
_pdbx_modification_feature.label_asym_id 
_pdbx_modification_feature.label_seq_id 
_pdbx_modification_feature.label_alt_id 
_pdbx_modification_feature.modified_residue_label_comp_id 
_pdbx_modification_feature.modified_residue_label_asym_id 
_pdbx_modification_feature.modified_residue_label_seq_id 
_pdbx_modification_feature.modified_residue_label_alt_id 
_pdbx_modification_feature.auth_comp_id 
_pdbx_modification_feature.auth_asym_id 
_pdbx_modification_feature.auth_seq_id 
_pdbx_modification_feature.PDB_ins_code 
_pdbx_modification_feature.symmetry 
_pdbx_modification_feature.modified_residue_auth_comp_id 
_pdbx_modification_feature.modified_residue_auth_asym_id 
_pdbx_modification_feature.modified_residue_auth_seq_id 
_pdbx_modification_feature.modified_residue_PDB_ins_code 
_pdbx_modification_feature.modified_residue_symmetry 
_pdbx_modification_feature.comp_id_linking_atom 
_pdbx_modification_feature.modified_residue_id_linking_atom 
_pdbx_modification_feature.modified_residue_id 
_pdbx_modification_feature.ref_pcm_id 
_pdbx_modification_feature.ref_comp_id 
_pdbx_modification_feature.type 
_pdbx_modification_feature.category 
1 PTR B 2  ? .   . .  . PTR C 454 ? 1_555 .   . .   . .     .  .  TYR 1 PTR Phosphorylation 'Named protein modification' 
2 CYS A 95 ? CYS A 99 ? CYS A 422 ? 1_555 CYS A 426 ? 1_555 SG SG .   . .   None            'Disulfide bridge'           
# 
_struct_sheet.id               AA1 
_struct_sheet.type             ? 
_struct_sheet.number_strands   5 
_struct_sheet.details          ? 
# 
loop_
_struct_sheet_order.sheet_id 
_struct_sheet_order.range_id_1 
_struct_sheet_order.range_id_2 
_struct_sheet_order.offset 
_struct_sheet_order.sense 
AA1 1 2 ? anti-parallel 
AA1 2 3 ? anti-parallel 
AA1 3 4 ? anti-parallel 
AA1 4 5 ? anti-parallel 
# 
loop_
_struct_sheet_range.sheet_id 
_struct_sheet_range.id 
_struct_sheet_range.beg_label_comp_id 
_struct_sheet_range.beg_label_asym_id 
_struct_sheet_range.beg_label_seq_id 
_struct_sheet_range.pdbx_beg_PDB_ins_code 
_struct_sheet_range.end_label_comp_id 
_struct_sheet_range.end_label_asym_id 
_struct_sheet_range.end_label_seq_id 
_struct_sheet_range.pdbx_end_PDB_ins_code 
_struct_sheet_range.beg_auth_comp_id 
_struct_sheet_range.beg_auth_asym_id 
_struct_sheet_range.beg_auth_seq_id 
_struct_sheet_range.end_auth_comp_id 
_struct_sheet_range.end_auth_asym_id 
_struct_sheet_range.end_auth_seq_id 
AA1 1 PHE A 34 ? GLN A 38 ? PHE A 361 GLN A 365 
AA1 2 TYR A 46 ? LEU A 52 ? TYR A 373 LEU A 379 
AA1 3 ARG A 55 ? LEU A 63 ? ARG A 382 LEU A 390 
AA1 4 CYS A 69 ? VAL A 71 ? CYS A 396 VAL A 398 
AA1 5 LEU A 74 ? PHE A 76 ? LEU A 401 PHE A 403 
# 
loop_
_pdbx_struct_sheet_hbond.sheet_id 
_pdbx_struct_sheet_hbond.range_id_1 
_pdbx_struct_sheet_hbond.range_id_2 
_pdbx_struct_sheet_hbond.range_1_label_atom_id 
_pdbx_struct_sheet_hbond.range_1_label_comp_id 
_pdbx_struct_sheet_hbond.range_1_label_asym_id 
_pdbx_struct_sheet_hbond.range_1_label_seq_id 
_pdbx_struct_sheet_hbond.range_1_PDB_ins_code 
_pdbx_struct_sheet_hbond.range_1_auth_atom_id 
_pdbx_struct_sheet_hbond.range_1_auth_comp_id 
_pdbx_struct_sheet_hbond.range_1_auth_asym_id 
_pdbx_struct_sheet_hbond.range_1_auth_seq_id 
_pdbx_struct_sheet_hbond.range_2_label_atom_id 
_pdbx_struct_sheet_hbond.range_2_label_comp_id 
_pdbx_struct_sheet_hbond.range_2_label_asym_id 
_pdbx_struct_sheet_hbond.range_2_label_seq_id 
_pdbx_struct_sheet_hbond.range_2_PDB_ins_code 
_pdbx_struct_sheet_hbond.range_2_auth_atom_id 
_pdbx_struct_sheet_hbond.range_2_auth_comp_id 
_pdbx_struct_sheet_hbond.range_2_auth_asym_id 
_pdbx_struct_sheet_hbond.range_2_auth_seq_id 
AA1 1 2 N ARG A 37 ? N ARG A 364 O VAL A 47 ? O VAL A 374 
AA1 2 3 N LEU A 52 ? N LEU A 379 O ARG A 55 ? O ARG A 382 
AA1 3 4 N VAL A 62 ? N VAL A 389 O ARG A 70 ? O ARG A 397 
AA1 4 5 N VAL A 71 ? N VAL A 398 O LEU A 74 ? O LEU A 401 
# 
_pdbx_entry_details.entry_id                   7R8X 
_pdbx_entry_details.has_ligand_of_interest     Y 
_pdbx_entry_details.compound_details           ? 
_pdbx_entry_details.source_details             ? 
_pdbx_entry_details.nonpolymer_details         ? 
_pdbx_entry_details.sequence_details           ? 
_pdbx_entry_details.has_protein_modification   Y 
# 
loop_
_pdbx_validate_torsion.id 
_pdbx_validate_torsion.PDB_model_num 
_pdbx_validate_torsion.auth_comp_id 
_pdbx_validate_torsion.auth_asym_id 
_pdbx_validate_torsion.auth_seq_id 
_pdbx_validate_torsion.PDB_ins_code 
_pdbx_validate_torsion.label_alt_id 
_pdbx_validate_torsion.phi 
_pdbx_validate_torsion.psi 
1 1 PRO A 340 ? ? -94.99  40.70   
2 1 ARG A 369 ? ? -116.09 76.50   
3 1 GLN A 399 ? ? 56.54   -117.57 
4 1 SER A 431 ? ? -105.62 -110.95 
# 
loop_
_space_group_symop.id 
_space_group_symop.operation_xyz 
1 x,y,z         
2 x-y,x,z+1/6   
3 y,-x+y,z+5/6  
4 -y,x-y,z+1/3  
5 -x+y,-x,z+2/3 
6 -x,-y,z+1/2   
# 
loop_
_chem_comp_atom.comp_id 
_chem_comp_atom.atom_id 
_chem_comp_atom.type_symbol 
_chem_comp_atom.pdbx_aromatic_flag 
_chem_comp_atom.pdbx_stereo_config 
_chem_comp_atom.pdbx_ordinal 
ALA N    N N N 1   
ALA CA   C N S 2   
ALA C    C N N 3   
ALA O    O N N 4   
ALA CB   C N N 5   
ALA OXT  O N N 6   
ALA H    H N N 7   
ALA H2   H N N 8   
ALA HA   H N N 9   
ALA HB1  H N N 10  
ALA HB2  H N N 11  
ALA HB3  H N N 12  
ALA HXT  H N N 13  
ARG N    N N N 14  
ARG CA   C N S 15  
ARG C    C N N 16  
ARG O    O N N 17  
ARG CB   C N N 18  
ARG CG   C N N 19  
ARG CD   C N N 20  
ARG NE   N N N 21  
ARG CZ   C N N 22  
ARG NH1  N N N 23  
ARG NH2  N N N 24  
ARG OXT  O N N 25  
ARG H    H N N 26  
ARG H2   H N N 27  
ARG HA   H N N 28  
ARG HB2  H N N 29  
ARG HB3  H N N 30  
ARG HG2  H N N 31  
ARG HG3  H N N 32  
ARG HD2  H N N 33  
ARG HD3  H N N 34  
ARG HE   H N N 35  
ARG HH11 H N N 36  
ARG HH12 H N N 37  
ARG HH21 H N N 38  
ARG HH22 H N N 39  
ARG HXT  H N N 40  
ASN N    N N N 41  
ASN CA   C N S 42  
ASN C    C N N 43  
ASN O    O N N 44  
ASN CB   C N N 45  
ASN CG   C N N 46  
ASN OD1  O N N 47  
ASN ND2  N N N 48  
ASN OXT  O N N 49  
ASN H    H N N 50  
ASN H2   H N N 51  
ASN HA   H N N 52  
ASN HB2  H N N 53  
ASN HB3  H N N 54  
ASN HD21 H N N 55  
ASN HD22 H N N 56  
ASN HXT  H N N 57  
ASP N    N N N 58  
ASP CA   C N S 59  
ASP C    C N N 60  
ASP O    O N N 61  
ASP CB   C N N 62  
ASP CG   C N N 63  
ASP OD1  O N N 64  
ASP OD2  O N N 65  
ASP OXT  O N N 66  
ASP H    H N N 67  
ASP H2   H N N 68  
ASP HA   H N N 69  
ASP HB2  H N N 70  
ASP HB3  H N N 71  
ASP HD2  H N N 72  
ASP HXT  H N N 73  
CYS N    N N N 74  
CYS CA   C N R 75  
CYS C    C N N 76  
CYS O    O N N 77  
CYS CB   C N N 78  
CYS SG   S N N 79  
CYS OXT  O N N 80  
CYS H    H N N 81  
CYS H2   H N N 82  
CYS HA   H N N 83  
CYS HB2  H N N 84  
CYS HB3  H N N 85  
CYS HG   H N N 86  
CYS HXT  H N N 87  
GLN N    N N N 88  
GLN CA   C N S 89  
GLN C    C N N 90  
GLN O    O N N 91  
GLN CB   C N N 92  
GLN CG   C N N 93  
GLN CD   C N N 94  
GLN OE1  O N N 95  
GLN NE2  N N N 96  
GLN OXT  O N N 97  
GLN H    H N N 98  
GLN H2   H N N 99  
GLN HA   H N N 100 
GLN HB2  H N N 101 
GLN HB3  H N N 102 
GLN HG2  H N N 103 
GLN HG3  H N N 104 
GLN HE21 H N N 105 
GLN HE22 H N N 106 
GLN HXT  H N N 107 
GLU N    N N N 108 
GLU CA   C N S 109 
GLU C    C N N 110 
GLU O    O N N 111 
GLU CB   C N N 112 
GLU CG   C N N 113 
GLU CD   C N N 114 
GLU OE1  O N N 115 
GLU OE2  O N N 116 
GLU OXT  O N N 117 
GLU H    H N N 118 
GLU H2   H N N 119 
GLU HA   H N N 120 
GLU HB2  H N N 121 
GLU HB3  H N N 122 
GLU HG2  H N N 123 
GLU HG3  H N N 124 
GLU HE2  H N N 125 
GLU HXT  H N N 126 
GLY N    N N N 127 
GLY CA   C N N 128 
GLY C    C N N 129 
GLY O    O N N 130 
GLY OXT  O N N 131 
GLY H    H N N 132 
GLY H2   H N N 133 
GLY HA2  H N N 134 
GLY HA3  H N N 135 
GLY HXT  H N N 136 
HIS N    N N N 137 
HIS CA   C N S 138 
HIS C    C N N 139 
HIS O    O N N 140 
HIS CB   C N N 141 
HIS CG   C Y N 142 
HIS ND1  N Y N 143 
HIS CD2  C Y N 144 
HIS CE1  C Y N 145 
HIS NE2  N Y N 146 
HIS OXT  O N N 147 
HIS H    H N N 148 
HIS H2   H N N 149 
HIS HA   H N N 150 
HIS HB2  H N N 151 
HIS HB3  H N N 152 
HIS HD1  H N N 153 
HIS HD2  H N N 154 
HIS HE1  H N N 155 
HIS HE2  H N N 156 
HIS HXT  H N N 157 
HOH O    O N N 158 
HOH H1   H N N 159 
HOH H2   H N N 160 
ILE N    N N N 161 
ILE CA   C N S 162 
ILE C    C N N 163 
ILE O    O N N 164 
ILE CB   C N S 165 
ILE CG1  C N N 166 
ILE CG2  C N N 167 
ILE CD1  C N N 168 
ILE OXT  O N N 169 
ILE H    H N N 170 
ILE H2   H N N 171 
ILE HA   H N N 172 
ILE HB   H N N 173 
ILE HG12 H N N 174 
ILE HG13 H N N 175 
ILE HG21 H N N 176 
ILE HG22 H N N 177 
ILE HG23 H N N 178 
ILE HD11 H N N 179 
ILE HD12 H N N 180 
ILE HD13 H N N 181 
ILE HXT  H N N 182 
LEU N    N N N 183 
LEU CA   C N S 184 
LEU C    C N N 185 
LEU O    O N N 186 
LEU CB   C N N 187 
LEU CG   C N N 188 
LEU CD1  C N N 189 
LEU CD2  C N N 190 
LEU OXT  O N N 191 
LEU H    H N N 192 
LEU H2   H N N 193 
LEU HA   H N N 194 
LEU HB2  H N N 195 
LEU HB3  H N N 196 
LEU HG   H N N 197 
LEU HD11 H N N 198 
LEU HD12 H N N 199 
LEU HD13 H N N 200 
LEU HD21 H N N 201 
LEU HD22 H N N 202 
LEU HD23 H N N 203 
LEU HXT  H N N 204 
LYS N    N N N 205 
LYS CA   C N S 206 
LYS C    C N N 207 
LYS O    O N N 208 
LYS CB   C N N 209 
LYS CG   C N N 210 
LYS CD   C N N 211 
LYS CE   C N N 212 
LYS NZ   N N N 213 
LYS OXT  O N N 214 
LYS H    H N N 215 
LYS H2   H N N 216 
LYS HA   H N N 217 
LYS HB2  H N N 218 
LYS HB3  H N N 219 
LYS HG2  H N N 220 
LYS HG3  H N N 221 
LYS HD2  H N N 222 
LYS HD3  H N N 223 
LYS HE2  H N N 224 
LYS HE3  H N N 225 
LYS HZ1  H N N 226 
LYS HZ2  H N N 227 
LYS HZ3  H N N 228 
LYS HXT  H N N 229 
MET N    N N N 230 
MET CA   C N S 231 
MET C    C N N 232 
MET O    O N N 233 
MET CB   C N N 234 
MET CG   C N N 235 
MET SD   S N N 236 
MET CE   C N N 237 
MET OXT  O N N 238 
MET H    H N N 239 
MET H2   H N N 240 
MET HA   H N N 241 
MET HB2  H N N 242 
MET HB3  H N N 243 
MET HG2  H N N 244 
MET HG3  H N N 245 
MET HE1  H N N 246 
MET HE2  H N N 247 
MET HE3  H N N 248 
MET HXT  H N N 249 
PHE N    N N N 250 
PHE CA   C N S 251 
PHE C    C N N 252 
PHE O    O N N 253 
PHE CB   C N N 254 
PHE CG   C Y N 255 
PHE CD1  C Y N 256 
PHE CD2  C Y N 257 
PHE CE1  C Y N 258 
PHE CE2  C Y N 259 
PHE CZ   C Y N 260 
PHE OXT  O N N 261 
PHE H    H N N 262 
PHE H2   H N N 263 
PHE HA   H N N 264 
PHE HB2  H N N 265 
PHE HB3  H N N 266 
PHE HD1  H N N 267 
PHE HD2  H N N 268 
PHE HE1  H N N 269 
PHE HE2  H N N 270 
PHE HZ   H N N 271 
PHE HXT  H N N 272 
PRO N    N N N 273 
PRO CA   C N S 274 
PRO C    C N N 275 
PRO O    O N N 276 
PRO CB   C N N 277 
PRO CG   C N N 278 
PRO CD   C N N 279 
PRO OXT  O N N 280 
PRO H    H N N 281 
PRO HA   H N N 282 
PRO HB2  H N N 283 
PRO HB3  H N N 284 
PRO HG2  H N N 285 
PRO HG3  H N N 286 
PRO HD2  H N N 287 
PRO HD3  H N N 288 
PRO HXT  H N N 289 
PTR N    N N N 290 
PTR CA   C N S 291 
PTR C    C N N 292 
PTR O    O N N 293 
PTR OXT  O N N 294 
PTR CB   C N N 295 
PTR CG   C Y N 296 
PTR CD1  C Y N 297 
PTR CD2  C Y N 298 
PTR CE1  C Y N 299 
PTR CE2  C Y N 300 
PTR CZ   C Y N 301 
PTR OH   O N N 302 
PTR P    P N N 303 
PTR O1P  O N N 304 
PTR O2P  O N N 305 
PTR O3P  O N N 306 
PTR H    H N N 307 
PTR H2   H N N 308 
PTR HA   H N N 309 
PTR HXT  H N N 310 
PTR HB2  H N N 311 
PTR HB3  H N N 312 
PTR HD1  H N N 313 
PTR HD2  H N N 314 
PTR HE1  H N N 315 
PTR HE2  H N N 316 
PTR HO2P H N N 317 
PTR HO3P H N N 318 
SER N    N N N 319 
SER CA   C N S 320 
SER C    C N N 321 
SER O    O N N 322 
SER CB   C N N 323 
SER OG   O N N 324 
SER OXT  O N N 325 
SER H    H N N 326 
SER H2   H N N 327 
SER HA   H N N 328 
SER HB2  H N N 329 
SER HB3  H N N 330 
SER HG   H N N 331 
SER HXT  H N N 332 
THR N    N N N 333 
THR CA   C N S 334 
THR C    C N N 335 
THR O    O N N 336 
THR CB   C N R 337 
THR OG1  O N N 338 
THR CG2  C N N 339 
THR OXT  O N N 340 
THR H    H N N 341 
THR H2   H N N 342 
THR HA   H N N 343 
THR HB   H N N 344 
THR HG1  H N N 345 
THR HG21 H N N 346 
THR HG22 H N N 347 
THR HG23 H N N 348 
THR HXT  H N N 349 
TRP N    N N N 350 
TRP CA   C N S 351 
TRP C    C N N 352 
TRP O    O N N 353 
TRP CB   C N N 354 
TRP CG   C Y N 355 
TRP CD1  C Y N 356 
TRP CD2  C Y N 357 
TRP NE1  N Y N 358 
TRP CE2  C Y N 359 
TRP CE3  C Y N 360 
TRP CZ2  C Y N 361 
TRP CZ3  C Y N 362 
TRP CH2  C Y N 363 
TRP OXT  O N N 364 
TRP H    H N N 365 
TRP H2   H N N 366 
TRP HA   H N N 367 
TRP HB2  H N N 368 
TRP HB3  H N N 369 
TRP HD1  H N N 370 
TRP HE1  H N N 371 
TRP HE3  H N N 372 
TRP HZ2  H N N 373 
TRP HZ3  H N N 374 
TRP HH2  H N N 375 
TRP HXT  H N N 376 
TYR N    N N N 377 
TYR CA   C N S 378 
TYR C    C N N 379 
TYR O    O N N 380 
TYR CB   C N N 381 
TYR CG   C Y N 382 
TYR CD1  C Y N 383 
TYR CD2  C Y N 384 
TYR CE1  C Y N 385 
TYR CE2  C Y N 386 
TYR CZ   C Y N 387 
TYR OH   O N N 388 
TYR OXT  O N N 389 
TYR H    H N N 390 
TYR H2   H N N 391 
TYR HA   H N N 392 
TYR HB2  H N N 393 
TYR HB3  H N N 394 
TYR HD1  H N N 395 
TYR HD2  H N N 396 
TYR HE1  H N N 397 
TYR HE2  H N N 398 
TYR HH   H N N 399 
TYR HXT  H N N 400 
VAL N    N N N 401 
VAL CA   C N S 402 
VAL C    C N N 403 
VAL O    O N N 404 
VAL CB   C N N 405 
VAL CG1  C N N 406 
VAL CG2  C N N 407 
VAL OXT  O N N 408 
VAL H    H N N 409 
VAL H2   H N N 410 
VAL HA   H N N 411 
VAL HB   H N N 412 
VAL HG11 H N N 413 
VAL HG12 H N N 414 
VAL HG13 H N N 415 
VAL HG21 H N N 416 
VAL HG22 H N N 417 
VAL HG23 H N N 418 
VAL HXT  H N N 419 
# 
loop_
_chem_comp_bond.comp_id 
_chem_comp_bond.atom_id_1 
_chem_comp_bond.atom_id_2 
_chem_comp_bond.value_order 
_chem_comp_bond.pdbx_aromatic_flag 
_chem_comp_bond.pdbx_stereo_config 
_chem_comp_bond.pdbx_ordinal 
ALA N   CA   sing N N 1   
ALA N   H    sing N N 2   
ALA N   H2   sing N N 3   
ALA CA  C    sing N N 4   
ALA CA  CB   sing N N 5   
ALA CA  HA   sing N N 6   
ALA C   O    doub N N 7   
ALA C   OXT  sing N N 8   
ALA CB  HB1  sing N N 9   
ALA CB  HB2  sing N N 10  
ALA CB  HB3  sing N N 11  
ALA OXT HXT  sing N N 12  
ARG N   CA   sing N N 13  
ARG N   H    sing N N 14  
ARG N   H2   sing N N 15  
ARG CA  C    sing N N 16  
ARG CA  CB   sing N N 17  
ARG CA  HA   sing N N 18  
ARG C   O    doub N N 19  
ARG C   OXT  sing N N 20  
ARG CB  CG   sing N N 21  
ARG CB  HB2  sing N N 22  
ARG CB  HB3  sing N N 23  
ARG CG  CD   sing N N 24  
ARG CG  HG2  sing N N 25  
ARG CG  HG3  sing N N 26  
ARG CD  NE   sing N N 27  
ARG CD  HD2  sing N N 28  
ARG CD  HD3  sing N N 29  
ARG NE  CZ   sing N N 30  
ARG NE  HE   sing N N 31  
ARG CZ  NH1  sing N N 32  
ARG CZ  NH2  doub N N 33  
ARG NH1 HH11 sing N N 34  
ARG NH1 HH12 sing N N 35  
ARG NH2 HH21 sing N N 36  
ARG NH2 HH22 sing N N 37  
ARG OXT HXT  sing N N 38  
ASN N   CA   sing N N 39  
ASN N   H    sing N N 40  
ASN N   H2   sing N N 41  
ASN CA  C    sing N N 42  
ASN CA  CB   sing N N 43  
ASN CA  HA   sing N N 44  
ASN C   O    doub N N 45  
ASN C   OXT  sing N N 46  
ASN CB  CG   sing N N 47  
ASN CB  HB2  sing N N 48  
ASN CB  HB3  sing N N 49  
ASN CG  OD1  doub N N 50  
ASN CG  ND2  sing N N 51  
ASN ND2 HD21 sing N N 52  
ASN ND2 HD22 sing N N 53  
ASN OXT HXT  sing N N 54  
ASP N   CA   sing N N 55  
ASP N   H    sing N N 56  
ASP N   H2   sing N N 57  
ASP CA  C    sing N N 58  
ASP CA  CB   sing N N 59  
ASP CA  HA   sing N N 60  
ASP C   O    doub N N 61  
ASP C   OXT  sing N N 62  
ASP CB  CG   sing N N 63  
ASP CB  HB2  sing N N 64  
ASP CB  HB3  sing N N 65  
ASP CG  OD1  doub N N 66  
ASP CG  OD2  sing N N 67  
ASP OD2 HD2  sing N N 68  
ASP OXT HXT  sing N N 69  
CYS N   CA   sing N N 70  
CYS N   H    sing N N 71  
CYS N   H2   sing N N 72  
CYS CA  C    sing N N 73  
CYS CA  CB   sing N N 74  
CYS CA  HA   sing N N 75  
CYS C   O    doub N N 76  
CYS C   OXT  sing N N 77  
CYS CB  SG   sing N N 78  
CYS CB  HB2  sing N N 79  
CYS CB  HB3  sing N N 80  
CYS SG  HG   sing N N 81  
CYS OXT HXT  sing N N 82  
GLN N   CA   sing N N 83  
GLN N   H    sing N N 84  
GLN N   H2   sing N N 85  
GLN CA  C    sing N N 86  
GLN CA  CB   sing N N 87  
GLN CA  HA   sing N N 88  
GLN C   O    doub N N 89  
GLN C   OXT  sing N N 90  
GLN CB  CG   sing N N 91  
GLN CB  HB2  sing N N 92  
GLN CB  HB3  sing N N 93  
GLN CG  CD   sing N N 94  
GLN CG  HG2  sing N N 95  
GLN CG  HG3  sing N N 96  
GLN CD  OE1  doub N N 97  
GLN CD  NE2  sing N N 98  
GLN NE2 HE21 sing N N 99  
GLN NE2 HE22 sing N N 100 
GLN OXT HXT  sing N N 101 
GLU N   CA   sing N N 102 
GLU N   H    sing N N 103 
GLU N   H2   sing N N 104 
GLU CA  C    sing N N 105 
GLU CA  CB   sing N N 106 
GLU CA  HA   sing N N 107 
GLU C   O    doub N N 108 
GLU C   OXT  sing N N 109 
GLU CB  CG   sing N N 110 
GLU CB  HB2  sing N N 111 
GLU CB  HB3  sing N N 112 
GLU CG  CD   sing N N 113 
GLU CG  HG2  sing N N 114 
GLU CG  HG3  sing N N 115 
GLU CD  OE1  doub N N 116 
GLU CD  OE2  sing N N 117 
GLU OE2 HE2  sing N N 118 
GLU OXT HXT  sing N N 119 
GLY N   CA   sing N N 120 
GLY N   H    sing N N 121 
GLY N   H2   sing N N 122 
GLY CA  C    sing N N 123 
GLY CA  HA2  sing N N 124 
GLY CA  HA3  sing N N 125 
GLY C   O    doub N N 126 
GLY C   OXT  sing N N 127 
GLY OXT HXT  sing N N 128 
HIS N   CA   sing N N 129 
HIS N   H    sing N N 130 
HIS N   H2   sing N N 131 
HIS CA  C    sing N N 132 
HIS CA  CB   sing N N 133 
HIS CA  HA   sing N N 134 
HIS C   O    doub N N 135 
HIS C   OXT  sing N N 136 
HIS CB  CG   sing N N 137 
HIS CB  HB2  sing N N 138 
HIS CB  HB3  sing N N 139 
HIS CG  ND1  sing Y N 140 
HIS CG  CD2  doub Y N 141 
HIS ND1 CE1  doub Y N 142 
HIS ND1 HD1  sing N N 143 
HIS CD2 NE2  sing Y N 144 
HIS CD2 HD2  sing N N 145 
HIS CE1 NE2  sing Y N 146 
HIS CE1 HE1  sing N N 147 
HIS NE2 HE2  sing N N 148 
HIS OXT HXT  sing N N 149 
HOH O   H1   sing N N 150 
HOH O   H2   sing N N 151 
ILE N   CA   sing N N 152 
ILE N   H    sing N N 153 
ILE N   H2   sing N N 154 
ILE CA  C    sing N N 155 
ILE CA  CB   sing N N 156 
ILE CA  HA   sing N N 157 
ILE C   O    doub N N 158 
ILE C   OXT  sing N N 159 
ILE CB  CG1  sing N N 160 
ILE CB  CG2  sing N N 161 
ILE CB  HB   sing N N 162 
ILE CG1 CD1  sing N N 163 
ILE CG1 HG12 sing N N 164 
ILE CG1 HG13 sing N N 165 
ILE CG2 HG21 sing N N 166 
ILE CG2 HG22 sing N N 167 
ILE CG2 HG23 sing N N 168 
ILE CD1 HD11 sing N N 169 
ILE CD1 HD12 sing N N 170 
ILE CD1 HD13 sing N N 171 
ILE OXT HXT  sing N N 172 
LEU N   CA   sing N N 173 
LEU N   H    sing N N 174 
LEU N   H2   sing N N 175 
LEU CA  C    sing N N 176 
LEU CA  CB   sing N N 177 
LEU CA  HA   sing N N 178 
LEU C   O    doub N N 179 
LEU C   OXT  sing N N 180 
LEU CB  CG   sing N N 181 
LEU CB  HB2  sing N N 182 
LEU CB  HB3  sing N N 183 
LEU CG  CD1  sing N N 184 
LEU CG  CD2  sing N N 185 
LEU CG  HG   sing N N 186 
LEU CD1 HD11 sing N N 187 
LEU CD1 HD12 sing N N 188 
LEU CD1 HD13 sing N N 189 
LEU CD2 HD21 sing N N 190 
LEU CD2 HD22 sing N N 191 
LEU CD2 HD23 sing N N 192 
LEU OXT HXT  sing N N 193 
LYS N   CA   sing N N 194 
LYS N   H    sing N N 195 
LYS N   H2   sing N N 196 
LYS CA  C    sing N N 197 
LYS CA  CB   sing N N 198 
LYS CA  HA   sing N N 199 
LYS C   O    doub N N 200 
LYS C   OXT  sing N N 201 
LYS CB  CG   sing N N 202 
LYS CB  HB2  sing N N 203 
LYS CB  HB3  sing N N 204 
LYS CG  CD   sing N N 205 
LYS CG  HG2  sing N N 206 
LYS CG  HG3  sing N N 207 
LYS CD  CE   sing N N 208 
LYS CD  HD2  sing N N 209 
LYS CD  HD3  sing N N 210 
LYS CE  NZ   sing N N 211 
LYS CE  HE2  sing N N 212 
LYS CE  HE3  sing N N 213 
LYS NZ  HZ1  sing N N 214 
LYS NZ  HZ2  sing N N 215 
LYS NZ  HZ3  sing N N 216 
LYS OXT HXT  sing N N 217 
MET N   CA   sing N N 218 
MET N   H    sing N N 219 
MET N   H2   sing N N 220 
MET CA  C    sing N N 221 
MET CA  CB   sing N N 222 
MET CA  HA   sing N N 223 
MET C   O    doub N N 224 
MET C   OXT  sing N N 225 
MET CB  CG   sing N N 226 
MET CB  HB2  sing N N 227 
MET CB  HB3  sing N N 228 
MET CG  SD   sing N N 229 
MET CG  HG2  sing N N 230 
MET CG  HG3  sing N N 231 
MET SD  CE   sing N N 232 
MET CE  HE1  sing N N 233 
MET CE  HE2  sing N N 234 
MET CE  HE3  sing N N 235 
MET OXT HXT  sing N N 236 
PHE N   CA   sing N N 237 
PHE N   H    sing N N 238 
PHE N   H2   sing N N 239 
PHE CA  C    sing N N 240 
PHE CA  CB   sing N N 241 
PHE CA  HA   sing N N 242 
PHE C   O    doub N N 243 
PHE C   OXT  sing N N 244 
PHE CB  CG   sing N N 245 
PHE CB  HB2  sing N N 246 
PHE CB  HB3  sing N N 247 
PHE CG  CD1  doub Y N 248 
PHE CG  CD2  sing Y N 249 
PHE CD1 CE1  sing Y N 250 
PHE CD1 HD1  sing N N 251 
PHE CD2 CE2  doub Y N 252 
PHE CD2 HD2  sing N N 253 
PHE CE1 CZ   doub Y N 254 
PHE CE1 HE1  sing N N 255 
PHE CE2 CZ   sing Y N 256 
PHE CE2 HE2  sing N N 257 
PHE CZ  HZ   sing N N 258 
PHE OXT HXT  sing N N 259 
PRO N   CA   sing N N 260 
PRO N   CD   sing N N 261 
PRO N   H    sing N N 262 
PRO CA  C    sing N N 263 
PRO CA  CB   sing N N 264 
PRO CA  HA   sing N N 265 
PRO C   O    doub N N 266 
PRO C   OXT  sing N N 267 
PRO CB  CG   sing N N 268 
PRO CB  HB2  sing N N 269 
PRO CB  HB3  sing N N 270 
PRO CG  CD   sing N N 271 
PRO CG  HG2  sing N N 272 
PRO CG  HG3  sing N N 273 
PRO CD  HD2  sing N N 274 
PRO CD  HD3  sing N N 275 
PRO OXT HXT  sing N N 276 
PTR N   CA   sing N N 277 
PTR N   H    sing N N 278 
PTR N   H2   sing N N 279 
PTR CA  C    sing N N 280 
PTR CA  CB   sing N N 281 
PTR CA  HA   sing N N 282 
PTR C   O    doub N N 283 
PTR C   OXT  sing N N 284 
PTR OXT HXT  sing N N 285 
PTR CB  CG   sing N N 286 
PTR CB  HB2  sing N N 287 
PTR CB  HB3  sing N N 288 
PTR CG  CD1  doub Y N 289 
PTR CG  CD2  sing Y N 290 
PTR CD1 CE1  sing Y N 291 
PTR CD1 HD1  sing N N 292 
PTR CD2 CE2  doub Y N 293 
PTR CD2 HD2  sing N N 294 
PTR CE1 CZ   doub Y N 295 
PTR CE1 HE1  sing N N 296 
PTR CE2 CZ   sing Y N 297 
PTR CE2 HE2  sing N N 298 
PTR CZ  OH   sing N N 299 
PTR OH  P    sing N N 300 
PTR P   O1P  doub N N 301 
PTR P   O2P  sing N N 302 
PTR P   O3P  sing N N 303 
PTR O2P HO2P sing N N 304 
PTR O3P HO3P sing N N 305 
SER N   CA   sing N N 306 
SER N   H    sing N N 307 
SER N   H2   sing N N 308 
SER CA  C    sing N N 309 
SER CA  CB   sing N N 310 
SER CA  HA   sing N N 311 
SER C   O    doub N N 312 
SER C   OXT  sing N N 313 
SER CB  OG   sing N N 314 
SER CB  HB2  sing N N 315 
SER CB  HB3  sing N N 316 
SER OG  HG   sing N N 317 
SER OXT HXT  sing N N 318 
THR N   CA   sing N N 319 
THR N   H    sing N N 320 
THR N   H2   sing N N 321 
THR CA  C    sing N N 322 
THR CA  CB   sing N N 323 
THR CA  HA   sing N N 324 
THR C   O    doub N N 325 
THR C   OXT  sing N N 326 
THR CB  OG1  sing N N 327 
THR CB  CG2  sing N N 328 
THR CB  HB   sing N N 329 
THR OG1 HG1  sing N N 330 
THR CG2 HG21 sing N N 331 
THR CG2 HG22 sing N N 332 
THR CG2 HG23 sing N N 333 
THR OXT HXT  sing N N 334 
TRP N   CA   sing N N 335 
TRP N   H    sing N N 336 
TRP N   H2   sing N N 337 
TRP CA  C    sing N N 338 
TRP CA  CB   sing N N 339 
TRP CA  HA   sing N N 340 
TRP C   O    doub N N 341 
TRP C   OXT  sing N N 342 
TRP CB  CG   sing N N 343 
TRP CB  HB2  sing N N 344 
TRP CB  HB3  sing N N 345 
TRP CG  CD1  doub Y N 346 
TRP CG  CD2  sing Y N 347 
TRP CD1 NE1  sing Y N 348 
TRP CD1 HD1  sing N N 349 
TRP CD2 CE2  doub Y N 350 
TRP CD2 CE3  sing Y N 351 
TRP NE1 CE2  sing Y N 352 
TRP NE1 HE1  sing N N 353 
TRP CE2 CZ2  sing Y N 354 
TRP CE3 CZ3  doub Y N 355 
TRP CE3 HE3  sing N N 356 
TRP CZ2 CH2  doub Y N 357 
TRP CZ2 HZ2  sing N N 358 
TRP CZ3 CH2  sing Y N 359 
TRP CZ3 HZ3  sing N N 360 
TRP CH2 HH2  sing N N 361 
TRP OXT HXT  sing N N 362 
TYR N   CA   sing N N 363 
TYR N   H    sing N N 364 
TYR N   H2   sing N N 365 
TYR CA  C    sing N N 366 
TYR CA  CB   sing N N 367 
TYR CA  HA   sing N N 368 
TYR C   O    doub N N 369 
TYR C   OXT  sing N N 370 
TYR CB  CG   sing N N 371 
TYR CB  HB2  sing N N 372 
TYR CB  HB3  sing N N 373 
TYR CG  CD1  doub Y N 374 
TYR CG  CD2  sing Y N 375 
TYR CD1 CE1  sing Y N 376 
TYR CD1 HD1  sing N N 377 
TYR CD2 CE2  doub Y N 378 
TYR CD2 HD2  sing N N 379 
TYR CE1 CZ   doub Y N 380 
TYR CE1 HE1  sing N N 381 
TYR CE2 CZ   sing Y N 382 
TYR CE2 HE2  sing N N 383 
TYR CZ  OH   sing N N 384 
TYR OH  HH   sing N N 385 
TYR OXT HXT  sing N N 386 
VAL N   CA   sing N N 387 
VAL N   H    sing N N 388 
VAL N   H2   sing N N 389 
VAL CA  C    sing N N 390 
VAL CA  CB   sing N N 391 
VAL CA  HA   sing N N 392 
VAL C   O    doub N N 393 
VAL C   OXT  sing N N 394 
VAL CB  CG1  sing N N 395 
VAL CB  CG2  sing N N 396 
VAL CB  HB   sing N N 397 
VAL CG1 HG11 sing N N 398 
VAL CG1 HG12 sing N N 399 
VAL CG1 HG13 sing N N 400 
VAL CG2 HG21 sing N N 401 
VAL CG2 HG22 sing N N 402 
VAL CG2 HG23 sing N N 403 
VAL OXT HXT  sing N N 404 
# 
_pdbx_audit_support.funding_organization   'National Health and Medical Research Council (NHMRC, Australia)' 
_pdbx_audit_support.country                Australia 
_pdbx_audit_support.grant_number           ? 
_pdbx_audit_support.ordinal                1 
# 
_pdbx_initial_refinement_model.id               1 
_pdbx_initial_refinement_model.entity_id_list   ? 
_pdbx_initial_refinement_model.type             'experimental model' 
_pdbx_initial_refinement_model.source_name      PDB 
_pdbx_initial_refinement_model.accession_code   2HDV 
_pdbx_initial_refinement_model.details          'PDB entry 2HDV' 
# 
_space_group.name_H-M_alt     'P 61' 
_space_group.name_Hall        'P 61' 
_space_group.IT_number        169 
_space_group.crystal_system   hexagonal 
_space_group.id               1 
# 
_atom_sites.entry_id                    7R8X 
_atom_sites.Cartn_transf_matrix[1][1]   ? 
_atom_sites.Cartn_transf_matrix[1][2]   ? 
_atom_sites.Cartn_transf_matrix[1][3]   ? 
_atom_sites.Cartn_transf_matrix[2][1]   ? 
_atom_sites.Cartn_transf_matrix[2][2]   ? 
_atom_sites.Cartn_transf_matrix[2][3]   ? 
_atom_sites.Cartn_transf_matrix[3][1]   ? 
_atom_sites.Cartn_transf_matrix[3][2]   ? 
_atom_sites.Cartn_transf_matrix[3][3]   ? 
_atom_sites.Cartn_transf_vector[1]      ? 
_atom_sites.Cartn_transf_vector[2]      ? 
_atom_sites.Cartn_transf_vector[3]      ? 
_atom_sites.fract_transf_matrix[1][1]   0.00570645 
_atom_sites.fract_transf_matrix[1][2]   0.01211736 
_atom_sites.fract_transf_matrix[1][3]   0.00048158 
_atom_sites.fract_transf_matrix[2][1]   0.01335499 
_atom_sites.fract_transf_matrix[2][2]   0.00111932 
_atom_sites.fract_transf_matrix[2][3]   0.00007065 
_atom_sites.fract_transf_matrix[3][1]   0.00005355 
_atom_sites.fract_transf_matrix[3][2]   0.00101844 
_atom_sites.fract_transf_matrix[3][3]   -0.02626020 
_atom_sites.fract_transf_vector[1]      -0.118951 
_atom_sites.fract_transf_vector[2]      0.371599 
_atom_sites.fract_transf_vector[3]      -0.062208 
_atom_sites.solution_primary            ? 
_atom_sites.solution_secondary          ? 
_atom_sites.solution_hydrogens          ? 
_atom_sites.special_details             ? 
# 
loop_
_atom_type.symbol 
_atom_type.scat_dispersion_real 
_atom_type.scat_dispersion_imag 
_atom_type.scat_Cromer_Mann_a1 
_atom_type.scat_Cromer_Mann_a2 
_atom_type.scat_Cromer_Mann_a3 
_atom_type.scat_Cromer_Mann_a4 
_atom_type.scat_Cromer_Mann_b1 
_atom_type.scat_Cromer_Mann_b2 
_atom_type.scat_Cromer_Mann_b3 
_atom_type.scat_Cromer_Mann_b4 
_atom_type.scat_Cromer_Mann_c 
_atom_type.scat_source 
_atom_type.scat_dispersion_source 
C ? ? 3.54356 2.42580 ? ? 25.62398 1.50364  ? ? 0.0 
;2-Gaussian fit: Grosse-Kunstleve RW, Sauter NK, Adams PD: Newsletter of the IUCr Commission on Crystallographic Computing 2004, 3, 22-31.
;
? 
N ? ? 4.01032 2.96436 ? ? 19.97189 1.75589  ? ? 0.0 
;2-Gaussian fit: Grosse-Kunstleve RW, Sauter NK, Adams PD: Newsletter of the IUCr Commission on Crystallographic Computing 2004, 3, 22-31.
;
? 
O ? ? 4.49882 3.47563 ? ? 15.80542 1.70748  ? ? 0.0 
;2-Gaussian fit: Grosse-Kunstleve RW, Sauter NK, Adams PD: Newsletter of the IUCr Commission on Crystallographic Computing 2004, 3, 22-31.
;
? 
P ? ? 9.51135 5.44231 ? ? 1.42069  35.72801 ? ? 0.0 
;2-Gaussian fit: Grosse-Kunstleve RW, Sauter NK, Adams PD: Newsletter of the IUCr Commission on Crystallographic Computing 2004, 3, 22-31.
;
? 
S ? ? 9.55732 6.39887 ? ? 1.23737  29.19336 ? ? 0.0 
;2-Gaussian fit: Grosse-Kunstleve RW, Sauter NK, Adams PD: Newsletter of the IUCr Commission on Crystallographic Computing 2004, 3, 22-31.
;
? 
# 
loop_
_atom_site.group_PDB 
_atom_site.id 
_atom_site.type_symbol 
_atom_site.label_atom_id 
_atom_site.label_alt_id 
_atom_site.label_comp_id 
_atom_site.label_asym_id 
_atom_site.label_entity_id 
_atom_site.label_seq_id 
_atom_site.pdbx_PDB_ins_code 
_atom_site.Cartn_x 
_atom_site.Cartn_y 
_atom_site.Cartn_z 
_atom_site.occupancy 
_atom_site.B_iso_or_equiv 
_atom_site.pdbx_formal_charge 
_atom_site.auth_seq_id 
_atom_site.auth_comp_id 
_atom_site.auth_asym_id 
_atom_site.auth_atom_id 
_atom_site.pdbx_PDB_model_num 
ATOM   1   N N   . ASP A 1 1   ? -9.778  11.964  2.419   1.00 83.74 ? 328 ASP A N   1 
ATOM   2   C CA  . ASP A 1 1   ? -8.485  11.943  1.747   1.00 75.93 ? 328 ASP A CA  1 
ATOM   3   C C   . ASP A 1 1   ? -7.650  13.134  2.172   1.00 78.53 ? 328 ASP A C   1 
ATOM   4   O O   . ASP A 1 1   ? -6.423  13.073  2.165   1.00 78.26 ? 328 ASP A O   1 
ATOM   5   C CB  . ASP A 1 1   ? -8.659  11.939  0.227   1.00 69.46 ? 328 ASP A CB  1 
ATOM   6   N N   . HIS A 1 2   ? -8.327  14.225  2.539   0.90 81.87 ? 329 HIS A N   1 
ATOM   7   C CA  . HIS A 1 2   ? -7.609  15.405  3.010   0.90 81.14 ? 329 HIS A CA  1 
ATOM   8   C C   . HIS A 1 2   ? -6.925  15.145  4.346   0.90 79.48 ? 329 HIS A C   1 
ATOM   9   O O   . HIS A 1 2   ? -5.895  15.760  4.643   0.90 79.74 ? 329 HIS A O   1 
ATOM   10  C CB  . HIS A 1 2   ? -8.567  16.595  3.121   0.90 85.28 ? 329 HIS A CB  1 
ATOM   11  C CG  . HIS A 1 2   ? -7.893  17.885  3.472   0.90 89.74 ? 329 HIS A CG  1 
ATOM   12  N ND1 . HIS A 1 2   ? -7.993  18.463  4.720   0.90 91.04 ? 329 HIS A ND1 1 
ATOM   13  C CD2 . HIS A 1 2   ? -7.106  18.709  2.739   0.90 90.23 ? 329 HIS A CD2 1 
ATOM   14  C CE1 . HIS A 1 2   ? -7.300  19.587  4.740   0.90 90.49 ? 329 HIS A CE1 1 
ATOM   15  N NE2 . HIS A 1 2   ? -6.752  19.760  3.550   0.90 92.61 ? 329 HIS A NE2 1 
ATOM   16  N N   . PHE A 1 3   ? -7.465  14.229  5.150   1.00 75.93 ? 330 PHE A N   1 
ATOM   17  C CA  . PHE A 1 3   ? -6.908  13.976  6.474   1.00 77.29 ? 330 PHE A CA  1 
ATOM   18  C C   . PHE A 1 3   ? -5.619  13.163  6.419   1.00 73.32 ? 330 PHE A C   1 
ATOM   19  O O   . PHE A 1 3   ? -4.793  13.261  7.334   1.00 71.22 ? 330 PHE A O   1 
ATOM   20  C CB  . PHE A 1 3   ? -7.943  13.270  7.347   1.00 78.21 ? 330 PHE A CB  1 
ATOM   21  C CG  . PHE A 1 3   ? -8.285  11.884  6.884   1.00 76.70 ? 330 PHE A CG  1 
ATOM   22  C CD1 . PHE A 1 3   ? -7.846  10.777  7.594   1.00 75.85 ? 330 PHE A CD1 1 
ATOM   23  C CD2 . PHE A 1 3   ? -9.047  11.687  5.741   1.00 77.29 ? 330 PHE A CD2 1 
ATOM   24  C CE1 . PHE A 1 3   ? -8.163  9.500   7.177   1.00 75.37 ? 330 PHE A CE1 1 
ATOM   25  C CE2 . PHE A 1 3   ? -9.365  10.412  5.313   1.00 76.73 ? 330 PHE A CE2 1 
ATOM   26  C CZ  . PHE A 1 3   ? -8.923  9.317   6.032   1.00 77.89 ? 330 PHE A CZ  1 
ATOM   27  N N   . LEU A 1 4   ? -5.430  12.359  5.375   1.00 70.70 ? 331 LEU A N   1 
ATOM   28  C CA  . LEU A 1 4   ? -4.180  11.635  5.184   1.00 62.38 ? 331 LEU A CA  1 
ATOM   29  C C   . LEU A 1 4   ? -3.066  12.514  4.629   1.00 60.93 ? 331 LEU A C   1 
ATOM   30  O O   . LEU A 1 4   ? -1.929  12.044  4.508   1.00 54.40 ? 331 LEU A O   1 
ATOM   31  C CB  . LEU A 1 4   ? -4.400  10.446  4.248   1.00 59.82 ? 331 LEU A CB  1 
ATOM   32  C CG  . LEU A 1 4   ? -5.374  9.366   4.712   1.00 61.71 ? 331 LEU A CG  1 
ATOM   33  C CD1 . LEU A 1 4   ? -5.587  8.343   3.615   1.00 59.77 ? 331 LEU A CD1 1 
ATOM   34  C CD2 . LEU A 1 4   ? -4.855  8.694   5.968   1.00 59.65 ? 331 LEU A CD2 1 
ATOM   35  N N   . SER A 1 5   ? -3.360  13.778  4.302   1.00 62.33 ? 332 SER A N   1 
ATOM   36  C CA  . SER A 1 5   ? -2.390  14.631  3.626   1.00 60.54 ? 332 SER A CA  1 
ATOM   37  C C   . SER A 1 5   ? -1.194  14.977  4.500   1.00 55.85 ? 332 SER A C   1 
ATOM   38  O O   . SER A 1 5   ? -0.163  15.401  3.971   1.00 56.93 ? 332 SER A O   1 
ATOM   39  C CB  . SER A 1 5   ? -3.062  15.917  3.147   1.00 69.03 ? 332 SER A CB  1 
ATOM   40  O OG  . SER A 1 5   ? -3.634  16.624  4.233   1.00 71.02 ? 332 SER A OG  1 
ATOM   41  N N   A CYS A 1 6   ? -1.302  14.823  5.821   0.58 58.15 ? 333 CYS A N   1 
ATOM   42  N N   B CYS A 1 6   ? -1.307  14.805  5.816   0.42 58.22 ? 333 CYS A N   1 
ATOM   43  C CA  A CYS A 1 6   ? -0.164  15.118  6.682   0.58 56.45 ? 333 CYS A CA  1 
ATOM   44  C CA  B CYS A 1 6   ? -0.207  15.090  6.725   0.42 56.45 ? 333 CYS A CA  1 
ATOM   45  C C   A CYS A 1 6   ? 0.963   14.105  6.526   0.58 54.72 ? 333 CYS A C   1 
ATOM   46  C C   B CYS A 1 6   ? 0.888   14.031  6.694   0.42 54.74 ? 333 CYS A C   1 
ATOM   47  O O   A CYS A 1 6   ? 2.108   14.417  6.868   0.58 54.36 ? 333 CYS A O   1 
ATOM   48  O O   B CYS A 1 6   ? 1.942   14.242  7.304   0.42 54.62 ? 333 CYS A O   1 
ATOM   49  C CB  A CYS A 1 6   ? -0.607  15.184  8.147   0.58 58.57 ? 333 CYS A CB  1 
ATOM   50  C CB  B CYS A 1 6   ? -0.742  15.243  8.152   0.42 58.57 ? 333 CYS A CB  1 
ATOM   51  S SG  A CYS A 1 6   ? -1.394  16.742  8.643   0.58 62.34 ? 333 CYS A SG  1 
ATOM   52  S SG  B CYS A 1 6   ? -2.056  14.071  8.586   0.42 63.13 ? 333 CYS A SG  1 
ATOM   53  N N   . TYR A 1 7   ? 0.671   12.910  6.009   1.00 51.14 ? 334 TYR A N   1 
ATOM   54  C CA  . TYR A 1 7   ? 1.700   11.876  5.976   1.00 48.58 ? 334 TYR A CA  1 
ATOM   55  C C   . TYR A 1 7   ? 2.549   11.980  4.714   1.00 47.67 ? 334 TYR A C   1 
ATOM   56  O O   . TYR A 1 7   ? 2.014   12.154  3.618   1.00 47.61 ? 334 TYR A O   1 
ATOM   57  C CB  . TYR A 1 7   ? 1.077   10.485  6.045   1.00 45.16 ? 334 TYR A CB  1 
ATOM   58  C CG  . TYR A 1 7   ? 0.237   10.240  7.282   1.00 46.01 ? 334 TYR A CG  1 
ATOM   59  C CD1 . TYR A 1 7   ? 0.821   10.156  8.538   1.00 45.25 ? 334 TYR A CD1 1 
ATOM   60  C CD2 . TYR A 1 7   ? -1.137  10.073  7.184   1.00 48.67 ? 334 TYR A CD2 1 
ATOM   61  C CE1 . TYR A 1 7   ? 0.054   9.928   9.669   1.00 54.61 ? 334 TYR A CE1 1 
ATOM   62  C CE2 . TYR A 1 7   ? -1.912  9.839   8.303   1.00 53.88 ? 334 TYR A CE2 1 
ATOM   63  C CZ  . TYR A 1 7   ? -1.314  9.766   9.545   1.00 53.69 ? 334 TYR A CZ  1 
ATOM   64  O OH  . TYR A 1 7   ? -2.084  9.537   10.658  1.00 48.92 ? 334 TYR A OH  1 
ATOM   65  N N   . PRO A 1 8   ? 3.875   11.848  4.834   1.00 45.77 ? 335 PRO A N   1 
ATOM   66  C CA  . PRO A 1 8   ? 4.743   12.016  3.653   1.00 45.56 ? 335 PRO A CA  1 
ATOM   67  C C   . PRO A 1 8   ? 4.640   10.892  2.636   1.00 45.04 ? 335 PRO A C   1 
ATOM   68  O O   . PRO A 1 8   ? 5.175   11.041  1.530   1.00 41.02 ? 335 PRO A O   1 
ATOM   69  C CB  . PRO A 1 8   ? 6.154   12.083  4.254   1.00 43.02 ? 335 PRO A CB  1 
ATOM   70  C CG  . PRO A 1 8   ? 6.035   11.379  5.583   1.00 44.51 ? 335 PRO A CG  1 
ATOM   71  C CD  . PRO A 1 8   ? 4.646   11.664  6.076   1.00 42.73 ? 335 PRO A CD  1 
ATOM   72  N N   . TRP A 1 9   ? 3.974   9.785   2.959   1.00 41.33 ? 336 TRP A N   1 
ATOM   73  C CA  . TRP A 1 9   ? 3.846   8.664   2.040   1.00 40.35 ? 336 TRP A CA  1 
ATOM   74  C C   . TRP A 1 9   ? 2.505   8.629   1.314   1.00 41.04 ? 336 TRP A C   1 
ATOM   75  O O   . TRP A 1 9   ? 2.261   7.697   0.549   1.00 36.81 ? 336 TRP A O   1 
ATOM   76  C CB  . TRP A 1 9   ? 4.062   7.346   2.785   1.00 38.77 ? 336 TRP A CB  1 
ATOM   77  C CG  . TRP A 1 9   ? 3.433   7.326   4.135   1.00 39.59 ? 336 TRP A CG  1 
ATOM   78  C CD1 . TRP A 1 9   ? 4.070   7.493   5.330   1.00 40.73 ? 336 TRP A CD1 1 
ATOM   79  C CD2 . TRP A 1 9   ? 2.043   7.143   4.441   1.00 38.29 ? 336 TRP A CD2 1 
ATOM   80  N NE1 . TRP A 1 9   ? 3.165   7.425   6.358   1.00 39.98 ? 336 TRP A NE1 1 
ATOM   81  C CE2 . TRP A 1 9   ? 1.915   7.204   5.843   1.00 39.20 ? 336 TRP A CE2 1 
ATOM   82  C CE3 . TRP A 1 9   ? 0.897   6.928   3.669   1.00 38.67 ? 336 TRP A CE3 1 
ATOM   83  C CZ2 . TRP A 1 9   ? 0.686   7.062   6.492   1.00 41.64 ? 336 TRP A CZ2 1 
ATOM   84  C CZ3 . TRP A 1 9   ? -0.321  6.781   4.310   1.00 40.03 ? 336 TRP A CZ3 1 
ATOM   85  C CH2 . TRP A 1 9   ? -0.418  6.853   5.711   1.00 42.35 ? 336 TRP A CH2 1 
ATOM   86  N N   . PHE A 1 10  ? 1.636   9.612   1.535   1.00 43.11 ? 337 PHE A N   1 
ATOM   87  C CA  . PHE A 1 10  ? 0.330   9.672   0.892   1.00 43.40 ? 337 PHE A CA  1 
ATOM   88  C C   . PHE A 1 10  ? 0.416   10.581  -0.327  1.00 45.15 ? 337 PHE A C   1 
ATOM   89  O O   . PHE A 1 10  ? 0.802   11.749  -0.210  1.00 43.76 ? 337 PHE A O   1 
ATOM   90  C CB  . PHE A 1 10  ? -0.740  10.177  1.859   1.00 45.58 ? 337 PHE A CB  1 
ATOM   91  C CG  . PHE A 1 10  ? -2.095  10.326  1.231   1.00 50.89 ? 337 PHE A CG  1 
ATOM   92  C CD1 . PHE A 1 10  ? -2.806  9.212   0.818   1.00 47.29 ? 337 PHE A CD1 1 
ATOM   93  C CD2 . PHE A 1 10  ? -2.657  11.578  1.047   1.00 52.05 ? 337 PHE A CD2 1 
ATOM   94  C CE1 . PHE A 1 10  ? -4.056  9.342   0.236   1.00 49.79 ? 337 PHE A CE1 1 
ATOM   95  C CE2 . PHE A 1 10  ? -3.907  11.715  0.465   1.00 53.87 ? 337 PHE A CE2 1 
ATOM   96  C CZ  . PHE A 1 10  ? -4.607  10.593  0.062   1.00 56.14 ? 337 PHE A CZ  1 
ATOM   97  N N   . HIS A 1 11  ? 0.053   10.048  -1.492  1.00 47.29 ? 338 HIS A N   1 
ATOM   98  C CA  . HIS A 1 11  ? 0.200   10.760  -2.754  1.00 46.38 ? 338 HIS A CA  1 
ATOM   99  C C   . HIS A 1 11  ? -1.125  11.208  -3.353  1.00 47.36 ? 338 HIS A C   1 
ATOM   100 O O   . HIS A 1 11  ? -1.131  11.830  -4.419  1.00 51.26 ? 338 HIS A O   1 
ATOM   101 C CB  . HIS A 1 11  ? 0.972   9.888   -3.752  1.00 43.80 ? 338 HIS A CB  1 
ATOM   102 C CG  . HIS A 1 11  ? 2.409   9.681   -3.377  1.00 42.29 ? 338 HIS A CG  1 
ATOM   103 N ND1 . HIS A 1 11  ? 3.454   10.081  -4.180  1.00 39.57 ? 338 HIS A ND1 1 
ATOM   104 C CD2 . HIS A 1 11  ? 2.971   9.136   -2.272  1.00 41.64 ? 338 HIS A CD2 1 
ATOM   105 C CE1 . HIS A 1 11  ? 4.599   9.784   -3.592  1.00 39.21 ? 338 HIS A CE1 1 
ATOM   106 N NE2 . HIS A 1 11  ? 4.334   9.210   -2.432  1.00 42.04 ? 338 HIS A NE2 1 
ATOM   107 N N   . GLY A 1 12  ? -2.244  10.928  -2.695  1.00 51.46 ? 339 GLY A N   1 
ATOM   108 C CA  . GLY A 1 12  ? -3.527  11.409  -3.147  1.00 52.70 ? 339 GLY A CA  1 
ATOM   109 C C   . GLY A 1 12  ? -3.981  10.788  -4.452  1.00 56.01 ? 339 GLY A C   1 
ATOM   110 O O   . GLY A 1 12  ? -3.966  9.566   -4.628  1.00 55.26 ? 339 GLY A O   1 
ATOM   111 N N   . PRO A 1 13  ? -4.406  11.626  -5.398  1.00 57.37 ? 340 PRO A N   1 
ATOM   112 C CA  . PRO A 1 13  ? -5.042  11.099  -6.607  1.00 55.51 ? 340 PRO A CA  1 
ATOM   113 C C   . PRO A 1 13  ? -4.070  10.927  -7.763  1.00 55.06 ? 340 PRO A C   1 
ATOM   114 O O   . PRO A 1 13  ? -4.402  11.243  -8.909  1.00 56.63 ? 340 PRO A O   1 
ATOM   115 C CB  . PRO A 1 13  ? -6.104  12.155  -6.912  1.00 55.89 ? 340 PRO A CB  1 
ATOM   116 C CG  . PRO A 1 13  ? -5.455  13.439  -6.450  1.00 55.27 ? 340 PRO A CG  1 
ATOM   117 C CD  . PRO A 1 13  ? -4.489  13.096  -5.335  1.00 55.05 ? 340 PRO A CD  1 
ATOM   118 N N   . ILE A 1 14  ? -2.859  10.444  -7.474  1.00 56.86 ? 341 ILE A N   1 
ATOM   119 C CA  . ILE A 1 14  ? -1.968  10.051  -8.555  1.00 51.61 ? 341 ILE A CA  1 
ATOM   120 C C   . ILE A 1 14  ? -2.465  8.752   -9.178  1.00 52.52 ? 341 ILE A C   1 
ATOM   121 O O   . ILE A 1 14  ? -3.181  7.953   -8.558  1.00 53.08 ? 341 ILE A O   1 
ATOM   122 C CB  . ILE A 1 14  ? -0.516  9.911   -8.075  1.00 52.99 ? 341 ILE A CB  1 
ATOM   123 C CG1 . ILE A 1 14  ? -0.377  8.711   -7.134  1.00 49.31 ? 341 ILE A CG1 1 
ATOM   124 C CG2 . ILE A 1 14  ? -0.070  11.180  -7.382  1.00 53.76 ? 341 ILE A CG2 1 
ATOM   125 C CD1 . ILE A 1 14  ? 1.048   8.259   -6.941  1.00 48.00 ? 341 ILE A CD1 1 
ATOM   126 N N   . SER A 1 15  ? -2.091  8.546   -10.436 1.00 51.27 ? 342 SER A N   1 
ATOM   127 C CA  . SER A 1 15  ? -2.604  7.416   -11.186 1.00 46.74 ? 342 SER A CA  1 
ATOM   128 C C   . SER A 1 15  ? -1.884  6.133   -10.789 1.00 46.19 ? 342 SER A C   1 
ATOM   129 O O   . SER A 1 15  ? -0.781  6.149   -10.238 1.00 47.32 ? 342 SER A O   1 
ATOM   130 C CB  . SER A 1 15  ? -2.451  7.650   -12.689 1.00 47.18 ? 342 SER A CB  1 
ATOM   131 O OG  . SER A 1 15  ? -1.102  7.495   -13.091 1.00 46.08 ? 342 SER A OG  1 
ATOM   132 N N   . ARG A 1 16  ? -2.535  5.009   -11.091 1.00 48.41 ? 343 ARG A N   1 
ATOM   133 C CA  . ARG A 1 16  ? -1.928  3.701   -10.879 1.00 47.97 ? 343 ARG A CA  1 
ATOM   134 C C   . ARG A 1 16  ? -0.607  3.572   -11.631 1.00 48.06 ? 343 ARG A C   1 
ATOM   135 O O   . ARG A 1 16  ? 0.372   3.036   -11.096 1.00 45.28 ? 343 ARG A O   1 
ATOM   136 C CB  . ARG A 1 16  ? -2.910  2.617   -11.315 1.00 45.39 ? 343 ARG A CB  1 
ATOM   137 C CG  . ARG A 1 16  ? -2.337  1.224   -11.409 1.00 48.96 ? 343 ARG A CG  1 
ATOM   138 C CD  . ARG A 1 16  ? -3.342  0.315   -12.089 1.00 49.83 ? 343 ARG A CD  1 
ATOM   139 N NE  . ARG A 1 16  ? -2.907  -1.074  -12.147 1.00 51.49 ? 343 ARG A NE  1 
ATOM   140 C CZ  . ARG A 1 16  ? -3.375  -2.036  -11.364 1.00 53.42 ? 343 ARG A CZ  1 
ATOM   141 N NH1 . ARG A 1 16  ? -4.272  -1.786  -10.421 1.00 51.74 ? 343 ARG A NH1 1 
ATOM   142 N NH2 . ARG A 1 16  ? -2.940  -3.285  -11.538 1.00 47.49 ? 343 ARG A NH2 1 
ATOM   143 N N   . VAL A 1 17  ? -0.562  4.062   -12.871 1.00 46.07 ? 344 VAL A N   1 
ATOM   144 C CA  . VAL A 1 17  ? 0.659   3.959   -13.661 1.00 43.84 ? 344 VAL A CA  1 
ATOM   145 C C   . VAL A 1 17  ? 1.753   4.824   -13.056 1.00 40.66 ? 344 VAL A C   1 
ATOM   146 O O   . VAL A 1 17  ? 2.906   4.396   -12.931 1.00 40.02 ? 344 VAL A O   1 
ATOM   147 C CB  . VAL A 1 17  ? 0.379   4.338   -15.128 1.00 45.69 ? 344 VAL A CB  1 
ATOM   148 C CG1 . VAL A 1 17  ? 1.682   4.436   -15.913 1.00 45.85 ? 344 VAL A CG1 1 
ATOM   149 C CG2 . VAL A 1 17  ? -0.556  3.320   -15.758 1.00 44.80 ? 344 VAL A CG2 1 
ATOM   150 N N   . ARG A 1 18  ? 1.412   6.056   -12.679 1.00 42.88 ? 345 ARG A N   1 
ATOM   151 C CA  . ARG A 1 18  ? 2.381   6.923   -12.024 1.00 45.42 ? 345 ARG A CA  1 
ATOM   152 C C   . ARG A 1 18  ? 2.864   6.301   -10.717 1.00 44.33 ? 345 ARG A C   1 
ATOM   153 O O   . ARG A 1 18  ? 4.067   6.293   -10.432 1.00 40.79 ? 345 ARG A O   1 
ATOM   154 C CB  . ARG A 1 18  ? 1.761   8.298   -11.778 1.00 47.18 ? 345 ARG A CB  1 
ATOM   155 C CG  . ARG A 1 18  ? 2.690   9.282   -11.112 1.00 52.80 ? 345 ARG A CG  1 
ATOM   156 C CD  . ARG A 1 18  ? 3.589   9.938   -12.139 1.00 59.70 ? 345 ARG A CD  1 
ATOM   157 N NE  . ARG A 1 18  ? 4.671   10.700  -11.525 1.00 54.94 ? 345 ARG A NE  1 
ATOM   158 C CZ  . ARG A 1 18  ? 5.917   10.260  -11.403 1.00 57.43 ? 345 ARG A CZ  1 
ATOM   159 N NH1 . ARG A 1 18  ? 6.886   11.040  -10.946 1.00 56.13 ? 345 ARG A NH1 1 
ATOM   160 N NH2 . ARG A 1 18  ? 6.200   9.007   -11.763 1.00 57.25 ? 345 ARG A NH2 1 
ATOM   161 N N   . ALA A 1 19  ? 1.935   5.743   -9.933  1.00 41.40 ? 346 ALA A N   1 
ATOM   162 C CA  . ALA A 1 19  ? 2.299   5.108   -8.670  1.00 44.37 ? 346 ALA A CA  1 
ATOM   163 C C   . ALA A 1 19  ? 3.194   3.897   -8.892  1.00 39.86 ? 346 ALA A C   1 
ATOM   164 O O   . ALA A 1 19  ? 4.185   3.714   -8.175  1.00 37.82 ? 346 ALA A O   1 
ATOM   165 C CB  . ALA A 1 19  ? 1.040   4.702   -7.909  1.00 40.29 ? 346 ALA A CB  1 
ATOM   166 N N   . ALA A 1 20  ? 2.850   3.056   -9.870  1.00 38.95 ? 347 ALA A N   1 
ATOM   167 C CA  . ALA A 1 20  ? 3.675   1.896   -10.194 1.00 40.83 ? 347 ALA A CA  1 
ATOM   168 C C   . ALA A 1 20  ? 5.095   2.310   -10.561 1.00 40.30 ? 347 ALA A C   1 
ATOM   169 O O   . ALA A 1 20  ? 6.066   1.696   -10.108 1.00 39.61 ? 347 ALA A O   1 
ATOM   170 C CB  . ALA A 1 20  ? 3.042   1.101   -11.339 1.00 37.79 ? 347 ALA A CB  1 
ATOM   171 N N   . GLN A 1 21  ? 5.237   3.354   -11.376 1.00 41.09 ? 348 GLN A N   1 
ATOM   172 C CA  . GLN A 1 21  ? 6.575   3.786   -11.768 1.00 40.18 ? 348 GLN A CA  1 
ATOM   173 C C   . GLN A 1 21  ? 7.323   4.435   -10.611 1.00 34.93 ? 348 GLN A C   1 
ATOM   174 O O   . GLN A 1 21  ? 8.554   4.352   -10.549 1.00 36.14 ? 348 GLN A O   1 
ATOM   175 C CB  . GLN A 1 21  ? 6.493   4.743   -12.957 1.00 38.01 ? 348 GLN A CB  1 
ATOM   176 C CG  . GLN A 1 21  ? 5.944   4.100   -14.215 1.00 38.75 ? 348 GLN A CG  1 
ATOM   177 C CD  . GLN A 1 21  ? 6.566   4.681   -15.459 1.00 40.52 ? 348 GLN A CD  1 
ATOM   178 O OE1 . GLN A 1 21  ? 6.651   5.895   -15.608 1.00 38.42 ? 348 GLN A OE1 1 
ATOM   179 N NE2 . GLN A 1 21  ? 7.035   3.818   -16.345 1.00 38.68 ? 348 GLN A NE2 1 
ATOM   180 N N   . LEU A 1 22  ? 6.614   5.096   -9.698  1.00 36.89 ? 349 LEU A N   1 
ATOM   181 C CA  . LEU A 1 22  ? 7.290   5.664   -8.538  1.00 37.74 ? 349 LEU A CA  1 
ATOM   182 C C   . LEU A 1 22  ? 7.951   4.573   -7.697  1.00 35.34 ? 349 LEU A C   1 
ATOM   183 O O   . LEU A 1 22  ? 9.124   4.692   -7.331  1.00 40.23 ? 349 LEU A O   1 
ATOM   184 C CB  . LEU A 1 22  ? 6.312   6.496   -7.706  1.00 41.56 ? 349 LEU A CB  1 
ATOM   185 C CG  . LEU A 1 22  ? 6.043   7.902   -8.255  1.00 44.18 ? 349 LEU A CG  1 
ATOM   186 C CD1 . LEU A 1 22  ? 5.107   8.666   -7.342  1.00 46.51 ? 349 LEU A CD1 1 
ATOM   187 C CD2 . LEU A 1 22  ? 7.344   8.672   -8.443  1.00 43.07 ? 349 LEU A CD2 1 
ATOM   188 N N   . VAL A 1 23  ? 7.232   3.484   -7.407  1.00 37.45 ? 350 VAL A N   1 
ATOM   189 C CA  . VAL A 1 23  ? 7.812   2.451   -6.543  1.00 38.38 ? 350 VAL A CA  1 
ATOM   190 C C   . VAL A 1 23  ? 8.729   1.495   -7.299  1.00 40.27 ? 350 VAL A C   1 
ATOM   191 O O   . VAL A 1 23  ? 9.558   0.825   -6.670  1.00 35.55 ? 350 VAL A O   1 
ATOM   192 C CB  . VAL A 1 23  ? 6.735   1.632   -5.811  1.00 36.21 ? 350 VAL A CB  1 
ATOM   193 C CG1 . VAL A 1 23  ? 5.843   2.541   -4.993  1.00 33.53 ? 350 VAL A CG1 1 
ATOM   194 C CG2 . VAL A 1 23  ? 5.923   0.798   -6.798  1.00 39.35 ? 350 VAL A CG2 1 
ATOM   195 N N   . GLN A 1 24  ? 8.621   1.413   -8.627  1.00 39.22 ? 351 GLN A N   1 
ATOM   196 C CA  . GLN A 1 24  ? 9.511   0.554   -9.400  1.00 38.90 ? 351 GLN A CA  1 
ATOM   197 C C   . GLN A 1 24  ? 10.812  1.236   -9.786  1.00 39.01 ? 351 GLN A C   1 
ATOM   198 O O   . GLN A 1 24  ? 11.725  0.552   -10.259 1.00 41.44 ? 351 GLN A O   1 
ATOM   199 C CB  . GLN A 1 24  ? 8.816   0.065   -10.678 1.00 40.88 ? 351 GLN A CB  1 
ATOM   200 C CG  . GLN A 1 24  ? 7.652   -0.881  -10.428 1.00 40.37 ? 351 GLN A CG  1 
ATOM   201 C CD  . GLN A 1 24  ? 6.857   -1.178  -11.683 1.00 43.48 ? 351 GLN A CD  1 
ATOM   202 O OE1 . GLN A 1 24  ? 6.204   -2.212  -11.781 1.00 49.43 ? 351 GLN A OE1 1 
ATOM   203 N NE2 . GLN A 1 24  ? 6.896   -0.266  -12.643 1.00 45.51 ? 351 GLN A NE2 1 
ATOM   204 N N   . LEU A 1 25  ? 10.923  2.553   -9.573  1.00 38.18 ? 352 LEU A N   1 
ATOM   205 C CA  . LEU A 1 25  ? 12.017  3.319   -10.168 1.00 42.62 ? 352 LEU A CA  1 
ATOM   206 C C   . LEU A 1 25  ? 13.378  2.797   -9.731  1.00 44.06 ? 352 LEU A C   1 
ATOM   207 O O   . LEU A 1 25  ? 14.316  2.739   -10.534 1.00 41.97 ? 352 LEU A O   1 
ATOM   208 C CB  . LEU A 1 25  ? 11.881  4.800   -9.808  1.00 43.15 ? 352 LEU A CB  1 
ATOM   209 C CG  . LEU A 1 25  ? 13.034  5.705   -10.250 1.00 41.47 ? 352 LEU A CG  1 
ATOM   210 C CD1 . LEU A 1 25  ? 12.638  6.532   -11.445 1.00 39.65 ? 352 LEU A CD1 1 
ATOM   211 C CD2 . LEU A 1 25  ? 13.471  6.605   -9.110  1.00 49.55 ? 352 LEU A CD2 1 
ATOM   212 N N   . GLN A 1 26  ? 13.506  2.403   -8.472  1.00 46.09 ? 353 GLN A N   1 
ATOM   213 C CA  . GLN A 1 26  ? 14.788  1.951   -7.953  1.00 47.75 ? 353 GLN A CA  1 
ATOM   214 C C   . GLN A 1 26  ? 15.002  0.458   -8.138  1.00 44.02 ? 353 GLN A C   1 
ATOM   215 O O   . GLN A 1 26  ? 16.018  -0.069  -7.675  1.00 50.48 ? 353 GLN A O   1 
ATOM   216 C CB  . GLN A 1 26  ? 14.908  2.342   -6.481  1.00 51.30 ? 353 GLN A CB  1 
ATOM   217 C CG  . GLN A 1 26  ? 14.341  3.735   -6.228  1.00 55.54 ? 353 GLN A CG  1 
ATOM   218 C CD  . GLN A 1 26  ? 14.611  4.242   -4.829  1.00 62.64 ? 353 GLN A CD  1 
ATOM   219 O OE1 . GLN A 1 26  ? 15.740  4.164   -4.339  1.00 61.77 ? 353 GLN A OE1 1 
ATOM   220 N NE2 . GLN A 1 26  ? 13.576  4.765   -4.175  1.00 62.20 ? 353 GLN A NE2 1 
ATOM   221 N N   . GLY A 1 27  ? 14.079  -0.226  -8.809  1.00 44.77 ? 354 GLY A N   1 
ATOM   222 C CA  . GLY A 1 27  ? 14.265  -1.607  -9.182  1.00 45.13 ? 354 GLY A CA  1 
ATOM   223 C C   . GLY A 1 27  ? 14.116  -2.563  -8.018  1.00 50.03 ? 354 GLY A C   1 
ATOM   224 O O   . GLY A 1 27  ? 13.618  -2.208  -6.942  1.00 44.94 ? 354 GLY A O   1 
ATOM   225 N N   . PRO A 1 28  ? 14.567  -3.804  -8.215  1.00 51.57 ? 355 PRO A N   1 
ATOM   226 C CA  . PRO A 1 28  ? 14.385  -4.833  -7.177  1.00 48.65 ? 355 PRO A CA  1 
ATOM   227 C C   . PRO A 1 28  ? 15.061  -4.526  -5.852  1.00 48.96 ? 355 PRO A C   1 
ATOM   228 O O   . PRO A 1 28  ? 14.705  -5.148  -4.842  1.00 52.52 ? 355 PRO A O   1 
ATOM   229 C CB  . PRO A 1 28  ? 14.976  -6.093  -7.824  1.00 46.78 ? 355 PRO A CB  1 
ATOM   230 C CG  . PRO A 1 28  ? 15.817  -5.592  -8.970  1.00 52.23 ? 355 PRO A CG  1 
ATOM   231 C CD  . PRO A 1 28  ? 15.150  -4.354  -9.448  1.00 47.97 ? 355 PRO A CD  1 
ATOM   232 N N   . ASP A 1 29  ? 16.026  -3.605  -5.810  1.00 48.32 ? 356 ASP A N   1 
ATOM   233 C CA  . ASP A 1 29  ? 16.585  -3.209  -4.522  1.00 50.79 ? 356 ASP A CA  1 
ATOM   234 C C   . ASP A 1 29  ? 15.578  -2.436  -3.678  1.00 47.57 ? 356 ASP A C   1 
ATOM   235 O O   . ASP A 1 29  ? 15.733  -2.376  -2.455  1.00 53.40 ? 356 ASP A O   1 
ATOM   236 C CB  . ASP A 1 29  ? 17.855  -2.368  -4.715  1.00 55.90 ? 356 ASP A CB  1 
ATOM   237 C CG  . ASP A 1 29  ? 19.086  -3.218  -5.037  1.00 64.92 ? 356 ASP A CG  1 
ATOM   238 O OD1 . ASP A 1 29  ? 18.965  -4.462  -5.116  1.00 63.26 ? 356 ASP A OD1 1 
ATOM   239 O OD2 . ASP A 1 29  ? 20.182  -2.636  -5.209  1.00 67.65 ? 356 ASP A OD2 1 
ATOM   240 N N   . ALA A 1 30  ? 14.556  -1.849  -4.300  1.00 45.07 ? 357 ALA A N   1 
ATOM   241 C CA  . ALA A 1 30  ? 13.500  -1.135  -3.599  1.00 42.69 ? 357 ALA A CA  1 
ATOM   242 C C   . ALA A 1 30  ? 12.368  -2.055  -3.154  1.00 42.54 ? 357 ALA A C   1 
ATOM   243 O O   . ALA A 1 30  ? 11.267  -1.573  -2.861  1.00 39.16 ? 357 ALA A O   1 
ATOM   244 C CB  . ALA A 1 30  ? 12.949  -0.011  -4.479  1.00 42.29 ? 357 ALA A CB  1 
ATOM   245 N N   . HIS A 1 31  ? 12.610  -3.364  -3.120  1.00 42.34 ? 358 HIS A N   1 
ATOM   246 C CA  . HIS A 1 31  ? 11.646  -4.325  -2.603  1.00 41.95 ? 358 HIS A CA  1 
ATOM   247 C C   . HIS A 1 31  ? 11.078  -3.851  -1.270  1.00 42.52 ? 358 HIS A C   1 
ATOM   248 O O   . HIS A 1 31  ? 11.816  -3.671  -0.300  1.00 42.95 ? 358 HIS A O   1 
ATOM   249 C CB  . HIS A 1 31  ? 12.334  -5.685  -2.447  1.00 41.94 ? 358 HIS A CB  1 
ATOM   250 C CG  . HIS A 1 31  ? 11.453  -6.760  -1.894  1.00 46.69 ? 358 HIS A CG  1 
ATOM   251 N ND1 . HIS A 1 31  ? 10.478  -7.381  -2.644  1.00 45.23 ? 358 HIS A ND1 1 
ATOM   252 C CD2 . HIS A 1 31  ? 11.401  -7.329  -0.665  1.00 42.24 ? 358 HIS A CD2 1 
ATOM   253 C CE1 . HIS A 1 31  ? 9.864   -8.286  -1.903  1.00 45.64 ? 358 HIS A CE1 1 
ATOM   254 N NE2 . HIS A 1 31  ? 10.405  -8.275  -0.698  1.00 46.39 ? 358 HIS A NE2 1 
ATOM   255 N N   . GLY A 1 32  ? 9.769   -3.609  -1.234  1.00 40.29 ? 359 GLY A N   1 
ATOM   256 C CA  . GLY A 1 32  ? 9.088   -3.186  -0.031  1.00 40.31 ? 359 GLY A CA  1 
ATOM   257 C C   . GLY A 1 32  ? 8.716   -1.719  0.017   1.00 40.53 ? 359 GLY A C   1 
ATOM   258 O O   . GLY A 1 32  ? 7.876   -1.344  0.847   1.00 39.50 ? 359 GLY A O   1 
ATOM   259 N N   . VAL A 1 33  ? 9.313   -0.869  -0.827  1.00 37.92 ? 360 VAL A N   1 
ATOM   260 C CA  . VAL A 1 33  ? 8.963   0.547   -0.795  1.00 38.00 ? 360 VAL A CA  1 
ATOM   261 C C   . VAL A 1 33  ? 7.526   0.716   -1.265  1.00 37.72 ? 360 VAL A C   1 
ATOM   262 O O   . VAL A 1 33  ? 7.061   0.015   -2.173  1.00 33.55 ? 360 VAL A O   1 
ATOM   263 C CB  . VAL A 1 33  ? 9.932   1.405   -1.630  1.00 40.28 ? 360 VAL A CB  1 
ATOM   264 C CG1 . VAL A 1 33  ? 11.371  1.156   -1.202  1.00 40.63 ? 360 VAL A CG1 1 
ATOM   265 C CG2 . VAL A 1 33  ? 9.747   1.171   -3.132  1.00 39.56 ? 360 VAL A CG2 1 
ATOM   266 N N   . PHE A 1 34  ? 6.808   1.632   -0.627  1.00 38.28 ? 361 PHE A N   1 
ATOM   267 C CA  . PHE A 1 34  ? 5.376   1.747   -0.824  1.00 34.14 ? 361 PHE A CA  1 
ATOM   268 C C   . PHE A 1 34  ? 4.979   3.211   -0.876  1.00 36.19 ? 361 PHE A C   1 
ATOM   269 O O   . PHE A 1 34  ? 5.743   4.109   -0.525  1.00 41.38 ? 361 PHE A O   1 
ATOM   270 C CB  . PHE A 1 34  ? 4.602   1.057   0.303   1.00 36.37 ? 361 PHE A CB  1 
ATOM   271 C CG  . PHE A 1 34  ? 4.780   1.719   1.639   1.00 36.84 ? 361 PHE A CG  1 
ATOM   272 C CD1 . PHE A 1 34  ? 3.879   2.667   2.087   1.00 38.28 ? 361 PHE A CD1 1 
ATOM   273 C CD2 . PHE A 1 34  ? 5.865   1.410   2.438   1.00 37.03 ? 361 PHE A CD2 1 
ATOM   274 C CE1 . PHE A 1 34  ? 4.054   3.282   3.314   1.00 37.59 ? 361 PHE A CE1 1 
ATOM   275 C CE2 . PHE A 1 34  ? 6.045   2.023   3.656   1.00 36.57 ? 361 PHE A CE2 1 
ATOM   276 C CZ  . PHE A 1 34  ? 5.136   2.961   4.093   1.00 37.14 ? 361 PHE A CZ  1 
ATOM   277 N N   . LEU A 1 35  ? 3.744   3.427   -1.295  1.00 36.42 ? 362 LEU A N   1 
ATOM   278 C CA  . LEU A 1 35  ? 3.064   4.692   -1.114  1.00 37.43 ? 362 LEU A CA  1 
ATOM   279 C C   . LEU A 1 35  ? 1.593   4.361   -0.950  1.00 33.88 ? 362 LEU A C   1 
ATOM   280 O O   . LEU A 1 35  ? 1.162   3.233   -1.195  1.00 36.40 ? 362 LEU A O   1 
ATOM   281 C CB  . LEU A 1 35  ? 3.317   5.649   -2.289  1.00 38.42 ? 362 LEU A CB  1 
ATOM   282 C CG  . LEU A 1 35  ? 2.933   5.185   -3.700  1.00 38.37 ? 362 LEU A CG  1 
ATOM   283 C CD1 . LEU A 1 35  ? 1.445   5.338   -3.980  1.00 35.46 ? 362 LEU A CD1 1 
ATOM   284 C CD2 . LEU A 1 35  ? 3.744   5.956   -4.733  1.00 35.53 ? 362 LEU A CD2 1 
ATOM   285 N N   . VAL A 1 36  ? 0.819   5.351   -0.535  1.00 37.06 ? 363 VAL A N   1 
ATOM   286 C CA  . VAL A 1 36  ? -0.629  5.218   -0.466  1.00 39.71 ? 363 VAL A CA  1 
ATOM   287 C C   . VAL A 1 36  ? -1.245  6.289   -1.354  1.00 42.36 ? 363 VAL A C   1 
ATOM   288 O O   . VAL A 1 36  ? -0.743  7.417   -1.427  1.00 40.80 ? 363 VAL A O   1 
ATOM   289 C CB  . VAL A 1 36  ? -1.143  5.314   0.985   1.00 36.11 ? 363 VAL A CB  1 
ATOM   290 C CG1 . VAL A 1 36  ? -2.653  5.173   1.028   1.00 35.25 ? 363 VAL A CG1 1 
ATOM   291 C CG2 . VAL A 1 36  ? -0.491  4.219   1.832   1.00 38.29 ? 363 VAL A CG2 1 
ATOM   292 N N   . ARG A 1 37  ? -2.324  5.925   -2.040  1.00 39.97 ? 364 ARG A N   1 
ATOM   293 C CA  . ARG A 1 37  ? -2.963  6.797   -3.009  1.00 46.56 ? 364 ARG A CA  1 
ATOM   294 C C   . ARG A 1 37  ? -4.452  6.506   -3.004  1.00 49.54 ? 364 ARG A C   1 
ATOM   295 O O   . ARG A 1 37  ? -4.890  5.435   -2.577  1.00 51.78 ? 364 ARG A O   1 
ATOM   296 C CB  . ARG A 1 37  ? -2.398  6.582   -4.416  1.00 41.75 ? 364 ARG A CB  1 
ATOM   297 C CG  . ARG A 1 37  ? -2.659  5.175   -4.948  1.00 39.52 ? 364 ARG A CG  1 
ATOM   298 C CD  . ARG A 1 37  ? -2.067  4.988   -6.335  1.00 43.90 ? 364 ARG A CD  1 
ATOM   299 N NE  . ARG A 1 37  ? -2.167  3.610   -6.798  1.00 41.08 ? 364 ARG A NE  1 
ATOM   300 C CZ  . ARG A 1 37  ? -3.251  3.087   -7.356  1.00 46.10 ? 364 ARG A CZ  1 
ATOM   301 N NH1 . ARG A 1 37  ? -4.347  3.804   -7.541  1.00 46.38 ? 364 ARG A NH1 1 
ATOM   302 N NH2 . ARG A 1 37  ? -3.241  1.808   -7.719  1.00 40.91 ? 364 ARG A NH2 1 
ATOM   303 N N   . GLN A 1 38  ? -5.230  7.468   -3.487  1.00 52.85 ? 365 GLN A N   1 
ATOM   304 C CA  . GLN A 1 38  ? -6.637  7.199   -3.731  1.00 53.70 ? 365 GLN A CA  1 
ATOM   305 C C   . GLN A 1 38  ? -6.765  6.266   -4.927  1.00 54.29 ? 365 GLN A C   1 
ATOM   306 O O   . GLN A 1 38  ? -5.948  6.306   -5.852  1.00 55.69 ? 365 GLN A O   1 
ATOM   307 C CB  . GLN A 1 38  ? -7.393  8.501   -3.971  1.00 57.21 ? 365 GLN A CB  1 
ATOM   308 C CG  . GLN A 1 38  ? -7.227  9.503   -2.837  1.00 60.87 ? 365 GLN A CG  1 
ATOM   309 C CD  . GLN A 1 38  ? -7.603  10.919  -3.237  1.00 64.92 ? 365 GLN A CD  1 
ATOM   310 O OE1 . GLN A 1 38  ? -8.423  11.124  -4.130  1.00 62.95 ? 365 GLN A OE1 1 
ATOM   311 N NE2 . GLN A 1 38  ? -6.993  11.903  -2.580  1.00 64.50 ? 365 GLN A NE2 1 
ATOM   312 N N   . SER A 1 39  ? -7.766  5.391   -4.887  1.00 53.38 ? 366 SER A N   1 
ATOM   313 C CA  . SER A 1 39  ? -8.029  4.528   -6.030  1.00 61.40 ? 366 SER A CA  1 
ATOM   314 C C   . SER A 1 39  ? -8.675  5.334   -7.150  1.00 64.27 ? 366 SER A C   1 
ATOM   315 O O   . SER A 1 39  ? -9.562  6.160   -6.914  1.00 64.57 ? 366 SER A O   1 
ATOM   316 C CB  . SER A 1 39  ? -8.932  3.363   -5.631  1.00 63.41 ? 366 SER A CB  1 
ATOM   317 O OG  . SER A 1 39  ? -9.137  2.492   -6.731  1.00 64.50 ? 366 SER A OG  1 
ATOM   318 N N   . GLU A 1 40  ? -8.219  5.104   -8.379  1.00 65.35 ? 367 GLU A N   1 
ATOM   319 C CA  . GLU A 1 40  ? -8.778  5.852   -9.497  1.00 71.79 ? 367 GLU A CA  1 
ATOM   320 C C   . GLU A 1 40  ? -9.923  5.124   -10.188 1.00 74.19 ? 367 GLU A C   1 
ATOM   321 O O   . GLU A 1 40  ? -10.741 5.778   -10.846 1.00 83.87 ? 367 GLU A O   1 
ATOM   322 C CB  . GLU A 1 40  ? -7.680  6.212   -10.514 1.00 70.07 ? 367 GLU A CB  1 
ATOM   323 C CG  . GLU A 1 40  ? -7.126  5.072   -11.361 1.00 68.25 ? 367 GLU A CG  1 
ATOM   324 C CD  . GLU A 1 40  ? -6.120  5.565   -12.403 1.00 68.11 ? 367 GLU A CD  1 
ATOM   325 O OE1 . GLU A 1 40  ? -5.250  4.772   -12.825 1.00 64.56 ? 367 GLU A OE1 1 
ATOM   326 O OE2 . GLU A 1 40  ? -6.197  6.751   -12.800 1.00 67.86 ? 367 GLU A OE2 1 
ATOM   327 N N   . SER A 1 41  ? -10.028 3.805   -10.032 1.00 73.32 ? 368 SER A N   1 
ATOM   328 C CA  . SER A 1 41  ? -11.104 3.044   -10.656 1.00 73.22 ? 368 SER A CA  1 
ATOM   329 C C   . SER A 1 41  ? -12.291 2.802   -9.732  1.00 77.83 ? 368 SER A C   1 
ATOM   330 O O   . SER A 1 41  ? -13.427 2.742   -10.212 1.00 80.43 ? 368 SER A O   1 
ATOM   331 C CB  . SER A 1 41  ? -10.582 1.695   -11.165 1.00 70.20 ? 368 SER A CB  1 
ATOM   332 O OG  . SER A 1 41  ? -10.237 0.835   -10.094 1.00 71.12 ? 368 SER A OG  1 
ATOM   333 N N   . ARG A 1 42  ? -12.060 2.650   -8.428  1.00 76.20 ? 369 ARG A N   1 
ATOM   334 C CA  . ARG A 1 42  ? -13.125 2.486   -7.436  1.00 73.77 ? 369 ARG A CA  1 
ATOM   335 C C   . ARG A 1 42  ? -13.068 3.691   -6.504  1.00 76.87 ? 369 ARG A C   1 
ATOM   336 O O   . ARG A 1 42  ? -12.589 3.588   -5.372  1.00 80.13 ? 369 ARG A O   1 
ATOM   337 C CB  . ARG A 1 42  ? -12.984 1.141   -6.652  1.00 71.90 ? 369 ARG A CB  1 
ATOM   338 C CG  . ARG A 1 42  ? -11.665 0.411   -6.879  1.00 74.46 ? 369 ARG A CG  1 
ATOM   339 C CD  . ARG A 1 42  ? -11.857 -0.850  -7.714  1.00 71.80 ? 369 ARG A CD  1 
ATOM   340 N NE  . ARG A 1 42  ? -12.528 -1.904  -6.962  1.00 79.56 ? 369 ARG A NE  1 
ATOM   341 N N   . ARG A 1 43  ? -13.567 4.832   -6.986  1.00 75.55 ? 370 ARG A N   1 
ATOM   342 C CA  . ARG A 1 43  ? -13.461 6.084   -6.246  1.00 75.51 ? 370 ARG A CA  1 
ATOM   343 C C   . ARG A 1 43  ? -14.047 5.940   -4.846  1.00 75.43 ? 370 ARG A C   1 
ATOM   344 O O   . ARG A 1 43  ? -14.974 5.160   -4.613  1.00 77.93 ? 370 ARG A O   1 
ATOM   345 C CB  . ARG A 1 43  ? -14.161 7.215   -7.003  1.00 77.19 ? 370 ARG A CB  1 
ATOM   346 C CG  . ARG A 1 43  ? -13.494 7.587   -8.323  1.00 78.03 ? 370 ARG A CG  1 
ATOM   347 N N   . GLY A 1 44  ? -13.486 6.703   -3.908  1.00 74.69 ? 371 GLY A N   1 
ATOM   348 C CA  . GLY A 1 44  ? -13.793 6.579   -2.502  1.00 73.57 ? 371 GLY A CA  1 
ATOM   349 C C   . GLY A 1 44  ? -12.852 5.662   -1.745  1.00 69.90 ? 371 GLY A C   1 
ATOM   350 O O   . GLY A 1 44  ? -12.642 5.855   -0.543  1.00 68.22 ? 371 GLY A O   1 
ATOM   351 N N   . GLU A 1 45  ? -12.277 4.672   -2.423  1.00 72.38 ? 372 GLU A N   1 
ATOM   352 C CA  . GLU A 1 45  ? -11.347 3.742   -1.806  1.00 64.83 ? 372 GLU A CA  1 
ATOM   353 C C   . GLU A 1 45  ? -9.911  4.235   -1.965  1.00 61.65 ? 372 GLU A C   1 
ATOM   354 O O   . GLU A 1 45  ? -9.630  5.244   -2.616  1.00 60.90 ? 372 GLU A O   1 
ATOM   355 C CB  . GLU A 1 45  ? -11.499 2.344   -2.408  1.00 66.65 ? 372 GLU A CB  1 
ATOM   356 C CG  . GLU A 1 45  ? -12.878 1.725   -2.247  1.00 69.34 ? 372 GLU A CG  1 
ATOM   357 C CD  . GLU A 1 45  ? -12.900 0.255   -2.626  1.00 75.23 ? 372 GLU A CD  1 
ATOM   358 O OE1 . GLU A 1 45  ? -11.995 -0.489  -2.185  1.00 72.02 ? 372 GLU A OE1 1 
ATOM   359 O OE2 . GLU A 1 45  ? -13.816 -0.155  -3.371  1.00 78.12 ? 372 GLU A OE2 1 
ATOM   360 N N   . TYR A 1 46  ? -8.988  3.499   -1.360  1.00 62.15 ? 373 TYR A N   1 
ATOM   361 C CA  . TYR A 1 46  ? -7.572  3.821   -1.392  1.00 58.56 ? 373 TYR A CA  1 
ATOM   362 C C   . TYR A 1 46  ? -6.794  2.573   -1.779  1.00 54.74 ? 373 TYR A C   1 
ATOM   363 O O   . TYR A 1 46  ? -7.327  1.458   -1.798  1.00 52.85 ? 373 TYR A O   1 
ATOM   364 C CB  . TYR A 1 46  ? -7.101  4.378   -0.039  1.00 54.10 ? 373 TYR A CB  1 
ATOM   365 C CG  . TYR A 1 46  ? -7.801  5.666   0.334   1.00 62.73 ? 373 TYR A CG  1 
ATOM   366 C CD1 . TYR A 1 46  ? -7.204  6.901   0.099   1.00 58.01 ? 373 TYR A CD1 1 
ATOM   367 C CD2 . TYR A 1 46  ? -9.070  5.649   0.899   1.00 63.07 ? 373 TYR A CD2 1 
ATOM   368 C CE1 . TYR A 1 46  ? -7.848  8.078   0.430   1.00 61.26 ? 373 TYR A CE1 1 
ATOM   369 C CE2 . TYR A 1 46  ? -9.719  6.817   1.227   1.00 63.42 ? 373 TYR A CE2 1 
ATOM   370 C CZ  . TYR A 1 46  ? -9.105  8.027   0.994   1.00 63.77 ? 373 TYR A CZ  1 
ATOM   371 O OH  . TYR A 1 46  ? -9.759  9.185   1.325   1.00 68.68 ? 373 TYR A OH  1 
ATOM   372 N N   . VAL A 1 47  ? -5.523  2.774   -2.111  1.00 50.43 ? 374 VAL A N   1 
ATOM   373 C CA  . VAL A 1 47  ? -4.664  1.703   -2.595  1.00 47.61 ? 374 VAL A CA  1 
ATOM   374 C C   . VAL A 1 47  ? -3.311  1.817   -1.914  1.00 41.45 ? 374 VAL A C   1 
ATOM   375 O O   . VAL A 1 47  ? -2.774  2.918   -1.755  1.00 44.38 ? 374 VAL A O   1 
ATOM   376 C CB  . VAL A 1 47  ? -4.501  1.744   -4.131  1.00 43.21 ? 374 VAL A CB  1 
ATOM   377 C CG1 . VAL A 1 47  ? -3.601  0.616   -4.599  1.00 41.27 ? 374 VAL A CG1 1 
ATOM   378 C CG2 . VAL A 1 47  ? -5.847  1.653   -4.812  1.00 48.22 ? 374 VAL A CG2 1 
ATOM   379 N N   . LEU A 1 48  ? -2.766  0.676   -1.508  1.00 38.45 ? 375 LEU A N   1 
ATOM   380 C CA  . LEU A 1 48  ? -1.368  0.562   -1.120  1.00 40.15 ? 375 LEU A CA  1 
ATOM   381 C C   . LEU A 1 48  ? -0.601  0.011   -2.318  1.00 38.89 ? 375 LEU A C   1 
ATOM   382 O O   . LEU A 1 48  ? -0.780  -1.154  -2.689  1.00 39.27 ? 375 LEU A O   1 
ATOM   383 C CB  . LEU A 1 48  ? -1.212  -0.348  0.095   1.00 34.85 ? 375 LEU A CB  1 
ATOM   384 C CG  . LEU A 1 48  ? 0.217   -0.707  0.488   1.00 36.63 ? 375 LEU A CG  1 
ATOM   385 C CD1 . LEU A 1 48  ? 0.919   0.481   1.123   1.00 34.18 ? 375 LEU A CD1 1 
ATOM   386 C CD2 . LEU A 1 48  ? 0.223   -1.922  1.410   1.00 37.73 ? 375 LEU A CD2 1 
ATOM   387 N N   . THR A 1 49  ? 0.240   0.846   -2.924  1.00 35.42 ? 376 THR A N   1 
ATOM   388 C CA  . THR A 1 49  ? 1.082   0.441   -4.044  1.00 37.31 ? 376 THR A CA  1 
ATOM   389 C C   . THR A 1 49  ? 2.501   0.238   -3.534  1.00 34.15 ? 376 THR A C   1 
ATOM   390 O O   . THR A 1 49  ? 3.114   1.174   -3.017  1.00 35.69 ? 376 THR A O   1 
ATOM   391 C CB  . THR A 1 49  ? 1.059   1.483   -5.165  1.00 36.22 ? 376 THR A CB  1 
ATOM   392 O OG1 . THR A 1 49  ? -0.253  1.541   -5.725  1.00 39.08 ? 376 THR A OG1 1 
ATOM   393 C CG2 . THR A 1 49  ? 2.060   1.127   -6.267  1.00 30.34 ? 376 THR A CG2 1 
ATOM   394 N N   . PHE A 1 50  ? 3.028   -0.971  -3.693  1.00 35.92 ? 377 PHE A N   1 
ATOM   395 C CA  . PHE A 1 50  ? 4.353   -1.292  -3.188  1.00 36.22 ? 377 PHE A CA  1 
ATOM   396 C C   . PHE A 1 50  ? 5.148   -2.074  -4.229  1.00 37.98 ? 377 PHE A C   1 
ATOM   397 O O   . PHE A 1 50  ? 4.612   -2.585  -5.216  1.00 39.03 ? 377 PHE A O   1 
ATOM   398 C CB  . PHE A 1 50  ? 4.280   -2.070  -1.860  1.00 32.64 ? 377 PHE A CB  1 
ATOM   399 C CG  . PHE A 1 50  ? 3.660   -3.433  -1.979  1.00 36.51 ? 377 PHE A CG  1 
ATOM   400 C CD1 . PHE A 1 50  ? 4.455   -4.563  -2.112  1.00 39.18 ? 377 PHE A CD1 1 
ATOM   401 C CD2 . PHE A 1 50  ? 2.286   -3.587  -1.950  1.00 35.84 ? 377 PHE A CD2 1 
ATOM   402 C CE1 . PHE A 1 50  ? 3.884   -5.824  -2.225  1.00 38.38 ? 377 PHE A CE1 1 
ATOM   403 C CE2 . PHE A 1 50  ? 1.714   -4.843  -2.060  1.00 36.77 ? 377 PHE A CE2 1 
ATOM   404 C CZ  . PHE A 1 50  ? 2.512   -5.960  -2.201  1.00 36.76 ? 377 PHE A CZ  1 
ATOM   405 N N   . ASN A 1 51  ? 6.454   -2.144  -3.983  1.00 39.59 ? 378 ASN A N   1 
ATOM   406 C CA  . ASN A 1 51  ? 7.419   -2.829  -4.833  1.00 39.04 ? 378 ASN A CA  1 
ATOM   407 C C   . ASN A 1 51  ? 7.624   -4.248  -4.306  1.00 41.36 ? 378 ASN A C   1 
ATOM   408 O O   . ASN A 1 51  ? 7.925   -4.442  -3.122  1.00 36.72 ? 378 ASN A O   1 
ATOM   409 C CB  . ASN A 1 51  ? 8.731   -2.031  -4.847  1.00 38.44 ? 378 ASN A CB  1 
ATOM   410 C CG  . ASN A 1 51  ? 9.861   -2.708  -5.614  1.00 38.94 ? 378 ASN A CG  1 
ATOM   411 O OD1 . ASN A 1 51  ? 10.046  -3.919  -5.567  1.00 39.46 ? 378 ASN A OD1 1 
ATOM   412 N ND2 . ASN A 1 51  ? 10.657  -1.899  -6.296  1.00 40.61 ? 378 ASN A ND2 1 
ATOM   413 N N   . LEU A 1 52  ? 7.455   -5.232  -5.185  1.00 42.55 ? 379 LEU A N   1 
ATOM   414 C CA  . LEU A 1 52  ? 7.682   -6.643  -4.869  1.00 46.03 ? 379 LEU A CA  1 
ATOM   415 C C   . LEU A 1 52  ? 8.690   -7.164  -5.889  1.00 45.48 ? 379 LEU A C   1 
ATOM   416 O O   . LEU A 1 52  ? 8.327   -7.423  -7.041  1.00 42.71 ? 379 LEU A O   1 
ATOM   417 C CB  . LEU A 1 52  ? 6.374   -7.438  -4.904  1.00 41.54 ? 379 LEU A CB  1 
ATOM   418 C CG  . LEU A 1 52  ? 6.231   -8.707  -4.049  1.00 48.79 ? 379 LEU A CG  1 
ATOM   419 C CD1 . LEU A 1 52  ? 4.897   -9.376  -4.347  1.00 55.86 ? 379 LEU A CD1 1 
ATOM   420 C CD2 . LEU A 1 52  ? 7.375   -9.697  -4.238  1.00 46.43 ? 379 LEU A CD2 1 
ATOM   421 N N   . GLN A 1 53  ? 9.944   -7.304  -5.461  1.00 42.58 ? 380 GLN A N   1 
ATOM   422 C CA  . GLN A 1 53  ? 11.060  -7.723  -6.319  1.00 48.76 ? 380 GLN A CA  1 
ATOM   423 C C   . GLN A 1 53  ? 11.048  -7.000  -7.665  1.00 46.42 ? 380 GLN A C   1 
ATOM   424 O O   . GLN A 1 53  ? 11.110  -7.610  -8.734  1.00 47.76 ? 380 GLN A O   1 
ATOM   425 C CB  . GLN A 1 53  ? 11.064  -9.238  -6.514  1.00 48.54 ? 380 GLN A CB  1 
ATOM   426 C CG  . GLN A 1 53  ? 11.134  -10.025 -5.212  1.00 52.68 ? 380 GLN A CG  1 
ATOM   427 C CD  . GLN A 1 53  ? 12.390  -9.739  -4.410  1.00 53.65 ? 380 GLN A CD  1 
ATOM   428 O OE1 . GLN A 1 53  ? 13.388  -9.242  -4.941  1.00 53.53 ? 380 GLN A OE1 1 
ATOM   429 N NE2 . GLN A 1 53  ? 12.349  -10.056 -3.120  1.00 53.98 ? 380 GLN A NE2 1 
ATOM   430 N N   . GLY A 1 54  ? 10.961  -5.672  -7.604  1.00 42.67 ? 381 GLY A N   1 
ATOM   431 C CA  . GLY A 1 54  ? 10.998  -4.845  -8.788  1.00 43.64 ? 381 GLY A CA  1 
ATOM   432 C C   . GLY A 1 54  ? 9.664   -4.626  -9.470  1.00 44.60 ? 381 GLY A C   1 
ATOM   433 O O   . GLY A 1 54  ? 9.552   -3.702  -10.284 1.00 42.19 ? 381 GLY A O   1 
ATOM   434 N N   . ARG A 1 55  ? 8.659   -5.454  -9.182  1.00 42.15 ? 382 ARG A N   1 
ATOM   435 C CA  . ARG A 1 55  ? 7.328   -5.297  -9.754  1.00 39.57 ? 382 ARG A CA  1 
ATOM   436 C C   . ARG A 1 55  ? 6.427   -4.526  -8.796  1.00 45.06 ? 382 ARG A C   1 
ATOM   437 O O   . ARG A 1 55  ? 6.567   -4.615  -7.573  1.00 47.21 ? 382 ARG A O   1 
ATOM   438 C CB  . ARG A 1 55  ? 6.701   -6.658  -10.067 1.00 38.15 ? 382 ARG A CB  1 
ATOM   439 C CG  . ARG A 1 55  ? 7.438   -7.473  -11.118 1.00 42.60 ? 382 ARG A CG  1 
ATOM   440 N N   . ALA A 1 56  ? 5.487   -3.773  -9.365  1.00 40.56 ? 383 ALA A N   1 
ATOM   441 C CA  . ALA A 1 56  ? 4.524   -3.006  -8.586  1.00 39.63 ? 383 ALA A CA  1 
ATOM   442 C C   . ALA A 1 56  ? 3.266   -3.831  -8.326  1.00 47.35 ? 383 ALA A C   1 
ATOM   443 O O   . ALA A 1 56  ? 2.705   -4.423  -9.253  1.00 43.78 ? 383 ALA A O   1 
ATOM   444 C CB  . ALA A 1 56  ? 4.158   -1.711  -9.310  1.00 39.13 ? 383 ALA A CB  1 
ATOM   445 N N   . LYS A 1 57  ? 2.821   -3.861  -7.067  1.00 42.86 ? 384 LYS A N   1 
ATOM   446 C CA  . LYS A 1 57  ? 1.568   -4.500  -6.697  1.00 41.73 ? 384 LYS A CA  1 
ATOM   447 C C   . LYS A 1 57  ? 0.645   -3.464  -6.071  1.00 43.49 ? 384 LYS A C   1 
ATOM   448 O O   . LYS A 1 57  ? 1.102   -2.454  -5.528  1.00 44.00 ? 384 LYS A O   1 
ATOM   449 C CB  . LYS A 1 57  ? 1.791   -5.665  -5.725  1.00 44.97 ? 384 LYS A CB  1 
ATOM   450 C CG  . LYS A 1 57  ? 2.672   -6.778  -6.269  1.00 44.59 ? 384 LYS A CG  1 
ATOM   451 C CD  . LYS A 1 57  ? 2.017   -7.487  -7.438  1.00 48.60 ? 384 LYS A CD  1 
ATOM   452 C CE  . LYS A 1 57  ? 2.960   -8.503  -8.053  1.00 52.89 ? 384 LYS A CE  1 
ATOM   453 N NZ  . LYS A 1 57  ? 2.409   -9.086  -9.313  1.00 60.51 ? 384 LYS A NZ  1 
ATOM   454 N N   . HIS A 1 58  ? -0.660  -3.716  -6.146  1.00 43.13 ? 385 HIS A N   1 
ATOM   455 C CA  . HIS A 1 58  ? -1.661  -2.754  -5.692  1.00 44.21 ? 385 HIS A CA  1 
ATOM   456 C C   . HIS A 1 58  ? -2.660  -3.457  -4.788  1.00 46.28 ? 385 HIS A C   1 
ATOM   457 O O   . HIS A 1 58  ? -3.439  -4.298  -5.248  1.00 47.49 ? 385 HIS A O   1 
ATOM   458 C CB  . HIS A 1 58  ? -2.368  -2.099  -6.874  1.00 44.07 ? 385 HIS A CB  1 
ATOM   459 C CG  . HIS A 1 58  ? -1.428  -1.528  -7.886  1.00 45.80 ? 385 HIS A CG  1 
ATOM   460 N ND1 . HIS A 1 58  ? -0.996  -0.221  -7.844  1.00 44.21 ? 385 HIS A ND1 1 
ATOM   461 C CD2 . HIS A 1 58  ? -0.822  -2.091  -8.959  1.00 45.21 ? 385 HIS A CD2 1 
ATOM   462 C CE1 . HIS A 1 58  ? -0.171  0.001   -8.853  1.00 42.70 ? 385 HIS A CE1 1 
ATOM   463 N NE2 . HIS A 1 58  ? -0.053  -1.116  -9.548  1.00 45.24 ? 385 HIS A NE2 1 
ATOM   464 N N   . LEU A 1 59  ? -2.645  -3.102  -3.509  1.00 48.39 ? 386 LEU A N   1 
ATOM   465 C CA  . LEU A 1 59  ? -3.545  -3.669  -2.517  1.00 47.37 ? 386 LEU A CA  1 
ATOM   466 C C   . LEU A 1 59  ? -4.598  -2.631  -2.156  1.00 44.56 ? 386 LEU A C   1 
ATOM   467 O O   . LEU A 1 59  ? -4.263  -1.482  -1.853  1.00 46.33 ? 386 LEU A O   1 
ATOM   468 C CB  . LEU A 1 59  ? -2.766  -4.111  -1.280  1.00 44.33 ? 386 LEU A CB  1 
ATOM   469 C CG  . LEU A 1 59  ? -3.551  -4.736  -0.131  1.00 48.82 ? 386 LEU A CG  1 
ATOM   470 C CD1 . LEU A 1 59  ? -4.351  -5.944  -0.603  1.00 45.12 ? 386 LEU A CD1 1 
ATOM   471 C CD2 . LEU A 1 59  ? -2.587  -5.119  0.978   1.00 43.79 ? 386 LEU A CD2 1 
ATOM   472 N N   . ARG A 1 60  ? -5.867  -3.031  -2.212  1.00 47.42 ? 387 ARG A N   1 
ATOM   473 C CA  . ARG A 1 60  ? -6.964  -2.112  -1.944  1.00 48.73 ? 387 ARG A CA  1 
ATOM   474 C C   . ARG A 1 60  ? -7.130  -1.905  -0.445  1.00 48.91 ? 387 ARG A C   1 
ATOM   475 O O   . ARG A 1 60  ? -6.956  -2.832  0.349   1.00 46.97 ? 387 ARG A O   1 
ATOM   476 C CB  . ARG A 1 60  ? -8.269  -2.636  -2.548  1.00 48.19 ? 387 ARG A CB  1 
ATOM   477 C CG  . ARG A 1 60  ? -8.391  -2.409  -4.049  1.00 56.72 ? 387 ARG A CG  1 
ATOM   478 C CD  . ARG A 1 60  ? -9.604  -3.118  -4.633  1.00 60.77 ? 387 ARG A CD  1 
ATOM   479 N NE  . ARG A 1 60  ? -10.849 -2.662  -4.024  1.00 70.74 ? 387 ARG A NE  1 
ATOM   480 N N   . LEU A 1 61  ? -7.460  -0.672  -0.065  1.00 51.57 ? 388 LEU A N   1 
ATOM   481 C CA  . LEU A 1 61  ? -7.691  -0.298  1.324   1.00 54.59 ? 388 LEU A CA  1 
ATOM   482 C C   . LEU A 1 61  ? -9.049  0.381   1.416   1.00 57.58 ? 388 LEU A C   1 
ATOM   483 O O   . LEU A 1 61  ? -9.344  1.292   0.634   1.00 57.94 ? 388 LEU A O   1 
ATOM   484 C CB  . LEU A 1 61  ? -6.593  0.642   1.844   1.00 53.14 ? 388 LEU A CB  1 
ATOM   485 C CG  . LEU A 1 61  ? -5.170  0.355   1.352   1.00 50.11 ? 388 LEU A CG  1 
ATOM   486 C CD1 . LEU A 1 61  ? -4.228  1.526   1.626   1.00 42.14 ? 388 LEU A CD1 1 
ATOM   487 C CD2 . LEU A 1 61  ? -4.643  -0.922  1.971   1.00 48.22 ? 388 LEU A CD2 1 
ATOM   488 N N   . VAL A 1 62  ? -9.876  -0.066  2.358   1.00 59.87 ? 389 VAL A N   1 
ATOM   489 C CA  . VAL A 1 62  ? -11.195 0.510   2.590   1.00 62.14 ? 389 VAL A CA  1 
ATOM   490 C C   . VAL A 1 62  ? -11.169 1.226   3.930   1.00 63.09 ? 389 VAL A C   1 
ATOM   491 O O   . VAL A 1 62  ? -10.749 0.652   4.942   1.00 61.30 ? 389 VAL A O   1 
ATOM   492 C CB  . VAL A 1 62  ? -12.300 -0.557  2.555   1.00 62.96 ? 389 VAL A CB  1 
ATOM   493 C CG1 . VAL A 1 62  ? -13.639 0.069   2.904   1.00 62.70 ? 389 VAL A CG1 1 
ATOM   494 C CG2 . VAL A 1 62  ? -12.358 -1.214  1.186   1.00 59.33 ? 389 VAL A CG2 1 
ATOM   495 N N   . LEU A 1 63  ? -11.614 2.476   3.935   1.00 66.89 ? 390 LEU A N   1 
ATOM   496 C CA  . LEU A 1 63  ? -11.565 3.326   5.115   1.00 70.12 ? 390 LEU A CA  1 
ATOM   497 C C   . LEU A 1 63  ? -12.981 3.599   5.598   1.00 74.14 ? 390 LEU A C   1 
ATOM   498 O O   . LEU A 1 63  ? -13.804 4.137   4.850   1.00 75.64 ? 390 LEU A O   1 
ATOM   499 C CB  . LEU A 1 63  ? -10.841 4.635   4.810   1.00 73.68 ? 390 LEU A CB  1 
ATOM   500 C CG  . LEU A 1 63  ? -9.365  4.690   5.202   1.00 73.98 ? 390 LEU A CG  1 
ATOM   501 C CD1 . LEU A 1 63  ? -8.630  3.449   4.727   1.00 68.23 ? 390 LEU A CD1 1 
ATOM   502 C CD2 . LEU A 1 63  ? -8.724  5.946   4.637   1.00 71.21 ? 390 LEU A CD2 1 
ATOM   503 N N   . THR A 1 64  ? -13.259 3.224   6.843   1.00 79.75 ? 391 THR A N   1 
ATOM   504 C CA  . THR A 1 64  ? -14.534 3.561   7.451   1.00 82.73 ? 391 THR A CA  1 
ATOM   505 C C   . THR A 1 64  ? -14.599 5.064   7.724   1.00 84.47 ? 391 THR A C   1 
ATOM   506 O O   . THR A 1 64  ? -13.609 5.792   7.603   1.00 83.07 ? 391 THR A O   1 
ATOM   507 C CB  . THR A 1 64  ? -14.739 2.774   8.747   1.00 81.80 ? 391 THR A CB  1 
ATOM   508 O OG1 . THR A 1 64  ? -13.931 3.340   9.786   1.00 85.55 ? 391 THR A OG1 1 
ATOM   509 C CG2 . THR A 1 64  ? -14.345 1.314   8.557   1.00 78.75 ? 391 THR A CG2 1 
ATOM   510 N N   . GLU A 1 65  ? -15.794 5.532   8.093   1.00 87.91 ? 392 GLU A N   1 
ATOM   511 C CA  . GLU A 1 65  ? -15.956 6.942   8.428   1.00 86.21 ? 392 GLU A CA  1 
ATOM   512 C C   . GLU A 1 65  ? -15.120 7.327   9.643   1.00 90.36 ? 392 GLU A C   1 
ATOM   513 O O   . GLU A 1 65  ? -14.667 8.473   9.747   1.00 93.72 ? 392 GLU A O   1 
ATOM   514 C CB  . GLU A 1 65  ? -17.432 7.260   8.671   1.00 85.48 ? 392 GLU A CB  1 
ATOM   515 N N   . ARG A 1 66  ? -14.895 6.388   10.563  1.00 89.04 ? 393 ARG A N   1 
ATOM   516 C CA  . ARG A 1 66  ? -14.100 6.641   11.759  1.00 87.41 ? 393 ARG A CA  1 
ATOM   517 C C   . ARG A 1 66  ? -12.597 6.598   11.503  1.00 87.91 ? 393 ARG A C   1 
ATOM   518 O O   . ARG A 1 66  ? -11.818 6.877   12.422  1.00 88.33 ? 393 ARG A O   1 
ATOM   519 C CB  . ARG A 1 66  ? -14.468 5.632   12.851  1.00 83.81 ? 393 ARG A CB  1 
ATOM   520 N N   . GLY A 1 67  ? -12.168 6.264   10.286  1.00 85.23 ? 394 GLY A N   1 
ATOM   521 C CA  . GLY A 1 67  ? -10.763 6.170   9.956   1.00 81.35 ? 394 GLY A CA  1 
ATOM   522 C C   . GLY A 1 67  ? -10.194 4.766   9.984   1.00 79.32 ? 394 GLY A C   1 
ATOM   523 O O   . GLY A 1 67  ? -9.019  4.587   9.639   1.00 77.07 ? 394 GLY A O   1 
ATOM   524 N N   . GLN A 1 68  ? -10.984 3.772   10.383  1.00 77.23 ? 395 GLN A N   1 
ATOM   525 C CA  . GLN A 1 68  ? -10.500 2.398   10.412  1.00 72.34 ? 395 GLN A CA  1 
ATOM   526 C C   . GLN A 1 68  ? -10.211 1.909   8.998   1.00 70.08 ? 395 GLN A C   1 
ATOM   527 O O   . GLN A 1 68  ? -10.908 2.260   8.042   1.00 71.74 ? 395 GLN A O   1 
ATOM   528 C CB  . GLN A 1 68  ? -11.522 1.488   11.100  1.00 69.06 ? 395 GLN A CB  1 
ATOM   529 N N   . CYS A 1 69  ? -9.167  1.096   8.868   1.00 66.12 ? 396 CYS A N   1 
ATOM   530 C CA  . CYS A 1 69  ? -8.670  0.630   7.578   1.00 61.41 ? 396 CYS A CA  1 
ATOM   531 C C   . CYS A 1 69  ? -8.892  -0.874  7.476   1.00 57.40 ? 396 CYS A C   1 
ATOM   532 O O   . CYS A 1 69  ? -8.290  -1.649  8.226   1.00 53.85 ? 396 CYS A O   1 
ATOM   533 C CB  . CYS A 1 69  ? -7.193  0.982   7.413   1.00 61.20 ? 396 CYS A CB  1 
ATOM   534 S SG  . CYS A 1 69  ? -6.441  0.392   5.869   1.00 57.27 ? 396 CYS A SG  1 
ATOM   535 N N   . ARG A 1 70  ? -9.742  -1.283  6.539   1.00 59.53 ? 397 ARG A N   1 
ATOM   536 C CA  . ARG A 1 70  ? -10.060 -2.687  6.317   1.00 60.81 ? 397 ARG A CA  1 
ATOM   537 C C   . ARG A 1 70  ? -9.379  -3.164  5.041   1.00 57.86 ? 397 ARG A C   1 
ATOM   538 O O   . ARG A 1 70  ? -9.533  -2.548  3.980   1.00 55.48 ? 397 ARG A O   1 
ATOM   539 C CB  . ARG A 1 70  ? -11.576 -2.895  6.229   1.00 62.53 ? 397 ARG A CB  1 
ATOM   540 C CG  . ARG A 1 70  ? -12.002 -4.344  6.027   1.00 63.01 ? 397 ARG A CG  1 
ATOM   541 N N   . VAL A 1 71  ? -8.624  -4.255  5.148   1.00 57.93 ? 398 VAL A N   1 
ATOM   542 C CA  . VAL A 1 71  ? -7.902  -4.836  4.016   1.00 54.91 ? 398 VAL A CA  1 
ATOM   543 C C   . VAL A 1 71  ? -8.333  -6.296  3.928   1.00 53.85 ? 398 VAL A C   1 
ATOM   544 O O   . VAL A 1 71  ? -7.675  -7.186  4.474   1.00 55.52 ? 398 VAL A O   1 
ATOM   545 C CB  . VAL A 1 71  ? -6.381  -4.719  4.159   1.00 55.75 ? 398 VAL A CB  1 
ATOM   546 C CG1 . VAL A 1 71  ? -5.695  -5.148  2.865   1.00 50.10 ? 398 VAL A CG1 1 
ATOM   547 C CG2 . VAL A 1 71  ? -5.984  -3.299  4.539   1.00 56.66 ? 398 VAL A CG2 1 
ATOM   548 N N   . GLN A 1 72  ? -9.440  -6.552  3.227   1.00 58.45 ? 399 GLN A N   1 
ATOM   549 C CA  . GLN A 1 72  ? -9.995  -7.899  3.047   1.00 57.89 ? 399 GLN A CA  1 
ATOM   550 C C   . GLN A 1 72  ? -10.242 -8.494  4.430   1.00 61.19 ? 399 GLN A C   1 
ATOM   551 O O   . GLN A 1 72  ? -11.050 -7.924  5.185   1.00 63.73 ? 399 GLN A O   1 
ATOM   552 C CB  . GLN A 1 72  ? -9.073  -8.692  2.113   1.00 53.39 ? 399 GLN A CB  1 
ATOM   553 C CG  . GLN A 1 72  ? -9.132  -8.189  0.671   1.00 54.26 ? 399 GLN A CG  1 
ATOM   554 C CD  . GLN A 1 72  ? -7.969  -8.658  -0.182  1.00 55.48 ? 399 GLN A CD  1 
ATOM   555 O OE1 . GLN A 1 72  ? -7.682  -9.851  -0.261  1.00 59.67 ? 399 GLN A OE1 1 
ATOM   556 N NE2 . GLN A 1 72  ? -7.294  -7.714  -0.830  1.00 55.03 ? 399 GLN A NE2 1 
ATOM   557 N N   . HIS A 1 73  ? -9.591  -9.591  4.816   1.00 57.66 ? 400 HIS A N   1 
ATOM   558 C CA  . HIS A 1 73  ? -9.835  -10.205 6.116   1.00 58.78 ? 400 HIS A CA  1 
ATOM   559 C C   . HIS A 1 73  ? -9.084  -9.521  7.258   1.00 62.53 ? 400 HIS A C   1 
ATOM   560 O O   . HIS A 1 73  ? -9.121  -10.020 8.389   1.00 64.42 ? 400 HIS A O   1 
ATOM   561 C CB  . HIS A 1 73  ? -9.464  -11.688 6.072   1.00 59.68 ? 400 HIS A CB  1 
ATOM   562 C CG  . HIS A 1 73  ? -7.994  -11.942 5.968   1.00 61.56 ? 400 HIS A CG  1 
ATOM   563 N ND1 . HIS A 1 73  ? -7.307  -11.862 4.776   1.00 62.01 ? 400 HIS A ND1 1 
ATOM   564 C CD2 . HIS A 1 73  ? -7.080  -12.285 6.908   1.00 60.92 ? 400 HIS A CD2 1 
ATOM   565 C CE1 . HIS A 1 73  ? -6.033  -12.141 4.987   1.00 62.99 ? 400 HIS A CE1 1 
ATOM   566 N NE2 . HIS A 1 73  ? -5.868  -12.401 6.271   1.00 59.04 ? 400 HIS A NE2 1 
ATOM   567 N N   . LEU A 1 74  ? -8.417  -8.400  6.999   1.00 61.13 ? 401 LEU A N   1 
ATOM   568 C CA  . LEU A 1 74  ? -7.636  -7.695  8.006   1.00 59.42 ? 401 LEU A CA  1 
ATOM   569 C C   . LEU A 1 74  ? -8.310  -6.375  8.361   1.00 56.46 ? 401 LEU A C   1 
ATOM   570 O O   . LEU A 1 74  ? -8.829  -5.677  7.486   1.00 59.99 ? 401 LEU A O   1 
ATOM   571 C CB  . LEU A 1 74  ? -6.211  -7.444  7.502   1.00 51.86 ? 401 LEU A CB  1 
ATOM   572 C CG  . LEU A 1 74  ? -5.416  -8.686  7.098   1.00 54.76 ? 401 LEU A CG  1 
ATOM   573 C CD1 . LEU A 1 74  ? -4.085  -8.308  6.479   1.00 54.22 ? 401 LEU A CD1 1 
ATOM   574 C CD2 . LEU A 1 74  ? -5.197  -9.589  8.294   1.00 59.89 ? 401 LEU A CD2 1 
ATOM   575 N N   . HIS A 1 75  ? -8.299  -6.036  9.647   1.00 55.32 ? 402 HIS A N   1 
ATOM   576 C CA  . HIS A 1 75  ? -8.855  -4.782  10.142  1.00 57.75 ? 402 HIS A CA  1 
ATOM   577 C C   . HIS A 1 75  ? -7.813  -4.073  10.992  1.00 55.50 ? 402 HIS A C   1 
ATOM   578 O O   . HIS A 1 75  ? -7.118  -4.707  11.790  1.00 60.03 ? 402 HIS A O   1 
ATOM   579 C CB  . HIS A 1 75  ? -10.136 -5.010  10.975  1.00 65.39 ? 402 HIS A CB  1 
ATOM   580 C CG  . HIS A 1 75  ? -11.400 -5.029  10.167  1.00 69.38 ? 402 HIS A CG  1 
ATOM   581 N ND1 . HIS A 1 75  ? -12.298 -3.982  10.165  1.00 74.55 ? 402 HIS A ND1 1 
ATOM   582 C CD2 . HIS A 1 75  ? -11.923 -5.972  9.346   1.00 67.59 ? 402 HIS A CD2 1 
ATOM   583 C CE1 . HIS A 1 75  ? -13.315 -4.276  9.373   1.00 66.56 ? 402 HIS A CE1 1 
ATOM   584 N NE2 . HIS A 1 75  ? -13.112 -5.478  8.865   1.00 66.93 ? 402 HIS A NE2 1 
ATOM   585 N N   . PHE A 1 76  ? -7.714  -2.757  10.827  1.00 53.59 ? 403 PHE A N   1 
ATOM   586 C CA  . PHE A 1 76  ? -6.769  -1.939  11.572  1.00 56.85 ? 403 PHE A CA  1 
ATOM   587 C C   . PHE A 1 76  ? -7.447  -0.645  11.989  1.00 59.38 ? 403 PHE A C   1 
ATOM   588 O O   . PHE A 1 76  ? -8.344  -0.156  11.289  1.00 59.18 ? 403 PHE A O   1 
ATOM   589 C CB  . PHE A 1 76  ? -5.516  -1.603  10.745  1.00 53.59 ? 403 PHE A CB  1 
ATOM   590 C CG  . PHE A 1 76  ? -4.794  -2.804  10.220  1.00 52.14 ? 403 PHE A CG  1 
ATOM   591 C CD1 . PHE A 1 76  ? -3.855  -3.457  10.999  1.00 54.41 ? 403 PHE A CD1 1 
ATOM   592 C CD2 . PHE A 1 76  ? -5.044  -3.276  8.946   1.00 51.30 ? 403 PHE A CD2 1 
ATOM   593 C CE1 . PHE A 1 76  ? -3.186  -4.565  10.517  1.00 50.39 ? 403 PHE A CE1 1 
ATOM   594 C CE2 . PHE A 1 76  ? -4.377  -4.381  8.460   1.00 50.20 ? 403 PHE A CE2 1 
ATOM   595 C CZ  . PHE A 1 76  ? -3.446  -5.024  9.248   1.00 46.51 ? 403 PHE A CZ  1 
ATOM   596 N N   . PRO A 1 77  ? -7.033  -0.061  13.119  1.00 58.00 ? 404 PRO A N   1 
ATOM   597 C CA  . PRO A 1 77  ? -7.598  1.242   13.509  1.00 56.77 ? 404 PRO A CA  1 
ATOM   598 C C   . PRO A 1 77  ? -7.290  2.347   12.512  1.00 62.80 ? 404 PRO A C   1 
ATOM   599 O O   . PRO A 1 77  ? -8.133  3.222   12.280  1.00 66.05 ? 404 PRO A O   1 
ATOM   600 C CB  . PRO A 1 77  ? -6.946  1.513   14.875  1.00 59.05 ? 404 PRO A CB  1 
ATOM   601 C CG  . PRO A 1 77  ? -6.454  0.178   15.355  1.00 54.63 ? 404 PRO A CG  1 
ATOM   602 C CD  . PRO A 1 77  ? -6.090  -0.585  14.122  1.00 60.13 ? 404 PRO A CD  1 
ATOM   603 N N   . SER A 1 78  ? -6.103  2.326   11.910  1.00 58.53 ? 405 SER A N   1 
ATOM   604 C CA  . SER A 1 78  ? -5.685  3.395   11.016  1.00 57.51 ? 405 SER A CA  1 
ATOM   605 C C   . SER A 1 78  ? -4.834  2.817   9.896   1.00 56.36 ? 405 SER A C   1 
ATOM   606 O O   . SER A 1 78  ? -4.333  1.692   9.986   1.00 53.39 ? 405 SER A O   1 
ATOM   607 C CB  . SER A 1 78  ? -4.901  4.476   11.769  1.00 58.87 ? 405 SER A CB  1 
ATOM   608 O OG  . SER A 1 78  ? -3.774  3.915   12.428  1.00 57.81 ? 405 SER A OG  1 
ATOM   609 N N   . VAL A 1 79  ? -4.671  3.608   8.830   1.00 55.61 ? 406 VAL A N   1 
ATOM   610 C CA  . VAL A 1 79  ? -3.748  3.200   7.777   1.00 54.75 ? 406 VAL A CA  1 
ATOM   611 C C   . VAL A 1 79  ? -2.325  3.164   8.316   1.00 48.56 ? 406 VAL A C   1 
ATOM   612 O O   . VAL A 1 79  ? -1.514  2.335   7.889   1.00 51.48 ? 406 VAL A O   1 
ATOM   613 C CB  . VAL A 1 79  ? -3.862  4.119   6.547   1.00 52.74 ? 406 VAL A CB  1 
ATOM   614 C CG1 . VAL A 1 79  ? -5.280  4.124   6.015   1.00 51.74 ? 406 VAL A CG1 1 
ATOM   615 C CG2 . VAL A 1 79  ? -3.419  5.519   6.888   1.00 59.78 ? 406 VAL A CG2 1 
ATOM   616 N N   . VAL A 1 80  ? -2.004  4.036   9.273   1.00 51.97 ? 407 VAL A N   1 
ATOM   617 C CA  . VAL A 1 80  ? -0.680  4.010   9.887   1.00 50.54 ? 407 VAL A CA  1 
ATOM   618 C C   . VAL A 1 80  ? -0.433  2.665   10.552  1.00 49.28 ? 407 VAL A C   1 
ATOM   619 O O   . VAL A 1 80  ? 0.633   2.057   10.388  1.00 49.23 ? 407 VAL A O   1 
ATOM   620 C CB  . VAL A 1 80  ? -0.529  5.173   10.881  1.00 53.55 ? 407 VAL A CB  1 
ATOM   621 C CG1 . VAL A 1 80  ? 0.612   4.902   11.852  1.00 53.28 ? 407 VAL A CG1 1 
ATOM   622 C CG2 . VAL A 1 80  ? -0.292  6.458   10.122  1.00 52.38 ? 407 VAL A CG2 1 
ATOM   623 N N   . ASP A 1 81  ? -1.421  2.174   11.307  1.00 54.78 ? 408 ASP A N   1 
ATOM   624 C CA  . ASP A 1 81  ? -1.275  0.887   11.981  1.00 53.22 ? 408 ASP A CA  1 
ATOM   625 C C   . ASP A 1 81  ? -1.222  -0.253  10.975  1.00 45.41 ? 408 ASP A C   1 
ATOM   626 O O   . ASP A 1 81  ? -0.470  -1.217  11.158  1.00 44.85 ? 408 ASP A O   1 
ATOM   627 C CB  . ASP A 1 81  ? -2.418  0.681   12.975  1.00 52.21 ? 408 ASP A CB  1 
ATOM   628 C CG  . ASP A 1 81  ? -2.359  1.662   14.128  1.00 59.24 ? 408 ASP A CG  1 
ATOM   629 O OD1 . ASP A 1 81  ? -1.240  1.945   14.611  1.00 63.78 ? 408 ASP A OD1 1 
ATOM   630 O OD2 . ASP A 1 81  ? -3.424  2.165   14.546  1.00 63.12 ? 408 ASP A OD2 1 
ATOM   631 N N   . MET A 1 82  ? -2.013  -0.157  9.906   1.00 48.38 ? 409 MET A N   1 
ATOM   632 C CA  . MET A 1 82  ? -1.876  -1.103  8.806   1.00 44.52 ? 409 MET A CA  1 
ATOM   633 C C   . MET A 1 82  ? -0.448  -1.100  8.270   1.00 39.99 ? 409 MET A C   1 
ATOM   634 O O   . MET A 1 82  ? 0.158   -2.161  8.079   1.00 38.33 ? 409 MET A O   1 
ATOM   635 C CB  . MET A 1 82  ? -2.886  -0.769  7.706   1.00 50.42 ? 409 MET A CB  1 
ATOM   636 C CG  . MET A 1 82  ? -2.823  -1.675  6.478   1.00 44.14 ? 409 MET A CG  1 
ATOM   637 S SD  . MET A 1 82  ? -1.572  -1.146  5.294   1.00 46.02 ? 409 MET A SD  1 
ATOM   638 C CE  . MET A 1 82  ? -2.222  0.448   4.810   1.00 47.09 ? 409 MET A CE  1 
ATOM   639 N N   . LEU A 1 83  ? 0.113   0.091   8.043   1.00 43.62 ? 410 LEU A N   1 
ATOM   640 C CA  . LEU A 1 83  ? 1.479   0.185   7.530   1.00 41.29 ? 410 LEU A CA  1 
ATOM   641 C C   . LEU A 1 83  ? 2.482   -0.391  8.516   1.00 42.90 ? 410 LEU A C   1 
ATOM   642 O O   . LEU A 1 83  ? 3.404   -1.116  8.122   1.00 41.46 ? 410 LEU A O   1 
ATOM   643 C CB  . LEU A 1 83  ? 1.837   1.635   7.212   1.00 38.25 ? 410 LEU A CB  1 
ATOM   644 C CG  . LEU A 1 83  ? 1.099   2.321   6.066   1.00 43.40 ? 410 LEU A CG  1 
ATOM   645 C CD1 . LEU A 1 83  ? 1.614   3.736   5.913   1.00 42.43 ? 410 LEU A CD1 1 
ATOM   646 C CD2 . LEU A 1 83  ? 1.270   1.547   4.762   1.00 38.33 ? 410 LEU A CD2 1 
ATOM   647 N N   . ARG A 1 84  ? 2.325   -0.073  9.804   1.00 43.61 ? 411 ARG A N   1 
ATOM   648 C CA  . ARG A 1 84  ? 3.259   -0.588  10.801  1.00 47.17 ? 411 ARG A CA  1 
ATOM   649 C C   . ARG A 1 84  ? 3.149   -2.100  10.918  1.00 41.05 ? 411 ARG A C   1 
ATOM   650 O O   . ARG A 1 84  ? 4.155   -2.788  11.115  1.00 46.37 ? 411 ARG A O   1 
ATOM   651 C CB  . ARG A 1 84  ? 3.015   0.072   12.158  1.00 48.08 ? 411 ARG A CB  1 
ATOM   652 C CG  . ARG A 1 84  ? 3.321   1.566   12.181  1.00 52.95 ? 411 ARG A CG  1 
ATOM   653 C CD  . ARG A 1 84  ? 3.430   2.099   13.601  1.00 61.15 ? 411 ARG A CD  1 
ATOM   654 N NE  . ARG A 1 84  ? 4.628   1.611   14.276  1.00 66.16 ? 411 ARG A NE  1 
ATOM   655 N N   . HIS A 1 85  ? 1.937   -2.634  10.788  1.00 41.70 ? 412 HIS A N   1 
ATOM   656 C CA  . HIS A 1 85  ? 1.770   -4.082  10.824  1.00 43.20 ? 412 HIS A CA  1 
ATOM   657 C C   . HIS A 1 85  ? 2.544   -4.747  9.695   1.00 44.94 ? 412 HIS A C   1 
ATOM   658 O O   . HIS A 1 85  ? 3.337   -5.666  9.928   1.00 49.36 ? 412 HIS A O   1 
ATOM   659 C CB  . HIS A 1 85  ? 0.287   -4.434  10.749  1.00 44.48 ? 412 HIS A CB  1 
ATOM   660 C CG  . HIS A 1 85  ? 0.012   -5.904  10.769  1.00 51.50 ? 412 HIS A CG  1 
ATOM   661 N ND1 . HIS A 1 85  ? -0.244  -6.631  9.625   1.00 55.39 ? 412 HIS A ND1 1 
ATOM   662 C CD2 . HIS A 1 85  ? -0.043  -6.786  11.795  1.00 47.85 ? 412 HIS A CD2 1 
ATOM   663 C CE1 . HIS A 1 85  ? -0.449  -7.896  9.945   1.00 51.58 ? 412 HIS A CE1 1 
ATOM   664 N NE2 . HIS A 1 85  ? -0.333  -8.017  11.256  1.00 56.14 ? 412 HIS A NE2 1 
ATOM   665 N N   . PHE A 1 86  ? 2.344   -4.280  8.459   1.00 44.04 ? 413 PHE A N   1 
ATOM   666 C CA  . PHE A 1 86  ? 3.042   -4.867  7.320   1.00 44.64 ? 413 PHE A CA  1 
ATOM   667 C C   . PHE A 1 86  ? 4.530   -4.552  7.313   1.00 42.52 ? 413 PHE A C   1 
ATOM   668 O O   . PHE A 1 86  ? 5.282   -5.211  6.592   1.00 45.99 ? 413 PHE A O   1 
ATOM   669 C CB  . PHE A 1 86  ? 2.402   -4.401  6.018   1.00 39.69 ? 413 PHE A CB  1 
ATOM   670 C CG  . PHE A 1 86  ? 1.096   -5.057  5.730   1.00 40.49 ? 413 PHE A CG  1 
ATOM   671 C CD1 . PHE A 1 86  ? 0.889   -6.383  6.078   1.00 41.33 ? 413 PHE A CD1 1 
ATOM   672 C CD2 . PHE A 1 86  ? 0.069   -4.354  5.124   1.00 39.50 ? 413 PHE A CD2 1 
ATOM   673 C CE1 . PHE A 1 86  ? -0.314  -6.997  5.812   1.00 46.43 ? 413 PHE A CE1 1 
ATOM   674 C CE2 . PHE A 1 86  ? -1.141  -4.960  4.852   1.00 40.95 ? 413 PHE A CE2 1 
ATOM   675 C CZ  . PHE A 1 86  ? -1.336  -6.284  5.196   1.00 44.98 ? 413 PHE A CZ  1 
ATOM   676 N N   . GLN A 1 87  ? 4.974   -3.561  8.088   1.00 47.09 ? 414 GLN A N   1 
ATOM   677 C CA  . GLN A 1 87  ? 6.411   -3.376  8.265   1.00 47.29 ? 414 GLN A CA  1 
ATOM   678 C C   . GLN A 1 87  ? 7.021   -4.505  9.086   1.00 50.44 ? 414 GLN A C   1 
ATOM   679 O O   . GLN A 1 87  ? 8.200   -4.826  8.912   1.00 50.49 ? 414 GLN A O   1 
ATOM   680 C CB  . GLN A 1 87  ? 6.691   -2.023  8.920   1.00 45.85 ? 414 GLN A CB  1 
ATOM   681 C CG  . GLN A 1 87  ? 6.611   -0.854  7.949   1.00 50.61 ? 414 GLN A CG  1 
ATOM   682 C CD  . GLN A 1 87  ? 7.144   0.439   8.534   1.00 52.20 ? 414 GLN A CD  1 
ATOM   683 O OE1 . GLN A 1 87  ? 6.831   0.793   9.673   1.00 46.89 ? 414 GLN A OE1 1 
ATOM   684 N NE2 . GLN A 1 87  ? 7.959   1.154   7.753   1.00 51.48 ? 414 GLN A NE2 1 
ATOM   685 N N   . ARG A 1 88  ? 6.230   -5.131  9.963   1.00 50.39 ? 415 ARG A N   1 
ATOM   686 C CA  . ARG A 1 88  ? 6.710   -6.164  10.875  1.00 53.92 ? 415 ARG A CA  1 
ATOM   687 C C   . ARG A 1 88  ? 6.329   -7.574  10.464  1.00 55.79 ? 415 ARG A C   1 
ATOM   688 O O   . ARG A 1 88  ? 7.061   -8.512  10.783  1.00 59.39 ? 415 ARG A O   1 
ATOM   689 C CB  . ARG A 1 88  ? 6.179   -5.901  12.291  1.00 54.83 ? 415 ARG A CB  1 
ATOM   690 C CG  . ARG A 1 88  ? 6.399   -4.473  12.716  1.00 58.58 ? 415 ARG A CG  1 
ATOM   691 C CD  . ARG A 1 88  ? 6.015   -4.216  14.154  1.00 68.65 ? 415 ARG A CD  1 
ATOM   692 N NE  . ARG A 1 88  ? 6.487   -2.901  14.573  1.00 72.97 ? 415 ARG A NE  1 
ATOM   693 C CZ  . ARG A 1 88  ? 7.750   -2.626  14.879  1.00 71.87 ? 415 ARG A CZ  1 
ATOM   694 N NH1 . ARG A 1 88  ? 8.691   -3.559  14.834  1.00 69.55 ? 415 ARG A NH1 1 
ATOM   695 N NH2 . ARG A 1 88  ? 8.076   -1.386  15.241  1.00 68.73 ? 415 ARG A NH2 1 
ATOM   696 N N   . SER A 1 89  ? 5.203   -7.748  9.770   1.00 53.89 ? 416 SER A N   1 
ATOM   697 C CA  . SER A 1 89  ? 4.733   -9.050  9.333   1.00 55.65 ? 416 SER A CA  1 
ATOM   698 C C   . SER A 1 89  ? 4.514   -9.061  7.827   1.00 55.09 ? 416 SER A C   1 
ATOM   699 O O   . SER A 1 89  ? 4.013   -8.081  7.266   1.00 53.72 ? 416 SER A O   1 
ATOM   700 C CB  . SER A 1 89  ? 3.423   -9.433  10.033  1.00 52.53 ? 416 SER A CB  1 
ATOM   701 O OG  . SER A 1 89  ? 3.674   -9.932  11.332  1.00 65.65 ? 416 SER A OG  1 
ATOM   702 N N   . PRO A 1 90  ? 4.868   -10.149 7.148   1.00 56.76 ? 417 PRO A N   1 
ATOM   703 C CA  . PRO A 1 90  ? 4.726   -10.177 5.689   1.00 55.34 ? 417 PRO A CA  1 
ATOM   704 C C   . PRO A 1 90  ? 3.272   -10.066 5.267   1.00 52.29 ? 417 PRO A C   1 
ATOM   705 O O   . PRO A 1 90  ? 2.368   -10.581 5.927   1.00 55.71 ? 417 PRO A O   1 
ATOM   706 C CB  . PRO A 1 90  ? 5.323   -11.532 5.298   1.00 55.20 ? 417 PRO A CB  1 
ATOM   707 C CG  . PRO A 1 90  ? 5.236   -12.360 6.537   1.00 59.42 ? 417 PRO A CG  1 
ATOM   708 C CD  . PRO A 1 90  ? 5.428   -11.405 7.676   1.00 57.49 ? 417 PRO A CD  1 
ATOM   709 N N   . ILE A 1 91  ? 3.058   -9.352  4.171   1.00 49.88 ? 418 ILE A N   1 
ATOM   710 C CA  . ILE A 1 91  ? 1.767   -9.318  3.497   1.00 50.52 ? 418 ILE A CA  1 
ATOM   711 C C   . ILE A 1 91  ? 1.404   -10.759 3.160   1.00 52.56 ? 418 ILE A C   1 
ATOM   712 O O   . ILE A 1 91  ? 2.190   -11.453 2.498   1.00 50.92 ? 418 ILE A O   1 
ATOM   713 C CB  . ILE A 1 91  ? 1.828   -8.425  2.252   1.00 44.15 ? 418 ILE A CB  1 
ATOM   714 C CG1 . ILE A 1 91  ? 2.316   -7.031  2.650   1.00 45.47 ? 418 ILE A CG1 1 
ATOM   715 C CG2 . ILE A 1 91  ? 0.480   -8.365  1.571   1.00 45.70 ? 418 ILE A CG2 1 
ATOM   716 C CD1 . ILE A 1 91  ? 2.475   -6.058  1.499   1.00 41.18 ? 418 ILE A CD1 1 
ATOM   717 N N   . PRO A 1 92  ? 0.252   -11.262 3.620   1.00 52.10 ? 419 PRO A N   1 
ATOM   718 C CA  . PRO A 1 92  ? -0.076  -12.689 3.461   1.00 54.39 ? 419 PRO A CA  1 
ATOM   719 C C   . PRO A 1 92  ? -0.512  -13.030 2.043   1.00 55.00 ? 419 PRO A C   1 
ATOM   720 O O   . PRO A 1 92  ? -1.630  -12.711 1.624   1.00 52.77 ? 419 PRO A O   1 
ATOM   721 C CB  . PRO A 1 92  ? -1.210  -12.898 4.477   1.00 51.88 ? 419 PRO A CB  1 
ATOM   722 C CG  . PRO A 1 92  ? -1.831  -11.559 4.635   1.00 50.61 ? 419 PRO A CG  1 
ATOM   723 C CD  . PRO A 1 92  ? -0.730  -10.547 4.449   1.00 50.55 ? 419 PRO A CD  1 
ATOM   724 N N   . LEU A 1 93  ? 0.365   -13.708 1.307   1.00 57.71 ? 420 LEU A N   1 
ATOM   725 C CA  . LEU A 1 93  ? 0.113   -14.151 -0.055  1.00 59.65 ? 420 LEU A CA  1 
ATOM   726 C C   . LEU A 1 93  ? 0.159   -15.672 -0.119  1.00 61.17 ? 420 LEU A C   1 
ATOM   727 O O   . LEU A 1 93  ? 0.655   -16.339 0.792   1.00 64.54 ? 420 LEU A O   1 
ATOM   728 C CB  . LEU A 1 93  ? 1.143   -13.549 -1.014  1.00 61.43 ? 420 LEU A CB  1 
ATOM   729 C CG  . LEU A 1 93  ? 1.311   -12.038 -0.898  1.00 60.11 ? 420 LEU A CG  1 
ATOM   730 C CD1 . LEU A 1 93  ? 2.499   -11.581 -1.717  1.00 62.46 ? 420 LEU A CD1 1 
ATOM   731 C CD2 . LEU A 1 93  ? 0.038   -11.344 -1.352  1.00 60.40 ? 420 LEU A CD2 1 
ATOM   732 N N   . GLU A 1 94  ? -0.349  -16.217 -1.226  1.00 67.19 ? 421 GLU A N   1 
ATOM   733 C CA  . GLU A 1 94  ? -0.444  -17.670 -1.357  1.00 68.69 ? 421 GLU A CA  1 
ATOM   734 C C   . GLU A 1 94  ? 0.927   -18.332 -1.250  1.00 68.30 ? 421 GLU A C   1 
ATOM   735 O O   . GLU A 1 94  ? 1.054   -19.421 -0.678  1.00 66.81 ? 421 GLU A O   1 
ATOM   736 C CB  . GLU A 1 94  ? -1.126  -18.042 -2.680  1.00 68.84 ? 421 GLU A CB  1 
ATOM   737 C CG  . GLU A 1 94  ? -0.374  -17.626 -3.947  1.00 70.36 ? 421 GLU A CG  1 
ATOM   738 C CD  . GLU A 1 94  ? -0.572  -16.163 -4.305  1.00 72.30 ? 421 GLU A CD  1 
ATOM   739 O OE1 . GLU A 1 94  ? -0.277  -15.790 -5.461  1.00 73.09 ? 421 GLU A OE1 1 
ATOM   740 O OE2 . GLU A 1 94  ? -1.025  -15.388 -3.433  1.00 72.61 ? 421 GLU A OE2 1 
ATOM   741 N N   . CYS A 1 95  ? 1.968   -17.681 -1.770  1.00 68.42 ? 422 CYS A N   1 
ATOM   742 C CA  . CYS A 1 95  ? 3.301   -18.267 -1.726  1.00 63.50 ? 422 CYS A CA  1 
ATOM   743 C C   . CYS A 1 95  ? 3.937   -18.221 -0.338  1.00 67.07 ? 422 CYS A C   1 
ATOM   744 O O   . CYS A 1 95  ? 5.070   -18.694 -0.188  1.00 64.67 ? 422 CYS A O   1 
ATOM   745 C CB  . CYS A 1 95  ? 4.201   -17.578 -2.750  1.00 63.08 ? 422 CYS A CB  1 
ATOM   746 S SG  . CYS A 1 95  ? 3.823   -15.836 -3.048  1.00 73.64 ? 422 CYS A SG  1 
ATOM   747 N N   . GLY A 1 96  ? 3.252   -17.667 0.659   1.00 64.42 ? 423 GLY A N   1 
ATOM   748 C CA  . GLY A 1 96  ? 3.700   -17.786 2.040   1.00 66.16 ? 423 GLY A CA  1 
ATOM   749 C C   . GLY A 1 96  ? 5.122   -17.310 2.262   1.00 69.52 ? 423 GLY A C   1 
ATOM   750 O O   . GLY A 1 96  ? 5.520   -16.226 1.816   1.00 69.72 ? 423 GLY A O   1 
ATOM   751 N N   . ALA A 1 97  ? 5.906   -18.140 2.957   1.00 69.27 ? 424 ALA A N   1 
ATOM   752 C CA  . ALA A 1 97  ? 7.291   -17.807 3.274   1.00 68.35 ? 424 ALA A CA  1 
ATOM   753 C C   . ALA A 1 97  ? 8.182   -17.722 2.042   1.00 68.56 ? 424 ALA A C   1 
ATOM   754 O O   . ALA A 1 97  ? 9.284   -17.169 2.138   1.00 68.40 ? 424 ALA A O   1 
ATOM   755 C CB  . ALA A 1 97  ? 7.869   -18.829 4.256   1.00 62.23 ? 424 ALA A CB  1 
ATOM   756 N N   . ALA A 1 98  ? 7.737   -18.244 0.896   1.00 68.57 ? 425 ALA A N   1 
ATOM   757 C CA  . ALA A 1 98  ? 8.546   -18.174 -0.316  1.00 63.38 ? 425 ALA A CA  1 
ATOM   758 C C   . ALA A 1 98  ? 8.577   -16.775 -0.916  1.00 65.33 ? 425 ALA A C   1 
ATOM   759 O O   . ALA A 1 98  ? 9.517   -16.448 -1.649  1.00 65.28 ? 425 ALA A O   1 
ATOM   760 C CB  . ALA A 1 98  ? 8.029   -19.168 -1.358  1.00 61.75 ? 425 ALA A CB  1 
ATOM   761 N N   . CYS A 1 99  ? 7.571   -15.949 -0.630  1.00 66.93 ? 426 CYS A N   1 
ATOM   762 C CA  . CYS A 1 99  ? 7.493   -14.581 -1.135  1.00 63.19 ? 426 CYS A CA  1 
ATOM   763 C C   . CYS A 1 99  ? 7.306   -13.620 0.042   1.00 62.56 ? 426 CYS A C   1 
ATOM   764 O O   . CYS A 1 99  ? 6.361   -12.835 0.103   1.00 63.13 ? 426 CYS A O   1 
ATOM   765 C CB  . CYS A 1 99  ? 6.369   -14.441 -2.152  1.00 59.85 ? 426 CYS A CB  1 
ATOM   766 S SG  . CYS A 1 99  ? 4.740   -14.895 -1.497  1.00 70.92 ? 426 CYS A SG  1 
ATOM   767 N N   . ASP A 1 100 ? 8.227   -13.695 0.996   1.00 61.14 ? 427 ASP A N   1 
ATOM   768 C CA  . ASP A 1 100 ? 8.195   -12.810 2.153   1.00 61.93 ? 427 ASP A CA  1 
ATOM   769 C C   . ASP A 1 100 ? 8.385   -11.365 1.709   1.00 61.12 ? 427 ASP A C   1 
ATOM   770 O O   . ASP A 1 100 ? 9.429   -11.009 1.149   1.00 59.66 ? 427 ASP A O   1 
ATOM   771 C CB  . ASP A 1 100 ? 9.284   -13.214 3.146   1.00 57.53 ? 427 ASP A CB  1 
ATOM   772 C CG  . ASP A 1 100 ? 9.322   -12.321 4.370   1.00 66.95 ? 427 ASP A CG  1 
ATOM   773 O OD1 . ASP A 1 100 ? 8.728   -12.704 5.403   1.00 69.56 ? 427 ASP A OD1 1 
ATOM   774 O OD2 . ASP A 1 100 ? 9.943   -11.234 4.300   1.00 62.10 ? 427 ASP A OD2 1 
ATOM   775 N N   . VAL A 1 101 ? 7.375   -10.531 1.944   1.00 54.13 ? 428 VAL A N   1 
ATOM   776 C CA  . VAL A 1 101 ? 7.451   -9.116  1.603   1.00 52.01 ? 428 VAL A CA  1 
ATOM   777 C C   . VAL A 1 101 ? 6.926   -8.306  2.777   1.00 47.73 ? 428 VAL A C   1 
ATOM   778 O O   . VAL A 1 101 ? 5.756   -8.432  3.156   1.00 45.59 ? 428 VAL A O   1 
ATOM   779 C CB  . VAL A 1 101 ? 6.684   -8.775  0.311   1.00 49.62 ? 428 VAL A CB  1 
ATOM   780 C CG1 . VAL A 1 101 ? 5.313   -9.425  0.291   1.00 50.29 ? 428 VAL A CG1 1 
ATOM   781 C CG2 . VAL A 1 101 ? 6.564   -7.273  0.160   1.00 51.36 ? 428 VAL A CG2 1 
ATOM   782 N N   . ARG A 1 102 ? 7.797   -7.493  3.360   1.00 47.63 ? 429 ARG A N   1 
ATOM   783 C CA  . ARG A 1 102 ? 7.421   -6.511  4.360   1.00 49.65 ? 429 ARG A CA  1 
ATOM   784 C C   . ARG A 1 102 ? 7.655   -5.120  3.789   1.00 46.09 ? 429 ARG A C   1 
ATOM   785 O O   . ARG A 1 102 ? 8.553   -4.918  2.965   1.00 43.11 ? 429 ARG A O   1 
ATOM   786 C CB  . ARG A 1 102 ? 8.228   -6.691  5.648   1.00 46.31 ? 429 ARG A CB  1 
ATOM   787 C CG  . ARG A 1 102 ? 8.181   -8.095  6.222   1.00 54.78 ? 429 ARG A CG  1 
ATOM   788 C CD  . ARG A 1 102 ? 9.138   -8.249  7.392   1.00 54.74 ? 429 ARG A CD  1 
ATOM   789 N NE  . ARG A 1 102 ? 9.196   -9.627  7.862   1.00 65.20 ? 429 ARG A NE  1 
ATOM   790 N N   . LEU A 1 103 ? 6.838   -4.166  4.222   1.00 43.85 ? 430 LEU A N   1 
ATOM   791 C CA  . LEU A 1 103 ? 7.027   -2.782  3.809   1.00 44.77 ? 430 LEU A CA  1 
ATOM   792 C C   . LEU A 1 103 ? 8.328   -2.241  4.389   1.00 48.67 ? 430 LEU A C   1 
ATOM   793 O O   . LEU A 1 103 ? 8.615   -2.419  5.577   1.00 50.05 ? 430 LEU A O   1 
ATOM   794 C CB  . LEU A 1 103 ? 5.846   -1.921  4.264   1.00 44.28 ? 430 LEU A CB  1 
ATOM   795 C CG  . LEU A 1 103 ? 4.478   -2.345  3.730   1.00 45.62 ? 430 LEU A CG  1 
ATOM   796 C CD1 . LEU A 1 103 ? 3.399   -1.366  4.168   1.00 42.89 ? 430 LEU A CD1 1 
ATOM   797 C CD2 . LEU A 1 103 ? 4.516   -2.467  2.222   1.00 35.57 ? 430 LEU A CD2 1 
ATOM   798 N N   . SER A 1 104 ? 9.127   -1.595  3.545   1.00 42.06 ? 431 SER A N   1 
ATOM   799 C CA  . SER A 1 104 ? 10.356  -0.973  4.010   1.00 46.36 ? 431 SER A CA  1 
ATOM   800 C C   . SER A 1 104 ? 10.164  0.536   4.057   1.00 47.00 ? 431 SER A C   1 
ATOM   801 O O   . SER A 1 104 ? 9.400   1.045   4.884   1.00 58.21 ? 431 SER A O   1 
ATOM   802 C CB  . SER A 1 104 ? 11.530  -1.345  3.104   1.00 48.25 ? 431 SER A CB  1 
ATOM   803 O OG  . SER A 1 104 ? 11.436  -0.660  1.865   1.00 50.93 ? 431 SER A OG  1 
ATOM   804 N N   . GLY A 1 105 ? 10.839  1.259   3.173   1.00 43.95 ? 432 GLY A N   1 
ATOM   805 C CA  . GLY A 1 105 ? 10.683  2.692   3.094   1.00 43.30 ? 432 GLY A CA  1 
ATOM   806 C C   . GLY A 1 105 ? 9.469   3.078   2.274   1.00 39.72 ? 432 GLY A C   1 
ATOM   807 O O   . GLY A 1 105 ? 8.673   2.245   1.844   1.00 37.99 ? 432 GLY A O   1 
ATOM   808 N N   . TYR A 1 106 ? 9.326   4.380   2.062   1.00 39.56 ? 433 TYR A N   1 
ATOM   809 C CA  . TYR A 1 106 ? 8.212   4.896   1.289   1.00 40.28 ? 433 TYR A CA  1 
ATOM   810 C C   . TYR A 1 106 ? 8.708   5.979   0.341   1.00 37.75 ? 433 TYR A C   1 
ATOM   811 O O   . TYR A 1 106 ? 9.754   6.595   0.554   1.00 34.10 ? 433 TYR A O   1 
ATOM   812 C CB  . TYR A 1 106 ? 7.100   5.434   2.197   1.00 35.29 ? 433 TYR A CB  1 
ATOM   813 C CG  . TYR A 1 106 ? 7.575   6.422   3.231   1.00 41.48 ? 433 TYR A CG  1 
ATOM   814 C CD1 . TYR A 1 106 ? 7.698   7.775   2.932   1.00 41.00 ? 433 TYR A CD1 1 
ATOM   815 C CD2 . TYR A 1 106 ? 7.883   6.002   4.518   1.00 43.21 ? 433 TYR A CD2 1 
ATOM   816 C CE1 . TYR A 1 106 ? 8.128   8.678   3.886   1.00 42.56 ? 433 TYR A CE1 1 
ATOM   817 C CE2 . TYR A 1 106 ? 8.307   6.894   5.476   1.00 40.76 ? 433 TYR A CE2 1 
ATOM   818 C CZ  . TYR A 1 106 ? 8.432   8.228   5.156   1.00 46.58 ? 433 TYR A CZ  1 
ATOM   819 O OH  . TYR A 1 106 ? 8.859   9.100   6.127   1.00 51.60 ? 433 TYR A OH  1 
ATOM   820 N N   . VAL A 1 107 ? 7.949   6.181   -0.730  1.00 38.70 ? 434 VAL A N   1 
ATOM   821 C CA  . VAL A 1 107 ? 8.230   7.255   -1.677  1.00 36.80 ? 434 VAL A CA  1 
ATOM   822 C C   . VAL A 1 107 ? 7.623   8.534   -1.126  1.00 37.50 ? 434 VAL A C   1 
ATOM   823 O O   . VAL A 1 107 ? 6.414   8.597   -0.877  1.00 39.81 ? 434 VAL A O   1 
ATOM   824 C CB  . VAL A 1 107 ? 7.655   6.934   -3.065  1.00 39.60 ? 434 VAL A CB  1 
ATOM   825 C CG1 . VAL A 1 107 ? 7.884   8.115   -4.015  1.00 38.70 ? 434 VAL A CG1 1 
ATOM   826 C CG2 . VAL A 1 107 ? 8.257   5.642   -3.626  1.00 37.03 ? 434 VAL A CG2 1 
ATOM   827 N N   . VAL A 1 108 ? 8.449   9.561   -0.935  1.00 39.11 ? 435 VAL A N   1 
ATOM   828 C CA  . VAL A 1 108 ? 7.929   10.816  -0.401  1.00 47.37 ? 435 VAL A CA  1 
ATOM   829 C C   . VAL A 1 108 ? 7.158   11.545  -1.491  1.00 47.71 ? 435 VAL A C   1 
ATOM   830 O O   . VAL A 1 108 ? 7.605   11.627  -2.642  1.00 47.19 ? 435 VAL A O   1 
ATOM   831 C CB  . VAL A 1 108 ? 9.061   11.691  0.165   1.00 49.93 ? 435 VAL A CB  1 
ATOM   832 C CG1 . VAL A 1 108 ? 8.487   12.961  0.772   1.00 46.16 ? 435 VAL A CG1 1 
ATOM   833 C CG2 . VAL A 1 108 ? 9.868   10.926  1.212   1.00 44.70 ? 435 VAL A CG2 1 
ATOM   834 N N   . VAL A 1 109 ? 5.981   12.069  -1.131  1.00 46.70 ? 436 VAL A N   1 
ATOM   835 C CA  . VAL A 1 109 ? 5.121   12.728  -2.107  1.00 50.85 ? 436 VAL A CA  1 
ATOM   836 C C   . VAL A 1 109 ? 5.853   13.913  -2.726  1.00 58.99 ? 436 VAL A C   1 
ATOM   837 O O   . VAL A 1 109 ? 6.637   14.606  -2.064  1.00 60.45 ? 436 VAL A O   1 
ATOM   838 C CB  . VAL A 1 109 ? 3.793   13.152  -1.455  1.00 46.28 ? 436 VAL A CB  1 
ATOM   839 C CG1 . VAL A 1 109 ? 3.980   14.381  -0.570  1.00 51.10 ? 436 VAL A CG1 1 
ATOM   840 C CG2 . VAL A 1 109 ? 2.733   13.415  -2.517  1.00 51.34 ? 436 VAL A CG2 1 
ATOM   841 N N   . LEU A 1 110 ? 5.612   14.137  -4.021  1.00 58.24 ? 437 LEU A N   1 
ATOM   842 C CA  . LEU A 1 110 ? 6.349   15.137  -4.797  1.00 66.58 ? 437 LEU A CA  1 
ATOM   843 C C   . LEU A 1 110 ? 5.742   16.522  -4.560  1.00 69.06 ? 437 LEU A C   1 
ATOM   844 O O   . LEU A 1 110 ? 5.194   17.167  -5.456  1.00 78.30 ? 437 LEU A O   1 
ATOM   845 C CB  . LEU A 1 110 ? 6.344   14.773  -6.279  1.00 67.92 ? 437 LEU A CB  1 
ATOM   846 C CG  . LEU A 1 110 ? 6.628   13.314  -6.664  1.00 67.19 ? 437 LEU A CG  1 
ATOM   847 C CD1 . LEU A 1 110 ? 6.428   13.090  -8.161  1.00 69.55 ? 437 LEU A CD1 1 
ATOM   848 C CD2 . LEU A 1 110 ? 8.023   12.869  -6.231  1.00 65.60 ? 437 LEU A CD2 1 
ATOM   849 N N   . SER A 1 111 ? 5.846   16.974  -3.312  1.00 70.05 ? 438 SER A N   1 
ATOM   850 C CA  . SER A 1 111 ? 5.323   18.283  -2.924  1.00 74.08 ? 438 SER A CA  1 
ATOM   851 C C   . SER A 1 111 ? 6.451   19.224  -2.509  1.00 79.15 ? 438 SER A C   1 
ATOM   852 O O   . SER A 1 111 ? 7.622   18.838  -2.495  1.00 80.80 ? 438 SER A O   1 
ATOM   853 C CB  . SER A 1 111 ? 4.305   18.141  -1.796  1.00 69.04 ? 438 SER A CB  1 
ATOM   854 N N   . LYS B 2 1   ? -5.185  -7.542  -11.376 1.00 56.95 ? 453 LYS C N   1 
ATOM   855 C CA  . LYS B 2 1   ? -5.125  -6.062  -11.303 1.00 56.59 ? 453 LYS C CA  1 
ATOM   856 C C   . LYS B 2 1   ? -4.853  -5.641  -9.853  1.00 58.38 ? 453 LYS C C   1 
ATOM   857 O O   . LYS B 2 1   ? -3.853  -4.964  -9.615  1.00 55.43 ? 453 LYS C O   1 
ATOM   858 C CB  . LYS B 2 1   ? -6.415  -5.461  -11.866 1.00 53.24 ? 453 LYS C CB  1 
ATOM   859 C CG  . LYS B 2 1   ? -6.379  -3.967  -12.148 1.00 58.08 ? 453 LYS C CG  1 
ATOM   860 C CD  . LYS B 2 1   ? -7.691  -3.420  -12.663 1.00 61.99 ? 453 LYS C CD  1 
HETATM 861 N N   . PTR B 2 2   ? -5.720  -6.047  -8.930  1.00 54.36 ? 454 PTR C N   1 
HETATM 862 C CA  . PTR B 2 2   ? -5.515  -5.797  -7.485  1.00 53.52 ? 454 PTR C CA  1 
HETATM 863 C C   . PTR B 2 2   ? -5.207  -7.108  -6.762  1.00 56.27 ? 454 PTR C C   1 
HETATM 864 O O   . PTR B 2 2   ? -5.761  -8.153  -7.124  1.00 58.97 ? 454 PTR C O   1 
HETATM 865 C CB  . PTR B 2 2   ? -6.721  -5.092  -6.877  1.00 50.39 ? 454 PTR C CB  1 
HETATM 866 C CG  . PTR B 2 2   ? -6.864  -3.627  -7.193  1.00 50.94 ? 454 PTR C CG  1 
HETATM 867 C CD1 . PTR B 2 2   ? -7.804  -3.183  -8.107  1.00 57.49 ? 454 PTR C CD1 1 
HETATM 868 C CD2 . PTR B 2 2   ? -6.068  -2.688  -6.563  1.00 54.20 ? 454 PTR C CD2 1 
HETATM 869 C CE1 . PTR B 2 2   ? -7.959  -1.838  -8.390  1.00 59.25 ? 454 PTR C CE1 1 
HETATM 870 C CE2 . PTR B 2 2   ? -6.197  -1.337  -6.827  1.00 53.85 ? 454 PTR C CE2 1 
HETATM 871 C CZ  . PTR B 2 2   ? -7.146  -0.927  -7.742  1.00 62.67 ? 454 PTR C CZ  1 
HETATM 872 O OH  . PTR B 2 2   ? -7.282  0.433   -8.005  1.00 63.16 ? 454 PTR C OH  1 
HETATM 873 P P   . PTR B 2 2   ? -6.638  1.182   -9.226  1.00 54.79 ? 454 PTR C P   1 
HETATM 874 O O1P . PTR B 2 2   ? -6.764  2.647   -8.973  1.00 57.58 ? 454 PTR C O1P 1 
HETATM 875 O O2P . PTR B 2 2   ? -5.198  0.811   -9.342  1.00 55.15 ? 454 PTR C O2P 1 
HETATM 876 O O3P . PTR B 2 2   ? -7.349  0.824   -10.490 1.00 65.11 ? 454 PTR C O3P 1 
ATOM   877 N N   . LEU B 2 3   ? -4.336  -7.026  -5.759  1.00 53.45 ? 455 LEU C N   1 
ATOM   878 C CA  . LEU B 2 3   ? -3.726  -8.195  -5.085  1.00 51.79 ? 455 LEU C CA  1 
ATOM   879 C C   . LEU B 2 3   ? -4.716  -8.780  -4.079  1.00 58.39 ? 455 LEU C C   1 
ATOM   880 O O   . LEU B 2 3   ? -5.358  -8.019  -3.355  1.00 56.36 ? 455 LEU C O   1 
ATOM   881 C CB  . LEU B 2 3   ? -2.451  -7.729  -4.385  1.00 52.30 ? 455 LEU C CB  1 
ATOM   882 C CG  . LEU B 2 3   ? -1.597  -8.804  -3.724  1.00 59.05 ? 455 LEU C CG  1 
ATOM   883 C CD1 . LEU B 2 3   ? -1.020  -9.742  -4.770  1.00 59.77 ? 455 LEU C CD1 1 
ATOM   884 C CD2 . LEU B 2 3   ? -0.481  -8.159  -2.922  1.00 51.07 ? 455 LEU C CD2 1 
ATOM   885 N N   . TYR B 2 4   ? -4.810  -10.106 -4.056  0.89 59.34 ? 456 TYR C N   1 
ATOM   886 C CA  . TYR B 2 4   ? -5.707  -10.835 -3.133  0.89 56.55 ? 456 TYR C CA  1 
ATOM   887 C C   . TYR B 2 4   ? -4.887  -11.429 -1.991  0.89 58.32 ? 456 TYR C C   1 
ATOM   888 O O   . TYR B 2 4   ? -3.915  -12.150 -2.248  0.89 58.65 ? 456 TYR C O   1 
ATOM   889 C CB  . TYR B 2 4   ? -6.463  -11.917 -3.900  0.89 59.78 ? 456 TYR C CB  1 
ATOM   890 C CG  . TYR B 2 4   ? -7.324  -11.384 -5.016  0.89 68.98 ? 456 TYR C CG  1 
ATOM   891 C CD1 . TYR B 2 4   ? -8.270  -10.403 -4.778  0.89 70.51 ? 456 TYR C CD1 1 
ATOM   892 C CD2 . TYR B 2 4   ? -7.196  -11.860 -6.310  0.89 69.77 ? 456 TYR C CD2 1 
ATOM   893 C CE1 . TYR B 2 4   ? -9.065  -9.903  -5.795  0.89 69.17 ? 456 TYR C CE1 1 
ATOM   894 C CE2 . TYR B 2 4   ? -7.984  -11.372 -7.339  0.89 70.26 ? 456 TYR C CE2 1 
ATOM   895 C CZ  . TYR B 2 4   ? -8.923  -10.392 -7.079  0.89 74.15 ? 456 TYR C CZ  1 
ATOM   896 O OH  . TYR B 2 4   ? -9.704  -9.907  -8.088  0.89 81.54 ? 456 TYR C OH  1 
ATOM   897 N N   . LEU B 2 5   ? -5.287  -11.120 -0.762  1.00 54.38 ? 457 LEU C N   1 
ATOM   898 C CA  . LEU B 2 5   ? -4.679  -11.727 0.409   1.00 55.04 ? 457 LEU C CA  1 
ATOM   899 C C   . LEU B 2 5   ? -5.318  -13.084 0.674   1.00 57.55 ? 457 LEU C C   1 
ATOM   900 O O   . LEU B 2 5   ? -6.473  -13.327 0.318   1.00 59.08 ? 457 LEU C O   1 
ATOM   901 C CB  . LEU B 2 5   ? -4.831  -10.821 1.634   1.00 53.09 ? 457 LEU C CB  1 
ATOM   902 C CG  . LEU B 2 5   ? -4.274  -9.409  1.455   1.00 50.41 ? 457 LEU C CG  1 
ATOM   903 C CD1 . LEU B 2 5   ? -4.230  -8.664  2.773   1.00 50.33 ? 457 LEU C CD1 1 
ATOM   904 C CD2 . LEU B 2 5   ? -2.895  -9.461  0.818   1.00 51.87 ? 457 LEU C CD2 1 
ATOM   905 N N   . VAL B 2 6   ? -4.548  -13.980 1.284   1.00 60.61 ? 458 VAL C N   1 
ATOM   906 C CA  . VAL B 2 6   ? -5.018  -15.325 1.583   1.00 62.99 ? 458 VAL C CA  1 
ATOM   907 C C   . VAL B 2 6   ? -4.851  -15.580 3.072   1.00 62.69 ? 458 VAL C C   1 
ATOM   908 O O   . VAL B 2 6   ? -3.898  -15.100 3.696   1.00 67.13 ? 458 VAL C O   1 
ATOM   909 C CB  . VAL B 2 6   ? -4.281  -16.403 0.754   1.00 64.92 ? 458 VAL C CB  1 
ATOM   910 C CG1 . VAL B 2 6   ? -4.075  -15.930 -0.677  1.00 64.02 ? 458 VAL C CG1 1 
ATOM   911 C CG2 . VAL B 2 6   ? -2.959  -16.799 1.401   1.00 66.55 ? 458 VAL C CG2 1 
ATOM   912 N N   . VAL B 2 7   ? -5.795  -16.315 3.640   1.00 66.18 ? 459 VAL C N   1 
ATOM   913 C CA  . VAL B 2 7   ? -5.719  -16.783 5.017   1.00 65.10 ? 459 VAL C CA  1 
ATOM   914 C C   . VAL B 2 7   ? -5.299  -18.243 4.998   1.00 65.58 ? 459 VAL C C   1 
ATOM   915 O O   . VAL B 2 7   ? -5.824  -19.035 4.204   1.00 64.96 ? 459 VAL C O   1 
ATOM   916 C CB  . VAL B 2 7   ? -7.068  -16.607 5.737   1.00 61.96 ? 459 VAL C CB  1 
ATOM   917 C CG1 . VAL B 2 7   ? -6.865  -16.601 7.238   1.00 67.21 ? 459 VAL C CG1 1 
ATOM   918 C CG2 . VAL B 2 7   ? -7.753  -15.336 5.270   1.00 61.82 ? 459 VAL C CG2 1 
ATOM   919 N N   . SER B 2 8   ? -4.351  -18.591 5.870   1.00 70.83 ? 460 SER C N   1 
ATOM   920 C CA  . SER B 2 8   ? -3.806  -19.948 6.060   1.00 72.60 ? 460 SER C CA  1 
ATOM   921 C C   . SER B 2 8   ? -4.579  -21.093 5.410   1.00 66.64 ? 460 SER C C   1 
ATOM   922 O O   . SER B 2 8   ? -5.089  -21.971 6.104   1.00 64.02 ? 460 SER C O   1 
ATOM   923 C CB  . SER B 2 8   ? -3.693  -20.248 7.557   1.00 64.67 ? 460 SER C CB  1 
HETATM 924 O O   . HOH C 3 .   ? 2.841   -7.689  -11.136 1.00 61.92 ? 501 HOH A O   1 
HETATM 925 O O   . HOH C 3 .   ? 1.828   -10.692 -10.935 1.00 62.11 ? 502 HOH A O   1 
HETATM 926 O O   . HOH C 3 .   ? 4.474   -12.007 2.022   1.00 60.43 ? 503 HOH A O   1 
HETATM 927 O O   . HOH C 3 .   ? -3.466  4.362   -14.381 1.00 55.31 ? 504 HOH A O   1 
HETATM 928 O O   . HOH C 3 .   ? 11.602  -2.462  -11.022 1.00 47.69 ? 505 HOH A O   1 
HETATM 929 O O   . HOH C 3 .   ? 11.437  2.533   -6.387  1.00 42.05 ? 506 HOH A O   1 
HETATM 930 O O   . HOH C 3 .   ? 10.885  6.581   -6.312  1.00 48.89 ? 507 HOH A O   1 
HETATM 931 O O   . HOH C 3 .   ? -6.246  5.912   8.802   1.00 56.83 ? 508 HOH A O   1 
HETATM 932 O O   . HOH C 3 .   ? 1.098   -1.721  -12.021 1.00 45.15 ? 509 HOH A O   1 
HETATM 933 O O   . HOH C 3 .   ? 17.655  -2.780  -8.000  1.00 55.50 ? 510 HOH A O   1 
HETATM 934 O O   . HOH C 3 .   ? 3.633   12.402  -5.973  1.00 50.58 ? 511 HOH A O   1 
HETATM 935 O O   . HOH D 3 .   ? -6.700  -5.915  -3.232  1.00 52.72 ? 501 HOH C O   1 
HETATM 936 O O   . HOH D 3 .   ? -1.657  -5.687  -7.993  1.00 47.56 ? 502 HOH C O   1 
# 
